data_4MEC
#
_entry.id   4MEC
#
_cell.length_a   40.059
_cell.length_b   73.167
_cell.length_c   148.757
_cell.angle_alpha   86.41
_cell.angle_beta   87.62
_cell.angle_gamma   86.25
#
_symmetry.space_group_name_H-M   'P 1'
#
loop_
_entity.id
_entity.type
_entity.pdbx_description
1 polymer 'Heme oxygenase 1'
2 non-polymer 'PROTOPORPHYRIN IX CONTAINING ZN'
#
_entity_poly.entity_id   1
_entity_poly.type   'polypeptide(L)'
_entity_poly.pdbx_seq_one_letter_code
;MERPQLDSMSQDLSEALKEATKEVHIRAENSEFMRNFQKGQVSREGFKLVMASLYHIYTALEEEIERNKQNPVYAPLYFP
EELHRRAALEQDMAFWYGPHWQEAIPYTPATQHYVKRLHEVGGTHPELLVAHAYTRYLGDLSGGQVLKKIAQKAMALPSS
GEGLAFFTFPSIDNPTKFKQLYRARMNTLEMTPEVKHRVTEEAKTAFLLNIELFEELQALLTEEHKDQSPSQ
;
_entity_poly.pdbx_strand_id   A,B,C,D,E,F,G
#
# COMPACT_ATOMS: atom_id res chain seq x y z
N SER A 10 89.21 16.09 -19.16
CA SER A 10 88.31 14.95 -19.54
C SER A 10 87.94 15.02 -21.02
N GLN A 11 87.11 14.08 -21.47
CA GLN A 11 86.68 14.02 -22.87
C GLN A 11 85.96 15.31 -23.28
N ASP A 12 84.80 15.57 -22.67
CA ASP A 12 84.02 16.77 -22.96
C ASP A 12 84.82 18.05 -22.67
N LEU A 13 84.72 19.04 -23.54
CA LEU A 13 85.47 20.29 -23.39
C LEU A 13 85.06 21.05 -22.13
N SER A 14 83.78 21.00 -21.83
CA SER A 14 83.23 21.62 -20.62
C SER A 14 83.83 20.97 -19.39
N GLU A 15 83.92 19.64 -19.41
CA GLU A 15 84.49 18.88 -18.31
C GLU A 15 86.01 19.07 -18.25
N ALA A 16 86.61 19.32 -19.42
CA ALA A 16 88.05 19.52 -19.54
C ALA A 16 88.51 20.87 -19.01
N LEU A 17 87.74 21.92 -19.32
CA LEU A 17 88.03 23.28 -18.89
C LEU A 17 87.85 23.43 -17.39
N LYS A 18 86.90 22.69 -16.84
CA LYS A 18 86.60 22.73 -15.41
C LYS A 18 87.76 22.18 -14.60
N GLU A 19 88.31 21.06 -15.04
CA GLU A 19 89.40 20.40 -14.30
C GLU A 19 90.71 21.16 -14.46
N ALA A 20 90.91 21.76 -15.62
CA ALA A 20 92.08 22.58 -15.88
C ALA A 20 92.06 23.90 -15.10
N THR A 21 90.88 24.48 -14.94
CA THR A 21 90.71 25.73 -14.19
C THR A 21 90.25 25.49 -12.74
N LYS A 22 90.69 24.39 -12.14
CA LYS A 22 90.42 24.12 -10.74
C LYS A 22 91.25 25.02 -9.84
N GLU A 23 92.55 25.07 -10.15
CA GLU A 23 93.53 25.74 -9.29
C GLU A 23 93.41 27.25 -9.34
N VAL A 24 93.32 27.78 -10.56
CA VAL A 24 93.30 29.22 -10.80
C VAL A 24 92.03 29.88 -10.29
N HIS A 25 90.94 29.11 -10.27
CA HIS A 25 89.65 29.57 -9.75
C HIS A 25 89.71 29.71 -8.26
N ILE A 26 90.38 28.77 -7.61
CA ILE A 26 90.56 28.80 -6.16
C ILE A 26 91.39 30.01 -5.77
N ARG A 27 92.36 30.36 -6.62
CA ARG A 27 93.19 31.54 -6.43
C ARG A 27 92.39 32.80 -6.63
N ALA A 28 91.48 32.75 -7.59
CA ALA A 28 90.66 33.90 -8.01
C ALA A 28 89.73 34.33 -6.89
N GLU A 29 89.08 33.35 -6.26
CA GLU A 29 88.13 33.62 -5.18
C GLU A 29 88.78 33.72 -3.80
N ASN A 30 90.10 33.49 -3.74
CA ASN A 30 90.89 33.72 -2.53
C ASN A 30 91.85 34.90 -2.66
N SER A 31 91.79 35.59 -3.80
CA SER A 31 92.62 36.79 -3.99
C SER A 31 92.10 37.89 -3.11
N GLU A 32 93.03 38.71 -2.62
CA GLU A 32 92.78 39.80 -1.67
C GLU A 32 91.41 40.45 -1.78
N PHE A 33 91.11 40.97 -2.98
CA PHE A 33 89.93 41.79 -3.19
C PHE A 33 88.61 41.03 -3.18
N MET A 34 88.59 39.88 -3.84
CA MET A 34 87.40 39.02 -3.87
C MET A 34 87.12 38.42 -2.50
N ARG A 35 88.18 38.26 -1.73
CA ARG A 35 88.12 37.66 -0.40
C ARG A 35 87.31 38.51 0.56
N ASN A 36 87.46 39.83 0.48
CA ASN A 36 86.66 40.78 1.26
C ASN A 36 85.26 40.88 0.69
N PHE A 37 85.21 41.06 -0.63
CA PHE A 37 83.97 41.16 -1.38
C PHE A 37 83.02 40.07 -0.88
N GLN A 38 83.53 38.83 -0.83
CA GLN A 38 82.78 37.66 -0.37
C GLN A 38 81.94 37.95 0.87
N LYS A 39 82.59 38.48 1.89
CA LYS A 39 82.02 38.62 3.24
C LYS A 39 81.47 40.02 3.57
N GLY A 40 80.79 40.62 2.60
CA GLY A 40 80.09 41.89 2.80
C GLY A 40 81.02 43.08 2.91
N GLN A 41 82.27 42.87 2.50
CA GLN A 41 83.29 43.91 2.60
C GLN A 41 83.71 44.40 1.21
N VAL A 42 82.86 45.24 0.64
CA VAL A 42 83.12 45.83 -0.66
C VAL A 42 83.05 47.36 -0.58
N SER A 43 84.21 48.00 -0.66
CA SER A 43 84.27 49.45 -0.66
C SER A 43 83.68 49.96 -1.95
N ARG A 44 83.00 51.09 -1.90
CA ARG A 44 82.35 51.64 -3.08
C ARG A 44 83.36 52.15 -4.08
N GLU A 45 84.46 52.72 -3.59
CA GLU A 45 85.54 53.17 -4.46
C GLU A 45 86.21 51.97 -5.12
N GLY A 46 86.30 50.87 -4.37
CA GLY A 46 86.82 49.60 -4.87
C GLY A 46 85.87 48.97 -5.88
N PHE A 47 84.57 49.18 -5.65
CA PHE A 47 83.55 48.65 -6.55
C PHE A 47 83.49 49.42 -7.86
N LYS A 48 83.65 50.75 -7.74
CA LYS A 48 83.75 51.64 -8.89
C LYS A 48 84.92 51.23 -9.79
N LEU A 49 85.99 50.75 -9.16
CA LEU A 49 87.26 50.45 -9.82
C LEU A 49 87.17 49.19 -10.65
N VAL A 50 86.57 48.15 -10.07
CA VAL A 50 86.45 46.87 -10.76
C VAL A 50 85.49 46.95 -11.93
N MET A 51 84.37 47.65 -11.74
CA MET A 51 83.33 47.74 -12.77
C MET A 51 83.81 48.54 -13.97
N ALA A 52 84.63 49.55 -13.70
CA ALA A 52 85.23 50.37 -14.75
C ALA A 52 86.23 49.53 -15.53
N SER A 53 86.98 48.69 -14.82
CA SER A 53 87.92 47.76 -15.44
C SER A 53 87.19 46.70 -16.24
N LEU A 54 86.04 46.25 -15.72
CA LEU A 54 85.25 45.26 -16.42
C LEU A 54 84.58 45.80 -17.68
N TYR A 55 84.35 47.11 -17.71
CA TYR A 55 83.78 47.77 -18.88
C TYR A 55 84.68 47.58 -20.10
N HIS A 56 85.96 47.87 -19.92
CA HIS A 56 86.95 47.75 -20.97
C HIS A 56 87.13 46.35 -21.46
N ILE A 57 87.02 45.39 -20.55
CA ILE A 57 87.22 43.98 -20.87
C ILE A 57 86.09 43.45 -21.73
N TYR A 58 84.85 43.70 -21.29
CA TYR A 58 83.69 43.17 -21.97
C TYR A 58 83.45 43.88 -23.29
N THR A 59 83.82 45.17 -23.36
CA THR A 59 83.76 45.95 -24.59
C THR A 59 84.64 45.30 -25.65
N ALA A 60 85.88 45.03 -25.28
CA ALA A 60 86.84 44.38 -26.15
C ALA A 60 86.43 42.93 -26.47
N LEU A 61 86.05 42.18 -25.44
CA LEU A 61 85.70 40.77 -25.58
C LEU A 61 84.59 40.58 -26.57
N GLU A 62 83.49 41.29 -26.37
CA GLU A 62 82.30 41.17 -27.21
C GLU A 62 82.49 41.76 -28.61
N GLU A 63 83.40 42.71 -28.72
CA GLU A 63 83.82 43.27 -30.00
C GLU A 63 84.45 42.19 -30.88
N GLU A 64 85.24 41.33 -30.25
CA GLU A 64 85.89 40.22 -30.94
C GLU A 64 84.96 39.02 -31.10
N ILE A 65 83.96 38.90 -30.23
CA ILE A 65 82.94 37.86 -30.36
C ILE A 65 82.07 38.09 -31.59
N GLU A 66 81.68 39.34 -31.81
CA GLU A 66 80.86 39.76 -32.94
C GLU A 66 81.64 39.64 -34.23
N ARG A 67 82.95 39.84 -34.14
CA ARG A 67 83.83 39.77 -35.30
C ARG A 67 83.89 38.33 -35.80
N ASN A 68 83.91 37.40 -34.85
CA ASN A 68 83.97 35.98 -35.12
C ASN A 68 82.66 35.26 -34.80
N LYS A 69 81.54 35.96 -34.96
CA LYS A 69 80.22 35.38 -34.71
C LYS A 69 79.87 34.27 -35.71
N GLN A 70 80.31 34.45 -36.96
CA GLN A 70 80.17 33.43 -38.00
C GLN A 70 81.51 32.74 -38.29
N ASN A 71 81.91 31.92 -37.33
CA ASN A 71 83.12 31.12 -37.43
C ASN A 71 82.90 29.83 -36.64
N PRO A 72 83.08 28.66 -37.29
CA PRO A 72 82.72 27.39 -36.66
C PRO A 72 83.48 27.09 -35.36
N VAL A 73 84.56 27.83 -35.11
CA VAL A 73 85.36 27.68 -33.89
C VAL A 73 84.76 28.41 -32.67
N TYR A 74 83.72 29.20 -32.90
CA TYR A 74 83.06 29.97 -31.83
C TYR A 74 81.53 30.01 -31.94
N ALA A 75 81.01 29.96 -33.17
CA ALA A 75 79.59 30.18 -33.47
C ALA A 75 78.56 29.54 -32.52
N PRO A 76 78.78 28.27 -32.09
CA PRO A 76 77.84 27.65 -31.14
C PRO A 76 77.70 28.36 -29.81
N LEU A 77 78.68 29.20 -29.45
CA LEU A 77 78.67 29.95 -28.18
C LEU A 77 78.21 31.40 -28.33
N TYR A 78 77.58 31.72 -29.46
CA TYR A 78 77.14 33.08 -29.75
C TYR A 78 75.77 33.41 -29.16
N PHE A 79 75.78 34.19 -28.07
CA PHE A 79 74.55 34.58 -27.35
C PHE A 79 74.51 36.07 -27.05
N PRO A 80 74.11 36.88 -28.04
CA PRO A 80 74.12 38.34 -27.93
C PRO A 80 73.00 38.91 -27.07
N GLU A 81 71.82 38.30 -27.10
CA GLU A 81 70.68 38.73 -26.32
C GLU A 81 70.83 38.34 -24.86
N GLU A 82 71.37 37.15 -24.64
CA GLU A 82 71.43 36.53 -23.32
C GLU A 82 72.56 37.06 -22.47
N LEU A 83 73.77 37.06 -23.04
CA LEU A 83 75.01 37.17 -22.27
C LEU A 83 75.78 38.47 -22.45
N HIS A 84 75.65 39.08 -23.63
CA HIS A 84 76.42 40.29 -23.94
C HIS A 84 76.12 41.40 -22.98
N ARG A 85 77.19 41.97 -22.44
CA ARG A 85 77.15 42.76 -21.22
C ARG A 85 77.68 44.19 -21.37
N ARG A 86 78.09 44.57 -22.58
CA ARG A 86 78.53 45.94 -22.86
C ARG A 86 77.41 46.95 -22.59
N ALA A 87 76.19 46.58 -22.98
CA ALA A 87 74.99 47.36 -22.70
C ALA A 87 74.86 47.66 -21.21
N ALA A 88 74.92 46.60 -20.42
CA ALA A 88 74.70 46.69 -18.98
C ALA A 88 75.75 47.57 -18.31
N LEU A 89 76.99 47.40 -18.72
CA LEU A 89 78.12 48.13 -18.13
C LEU A 89 78.09 49.63 -18.45
N GLU A 90 77.60 49.96 -19.64
CA GLU A 90 77.42 51.35 -20.04
C GLU A 90 76.41 52.04 -19.12
N GLN A 91 75.37 51.30 -18.74
CA GLN A 91 74.32 51.81 -17.87
C GLN A 91 74.84 52.01 -16.46
N ASP A 92 75.77 51.14 -16.04
CA ASP A 92 76.34 51.19 -14.70
C ASP A 92 77.34 52.32 -14.55
N MET A 93 78.18 52.51 -15.56
CA MET A 93 79.15 53.61 -15.56
C MET A 93 78.46 54.97 -15.50
N ALA A 94 77.28 55.06 -16.10
CA ALA A 94 76.42 56.23 -16.04
C ALA A 94 75.97 56.50 -14.60
N PHE A 95 75.70 55.42 -13.87
CA PHE A 95 75.22 55.48 -12.49
C PHE A 95 76.34 55.83 -11.52
N TRP A 96 77.49 55.17 -11.69
CA TRP A 96 78.60 55.30 -10.76
C TRP A 96 79.46 56.50 -11.00
N TYR A 97 79.78 56.76 -12.26
CA TYR A 97 80.74 57.80 -12.62
C TYR A 97 80.08 59.10 -13.08
N GLY A 98 78.85 59.02 -13.55
CA GLY A 98 78.08 60.21 -13.96
C GLY A 98 77.78 60.32 -15.45
N PRO A 99 77.37 61.53 -15.89
CA PRO A 99 77.03 61.75 -17.29
C PRO A 99 78.25 61.63 -18.21
N HIS A 100 79.35 62.26 -17.79
CA HIS A 100 80.58 62.26 -18.58
C HIS A 100 81.52 61.21 -18.06
N TRP A 101 81.00 59.97 -18.00
CA TRP A 101 81.73 58.83 -17.43
C TRP A 101 82.81 58.30 -18.33
N GLN A 102 82.64 58.48 -19.65
CA GLN A 102 83.56 57.90 -20.61
C GLN A 102 84.98 58.41 -20.38
N GLU A 103 85.10 59.69 -20.01
CA GLU A 103 86.39 60.32 -19.76
C GLU A 103 86.83 60.17 -18.31
N ALA A 104 85.86 60.08 -17.40
CA ALA A 104 86.14 59.95 -15.97
C ALA A 104 86.70 58.56 -15.62
N ILE A 105 86.22 57.53 -16.30
CA ILE A 105 86.59 56.14 -16.01
C ILE A 105 88.08 55.88 -16.21
N PRO A 106 88.68 55.07 -15.32
CA PRO A 106 90.09 54.71 -15.47
C PRO A 106 90.34 53.48 -16.34
N TYR A 107 91.58 53.33 -16.77
CA TYR A 107 91.99 52.26 -17.66
C TYR A 107 93.35 51.74 -17.20
N THR A 108 93.33 50.93 -16.14
CA THR A 108 94.54 50.47 -15.44
C THR A 108 95.41 49.54 -16.30
N PRO A 109 96.74 49.53 -16.04
CA PRO A 109 97.70 48.68 -16.77
C PRO A 109 97.26 47.22 -16.89
N ALA A 110 96.71 46.68 -15.81
CA ALA A 110 96.25 45.30 -15.76
C ALA A 110 95.07 45.06 -16.69
N THR A 111 94.22 46.08 -16.79
CA THR A 111 93.07 46.07 -17.68
C THR A 111 93.53 46.14 -19.14
N GLN A 112 94.54 46.97 -19.40
CA GLN A 112 95.13 47.11 -20.74
C GLN A 112 95.72 45.79 -21.17
N HIS A 113 96.36 45.10 -20.23
CA HIS A 113 97.00 43.82 -20.48
C HIS A 113 95.96 42.78 -20.82
N TYR A 114 94.82 42.88 -20.15
CA TYR A 114 93.68 42.00 -20.40
C TYR A 114 93.08 42.27 -21.78
N VAL A 115 92.82 43.55 -22.05
CA VAL A 115 92.23 44.01 -23.31
C VAL A 115 93.11 43.66 -24.50
N LYS A 116 94.41 43.83 -24.33
CA LYS A 116 95.41 43.54 -25.36
C LYS A 116 95.36 42.08 -25.78
N ARG A 117 95.24 41.18 -24.81
CA ARG A 117 95.18 39.74 -25.04
C ARG A 117 93.87 39.30 -25.71
N LEU A 118 92.77 39.98 -25.36
CA LEU A 118 91.47 39.71 -25.97
C LEU A 118 91.45 40.06 -27.46
N HIS A 119 92.09 41.17 -27.80
CA HIS A 119 92.21 41.62 -29.18
C HIS A 119 93.17 40.76 -29.96
N GLU A 120 94.23 40.28 -29.29
CA GLU A 120 95.20 39.36 -29.87
C GLU A 120 94.52 38.07 -30.26
N VAL A 121 93.67 37.58 -29.35
CA VAL A 121 93.01 36.29 -29.50
C VAL A 121 91.99 36.34 -30.62
N GLY A 122 91.02 37.25 -30.51
CA GLY A 122 89.96 37.36 -31.51
C GLY A 122 90.50 37.68 -32.90
N GLY A 123 91.60 38.43 -32.95
CA GLY A 123 92.23 38.80 -34.20
C GLY A 123 92.95 37.66 -34.89
N THR A 124 93.88 37.04 -34.16
CA THR A 124 94.80 36.03 -34.74
C THR A 124 94.61 34.58 -34.22
N HIS A 125 93.95 34.45 -33.07
CA HIS A 125 93.70 33.13 -32.47
C HIS A 125 92.24 32.96 -32.07
N PRO A 126 91.31 33.04 -33.04
CA PRO A 126 89.88 33.05 -32.69
C PRO A 126 89.38 31.72 -32.14
N GLU A 127 90.14 30.66 -32.39
CA GLU A 127 89.86 29.31 -31.88
C GLU A 127 89.94 29.24 -30.35
N LEU A 128 90.63 30.20 -29.74
CA LEU A 128 90.84 30.25 -28.31
C LEU A 128 89.87 31.22 -27.64
N LEU A 129 88.96 31.81 -28.42
CA LEU A 129 88.03 32.80 -27.88
C LEU A 129 87.02 32.18 -26.93
N VAL A 130 86.73 30.89 -27.14
CA VAL A 130 85.89 30.09 -26.25
C VAL A 130 86.37 30.11 -24.81
N ALA A 131 87.70 30.15 -24.64
CA ALA A 131 88.33 30.17 -23.33
C ALA A 131 87.96 31.41 -22.53
N HIS A 132 87.93 32.55 -23.21
CA HIS A 132 87.73 33.85 -22.55
C HIS A 132 86.29 34.14 -22.23
N ALA A 133 85.40 33.76 -23.14
CA ALA A 133 83.98 33.82 -22.88
C ALA A 133 83.60 32.91 -21.71
N TYR A 134 84.15 31.69 -21.70
CA TYR A 134 83.87 30.72 -20.65
C TYR A 134 84.26 31.25 -19.28
N THR A 135 85.44 31.85 -19.22
CA THR A 135 85.99 32.38 -17.97
C THR A 135 85.16 33.54 -17.44
N ARG A 136 84.60 34.35 -18.33
CA ARG A 136 83.83 35.49 -17.88
C ARG A 136 82.35 35.23 -17.68
N TYR A 137 81.69 34.67 -18.68
CA TYR A 137 80.23 34.53 -18.69
C TYR A 137 79.73 33.48 -17.70
N LEU A 138 80.37 32.32 -17.70
CA LEU A 138 79.96 31.28 -16.80
C LEU A 138 80.27 31.65 -15.36
N GLY A 139 81.17 32.62 -15.18
CA GLY A 139 81.46 33.19 -13.87
C GLY A 139 80.41 34.20 -13.41
N ASP A 140 79.84 34.93 -14.36
CA ASP A 140 78.82 35.93 -14.05
C ASP A 140 77.50 35.27 -13.68
N LEU A 141 77.29 34.07 -14.22
CA LEU A 141 76.06 33.32 -14.01
C LEU A 141 76.13 32.40 -12.80
N SER A 142 77.33 32.25 -12.25
CA SER A 142 77.56 31.36 -11.10
C SER A 142 78.07 32.15 -9.88
N GLY A 143 79.30 32.64 -9.97
CA GLY A 143 79.93 33.38 -8.88
C GLY A 143 79.36 34.77 -8.70
N GLY A 144 78.93 35.39 -9.80
CA GLY A 144 78.45 36.76 -9.79
C GLY A 144 77.07 36.94 -9.20
N GLN A 145 76.26 35.88 -9.23
CA GLN A 145 74.85 35.98 -8.80
C GLN A 145 74.72 36.18 -7.29
N VAL A 146 75.67 35.66 -6.53
CA VAL A 146 75.70 35.90 -5.08
C VAL A 146 76.24 37.27 -4.74
N LEU A 147 77.23 37.74 -5.52
CA LEU A 147 77.90 39.01 -5.27
C LEU A 147 77.01 40.23 -5.55
N LYS A 148 75.97 40.03 -6.36
CA LYS A 148 74.95 41.04 -6.58
C LYS A 148 74.13 41.28 -5.32
N LYS A 149 73.84 40.18 -4.61
CA LYS A 149 73.09 40.21 -3.35
C LYS A 149 73.88 40.95 -2.28
N ILE A 150 75.19 40.65 -2.25
CA ILE A 150 76.11 41.21 -1.27
C ILE A 150 76.36 42.68 -1.51
N ALA A 151 76.59 43.02 -2.77
CA ALA A 151 76.95 44.38 -3.15
C ALA A 151 75.80 45.34 -2.86
N GLN A 152 74.58 44.89 -3.12
CA GLN A 152 73.37 45.71 -3.00
C GLN A 152 73.09 46.07 -1.55
N LYS A 153 73.43 45.16 -0.65
CA LYS A 153 73.23 45.36 0.78
C LYS A 153 74.40 46.09 1.42
N ALA A 154 75.61 45.79 0.93
CA ALA A 154 76.84 46.35 1.46
C ALA A 154 76.95 47.84 1.20
N MET A 155 76.36 48.28 0.09
CA MET A 155 76.43 49.67 -0.36
C MET A 155 75.09 50.39 -0.30
N ALA A 156 74.03 49.65 -0.04
CA ALA A 156 72.67 50.21 0.03
C ALA A 156 72.28 50.88 -1.29
N LEU A 157 72.12 50.04 -2.31
CA LEU A 157 71.68 50.49 -3.62
C LEU A 157 70.15 50.52 -3.71
N PRO A 158 69.61 51.16 -4.75
CA PRO A 158 68.17 51.17 -5.02
C PRO A 158 67.58 49.77 -5.18
N SER A 159 66.32 49.62 -4.80
CA SER A 159 65.60 48.34 -4.93
C SER A 159 65.32 47.96 -6.39
N SER A 160 65.43 48.93 -7.29
CA SER A 160 65.26 48.70 -8.71
C SER A 160 66.39 47.82 -9.27
N GLY A 161 67.63 48.21 -8.96
CA GLY A 161 68.81 47.49 -9.43
C GLY A 161 69.77 48.31 -10.28
N GLU A 162 69.75 49.63 -10.10
CA GLU A 162 70.67 50.53 -10.80
C GLU A 162 72.06 50.41 -10.19
N GLY A 163 73.06 50.28 -11.05
CA GLY A 163 74.44 50.09 -10.62
C GLY A 163 74.85 48.63 -10.63
N LEU A 164 73.86 47.75 -10.50
CA LEU A 164 74.09 46.32 -10.59
C LEU A 164 73.40 45.74 -11.83
N ALA A 165 73.41 46.51 -12.90
CA ALA A 165 72.87 46.08 -14.19
C ALA A 165 73.72 44.99 -14.82
N PHE A 166 75.02 45.02 -14.48
CA PHE A 166 76.00 44.06 -14.98
C PHE A 166 75.63 42.63 -14.57
N PHE A 167 75.11 42.50 -13.34
CA PHE A 167 74.76 41.21 -12.78
C PHE A 167 73.33 40.78 -13.13
N THR A 168 72.58 41.68 -13.76
CA THR A 168 71.22 41.41 -14.21
C THR A 168 71.17 40.91 -15.67
N PHE A 169 70.57 39.74 -15.84
CA PHE A 169 70.45 39.06 -17.14
C PHE A 169 68.97 38.88 -17.48
N PRO A 170 68.36 39.87 -18.14
CA PRO A 170 66.92 39.79 -18.42
C PRO A 170 66.54 38.68 -19.40
N SER A 171 67.44 38.38 -20.33
CA SER A 171 67.18 37.33 -21.34
C SER A 171 67.56 35.92 -20.86
N ILE A 172 67.74 35.78 -19.54
CA ILE A 172 67.96 34.48 -18.91
C ILE A 172 66.97 34.23 -17.77
N ASP A 173 66.06 33.29 -17.96
CA ASP A 173 65.04 32.97 -16.96
C ASP A 173 65.48 31.84 -16.04
N ASN A 174 66.37 31.00 -16.54
CA ASN A 174 66.81 29.80 -15.86
C ASN A 174 68.31 29.62 -16.10
N PRO A 175 69.16 30.42 -15.40
CA PRO A 175 70.61 30.39 -15.62
C PRO A 175 71.24 29.05 -15.26
N THR A 176 70.63 28.33 -14.32
CA THR A 176 71.04 26.97 -14.01
C THR A 176 70.83 26.07 -15.24
N LYS A 177 69.75 26.31 -15.97
CA LYS A 177 69.48 25.58 -17.20
C LYS A 177 70.34 26.08 -18.36
N PHE A 178 70.55 27.40 -18.40
CA PHE A 178 71.34 28.05 -19.44
C PHE A 178 72.82 27.67 -19.38
N LYS A 179 73.31 27.46 -18.16
CA LYS A 179 74.69 27.02 -17.95
C LYS A 179 74.94 25.66 -18.57
N GLN A 180 73.94 24.77 -18.48
CA GLN A 180 73.98 23.44 -19.09
C GLN A 180 73.95 23.52 -20.61
N LEU A 181 73.17 24.48 -21.11
CA LEU A 181 73.01 24.70 -22.55
C LEU A 181 74.29 25.23 -23.15
N TYR A 182 74.94 26.13 -22.41
CA TYR A 182 76.20 26.75 -22.82
C TYR A 182 77.31 25.71 -22.89
N ARG A 183 77.31 24.79 -21.92
CA ARG A 183 78.27 23.71 -21.86
C ARG A 183 78.09 22.75 -23.02
N ALA A 184 76.82 22.49 -23.35
CA ALA A 184 76.44 21.60 -24.45
C ALA A 184 76.86 22.17 -25.80
N ARG A 185 76.70 23.49 -25.94
CA ARG A 185 77.09 24.20 -27.15
C ARG A 185 78.60 24.26 -27.25
N MET A 186 79.27 24.32 -26.10
CA MET A 186 80.73 24.34 -26.00
C MET A 186 81.34 23.00 -26.44
N ASN A 187 80.66 21.92 -26.12
CA ASN A 187 81.13 20.57 -26.46
C ASN A 187 80.92 20.26 -27.95
N THR A 188 80.09 21.06 -28.63
CA THR A 188 79.82 20.93 -30.06
C THR A 188 81.00 21.32 -30.96
N LEU A 189 81.88 22.15 -30.42
CA LEU A 189 83.00 22.71 -31.19
C LEU A 189 83.96 21.65 -31.72
N GLU A 190 83.95 21.48 -33.04
CA GLU A 190 84.88 20.60 -33.73
C GLU A 190 86.31 21.12 -33.59
N MET A 191 87.14 20.38 -32.86
CA MET A 191 88.55 20.73 -32.69
C MET A 191 89.43 19.52 -32.42
N THR A 192 90.70 19.62 -32.82
CA THR A 192 91.71 18.58 -32.56
C THR A 192 92.11 18.62 -31.09
N PRO A 193 92.53 17.47 -30.52
CA PRO A 193 93.00 17.41 -29.11
C PRO A 193 94.15 18.37 -28.82
N GLU A 194 94.91 18.73 -29.85
CA GLU A 194 96.01 19.67 -29.70
C GLU A 194 95.46 21.06 -29.46
N VAL A 195 94.46 21.45 -30.24
CA VAL A 195 93.79 22.75 -30.09
C VAL A 195 92.99 22.79 -28.80
N LYS A 196 92.39 21.65 -28.44
CA LYS A 196 91.61 21.52 -27.22
C LYS A 196 92.46 21.83 -26.01
N HIS A 197 93.70 21.34 -26.03
CA HIS A 197 94.64 21.58 -24.95
C HIS A 197 95.04 23.04 -24.90
N ARG A 198 95.18 23.65 -26.07
CA ARG A 198 95.52 25.06 -26.17
C ARG A 198 94.41 25.96 -25.64
N VAL A 199 93.16 25.50 -25.78
CA VAL A 199 91.98 26.22 -25.28
C VAL A 199 91.96 26.23 -23.76
N THR A 200 92.16 25.06 -23.17
CA THR A 200 92.16 24.90 -21.72
C THR A 200 93.38 25.60 -21.12
N GLU A 201 94.45 25.71 -21.91
CA GLU A 201 95.65 26.43 -21.51
C GLU A 201 95.39 27.93 -21.53
N GLU A 202 94.63 28.39 -22.52
CA GLU A 202 94.25 29.80 -22.63
C GLU A 202 93.24 30.17 -21.56
N ALA A 203 92.43 29.20 -21.16
CA ALA A 203 91.48 29.37 -20.07
C ALA A 203 92.22 29.72 -18.77
N LYS A 204 93.37 29.09 -18.56
CA LYS A 204 94.19 29.37 -17.38
C LYS A 204 94.81 30.77 -17.48
N THR A 205 95.20 31.17 -18.70
CA THR A 205 95.71 32.51 -18.98
C THR A 205 94.64 33.57 -18.70
N ALA A 206 93.41 33.27 -19.11
CA ALA A 206 92.27 34.16 -18.91
C ALA A 206 92.00 34.40 -17.42
N PHE A 207 92.05 33.32 -16.64
CA PHE A 207 91.92 33.43 -15.17
C PHE A 207 93.05 34.25 -14.56
N LEU A 208 94.28 34.02 -15.03
CA LEU A 208 95.45 34.73 -14.55
C LEU A 208 95.31 36.23 -14.75
N LEU A 209 94.79 36.61 -15.92
CA LEU A 209 94.54 38.02 -16.25
C LEU A 209 93.56 38.67 -15.26
N ASN A 210 92.61 37.88 -14.78
CA ASN A 210 91.68 38.36 -13.77
C ASN A 210 92.28 38.42 -12.39
N ILE A 211 93.12 37.44 -12.04
CA ILE A 211 93.77 37.40 -10.73
C ILE A 211 94.72 38.58 -10.59
N GLU A 212 95.50 38.84 -11.64
CA GLU A 212 96.47 39.93 -11.66
C GLU A 212 95.77 41.29 -11.70
N LEU A 213 94.53 41.29 -12.19
CA LEU A 213 93.69 42.47 -12.19
C LEU A 213 93.24 42.79 -10.77
N PHE A 214 92.75 41.77 -10.08
CA PHE A 214 92.25 41.91 -8.71
C PHE A 214 93.35 42.27 -7.72
N GLU A 215 94.51 41.67 -7.91
CA GLU A 215 95.67 41.94 -7.08
C GLU A 215 96.22 43.35 -7.29
N GLU A 216 96.07 43.88 -8.50
CA GLU A 216 96.50 45.25 -8.83
C GLU A 216 95.58 46.30 -8.21
N LEU A 217 94.28 46.13 -8.40
CA LEU A 217 93.29 47.09 -7.93
C LEU A 217 93.29 47.20 -6.40
N GLN A 218 93.62 46.10 -5.74
CA GLN A 218 93.72 46.09 -4.28
C GLN A 218 94.90 46.93 -3.84
N ALA A 219 96.00 46.80 -4.58
CA ALA A 219 97.22 47.57 -4.32
C ALA A 219 96.98 49.05 -4.55
N LEU A 220 96.18 49.37 -5.57
CA LEU A 220 95.80 50.74 -5.90
C LEU A 220 94.86 51.32 -4.86
N LEU A 221 94.03 50.45 -4.26
CA LEU A 221 93.08 50.84 -3.22
C LEU A 221 93.75 51.13 -1.87
N THR A 222 94.91 50.53 -1.62
CA THR A 222 95.66 50.75 -0.38
C THR A 222 96.46 52.03 -0.44
N GLU A 223 96.92 52.40 -1.63
CA GLU A 223 97.66 53.64 -1.86
C GLU A 223 96.79 54.86 -1.58
N GLN B 11 44.09 3.35 -38.63
CA GLN B 11 45.38 3.78 -39.24
C GLN B 11 45.67 5.25 -38.97
N ASP B 12 44.61 6.06 -38.91
CA ASP B 12 44.74 7.49 -38.65
C ASP B 12 45.42 7.75 -37.30
N LEU B 13 46.31 8.75 -37.29
CA LEU B 13 47.12 9.06 -36.12
C LEU B 13 46.31 9.51 -34.92
N SER B 14 45.24 10.25 -35.16
CA SER B 14 44.31 10.73 -34.13
C SER B 14 43.74 9.57 -33.30
N GLU B 15 43.23 8.57 -34.02
CA GLU B 15 42.66 7.38 -33.41
C GLU B 15 43.75 6.49 -32.83
N ALA B 16 44.93 6.52 -33.44
CA ALA B 16 46.08 5.71 -33.05
C ALA B 16 46.71 6.17 -31.73
N LEU B 17 46.79 7.49 -31.57
CA LEU B 17 47.37 8.09 -30.36
C LEU B 17 46.43 7.91 -29.19
N LYS B 18 45.13 7.89 -29.47
CA LYS B 18 44.10 7.69 -28.44
C LYS B 18 44.21 6.31 -27.79
N GLU B 19 44.38 5.29 -28.63
CA GLU B 19 44.52 3.90 -28.22
C GLU B 19 45.80 3.63 -27.43
N ALA B 20 46.88 4.27 -27.86
CA ALA B 20 48.20 4.11 -27.25
C ALA B 20 48.27 4.79 -25.88
N THR B 21 47.65 5.96 -25.79
CA THR B 21 47.67 6.77 -24.58
C THR B 21 46.44 6.55 -23.70
N LYS B 22 45.63 5.55 -24.05
CA LYS B 22 44.40 5.23 -23.32
C LYS B 22 44.68 4.81 -21.88
N GLU B 23 45.72 4.01 -21.71
CA GLU B 23 46.09 3.47 -20.40
C GLU B 23 46.68 4.55 -19.50
N VAL B 24 47.61 5.32 -20.06
CA VAL B 24 48.37 6.32 -19.29
C VAL B 24 47.56 7.56 -18.92
N HIS B 25 46.50 7.83 -19.68
CA HIS B 25 45.63 8.99 -19.43
C HIS B 25 44.76 8.82 -18.22
N ILE B 26 44.20 7.63 -18.08
CA ILE B 26 43.33 7.31 -16.95
C ILE B 26 44.14 7.31 -15.65
N ARG B 27 45.39 6.87 -15.73
CA ARG B 27 46.31 6.91 -14.60
C ARG B 27 46.74 8.36 -14.29
N ALA B 28 46.97 9.13 -15.35
CA ALA B 28 47.32 10.53 -15.23
C ALA B 28 46.19 11.32 -14.61
N GLU B 29 44.95 10.99 -15.00
CA GLU B 29 43.73 11.60 -14.48
C GLU B 29 43.46 11.25 -13.01
N ASN B 30 43.78 10.01 -12.67
CA ASN B 30 43.55 9.49 -11.33
C ASN B 30 44.83 9.50 -10.48
N SER B 31 45.75 10.40 -10.82
CA SER B 31 46.90 10.67 -9.98
C SER B 31 46.43 11.36 -8.70
N GLU B 32 47.14 11.14 -7.60
CA GLU B 32 46.75 11.67 -6.30
C GLU B 32 46.41 13.16 -6.34
N PHE B 33 47.31 13.94 -6.94
CA PHE B 33 47.14 15.38 -7.06
C PHE B 33 46.04 15.76 -8.04
N MET B 34 46.00 15.05 -9.17
CA MET B 34 45.02 15.32 -10.22
C MET B 34 43.60 14.93 -9.81
N ARG B 35 43.51 13.89 -8.97
CA ARG B 35 42.23 13.43 -8.45
C ARG B 35 41.70 14.35 -7.37
N ASN B 36 42.62 15.01 -6.65
CA ASN B 36 42.27 16.04 -5.67
C ASN B 36 41.89 17.36 -6.33
N PHE B 37 42.29 17.53 -7.60
CA PHE B 37 42.04 18.74 -8.36
C PHE B 37 40.57 18.89 -8.79
N GLN B 38 39.95 17.77 -9.15
CA GLN B 38 38.52 17.73 -9.49
C GLN B 38 37.68 18.02 -8.23
N LYS B 39 38.07 17.39 -7.12
CA LYS B 39 37.37 17.56 -5.85
C LYS B 39 37.44 18.99 -5.31
N GLY B 40 38.33 19.79 -5.88
CA GLY B 40 38.48 21.19 -5.49
C GLY B 40 39.26 21.34 -4.19
N GLN B 41 39.97 20.28 -3.83
CA GLN B 41 40.81 20.26 -2.63
C GLN B 41 42.27 20.57 -2.94
N VAL B 42 42.53 21.02 -4.18
CA VAL B 42 43.85 21.50 -4.58
C VAL B 42 44.18 22.78 -3.83
N SER B 43 45.29 22.73 -3.11
CA SER B 43 45.74 23.85 -2.30
C SER B 43 46.30 24.98 -3.14
N ARG B 44 46.36 26.16 -2.53
CA ARG B 44 46.87 27.36 -3.18
C ARG B 44 48.36 27.23 -3.43
N GLU B 45 49.06 26.62 -2.47
CA GLU B 45 50.49 26.35 -2.61
C GLU B 45 50.75 25.31 -3.69
N GLY B 46 49.84 24.34 -3.80
CA GLY B 46 49.92 23.28 -4.81
C GLY B 46 49.70 23.78 -6.22
N PHE B 47 48.85 24.79 -6.37
CA PHE B 47 48.57 25.40 -7.66
C PHE B 47 49.76 26.23 -8.15
N LYS B 48 50.40 26.93 -7.23
CA LYS B 48 51.64 27.68 -7.48
C LYS B 48 52.74 26.78 -8.01
N LEU B 49 52.81 25.57 -7.45
CA LEU B 49 53.87 24.61 -7.75
C LEU B 49 53.68 23.99 -9.13
N VAL B 50 52.43 23.65 -9.45
CA VAL B 50 52.13 23.02 -10.73
C VAL B 50 52.30 24.00 -11.89
N MET B 51 51.83 25.24 -11.68
CA MET B 51 51.90 26.31 -12.67
C MET B 51 53.36 26.72 -12.96
N ALA B 52 54.16 26.77 -11.90
CA ALA B 52 55.57 27.07 -12.03
C ALA B 52 56.28 25.95 -12.79
N SER B 53 55.86 24.71 -12.54
CA SER B 53 56.41 23.53 -13.20
C SER B 53 56.01 23.53 -14.67
N LEU B 54 54.77 23.93 -14.93
CA LEU B 54 54.24 24.03 -16.30
C LEU B 54 54.92 25.13 -17.11
N TYR B 55 55.41 26.17 -16.44
CA TYR B 55 56.15 27.24 -17.09
C TYR B 55 57.40 26.72 -17.80
N HIS B 56 58.22 25.97 -17.06
CA HIS B 56 59.47 25.42 -17.57
C HIS B 56 59.23 24.47 -18.71
N ILE B 57 58.12 23.75 -18.66
CA ILE B 57 57.78 22.74 -19.66
C ILE B 57 57.44 23.37 -21.01
N TYR B 58 56.54 24.35 -20.98
CA TYR B 58 56.11 25.06 -22.18
C TYR B 58 57.21 25.92 -22.77
N THR B 59 58.04 26.47 -21.90
CA THR B 59 59.21 27.25 -22.29
C THR B 59 60.11 26.40 -23.20
N ALA B 60 60.37 25.17 -22.76
CA ALA B 60 61.17 24.20 -23.48
C ALA B 60 60.46 23.72 -24.74
N LEU B 61 59.22 23.26 -24.56
CA LEU B 61 58.43 22.72 -25.65
C LEU B 61 58.36 23.67 -26.84
N GLU B 62 58.07 24.94 -26.56
CA GLU B 62 57.80 25.91 -27.60
C GLU B 62 59.05 26.44 -28.28
N GLU B 63 60.18 26.43 -27.58
CA GLU B 63 61.44 26.83 -28.17
C GLU B 63 62.01 25.73 -29.06
N GLU B 64 61.47 24.51 -28.90
CA GLU B 64 61.73 23.41 -29.83
C GLU B 64 60.73 23.37 -30.98
N ILE B 65 59.54 23.91 -30.75
CA ILE B 65 58.54 24.11 -31.81
C ILE B 65 59.05 25.16 -32.80
N GLU B 66 59.62 26.23 -32.25
CA GLU B 66 60.18 27.33 -33.02
C GLU B 66 61.40 26.89 -33.83
N ARG B 67 62.14 25.92 -33.29
CA ARG B 67 63.28 25.34 -33.96
C ARG B 67 62.84 24.57 -35.20
N ASN B 68 61.75 23.83 -35.06
CA ASN B 68 61.23 22.95 -36.11
C ASN B 68 59.91 23.44 -36.71
N LYS B 69 59.79 24.76 -36.89
CA LYS B 69 58.57 25.36 -37.45
C LYS B 69 58.40 25.01 -38.91
N GLN B 70 59.53 24.96 -39.63
CA GLN B 70 59.52 24.73 -41.07
C GLN B 70 59.66 23.25 -41.43
N ASN B 71 59.91 22.41 -40.43
CA ASN B 71 60.07 20.98 -40.64
C ASN B 71 58.72 20.36 -40.97
N PRO B 72 58.60 19.71 -42.14
CA PRO B 72 57.32 19.16 -42.61
C PRO B 72 56.67 18.16 -41.66
N VAL B 73 57.45 17.59 -40.75
CA VAL B 73 56.93 16.63 -39.78
C VAL B 73 56.06 17.30 -38.70
N TYR B 74 56.26 18.60 -38.51
CA TYR B 74 55.53 19.38 -37.50
C TYR B 74 54.78 20.58 -38.09
N ALA B 75 55.29 21.13 -39.20
CA ALA B 75 54.75 22.35 -39.85
C ALA B 75 53.20 22.48 -39.94
N PRO B 76 52.49 21.39 -40.30
CA PRO B 76 51.02 21.44 -40.35
C PRO B 76 50.35 21.78 -39.01
N LEU B 77 51.04 21.54 -37.90
CA LEU B 77 50.52 21.77 -36.55
C LEU B 77 51.02 23.05 -35.89
N TYR B 78 51.66 23.92 -36.68
CA TYR B 78 52.23 25.16 -36.14
C TYR B 78 51.17 26.23 -35.89
N PHE B 79 50.87 26.47 -34.61
CA PHE B 79 49.88 27.46 -34.18
C PHE B 79 50.41 28.32 -33.03
N PRO B 80 51.27 29.31 -33.32
CA PRO B 80 51.84 30.12 -32.25
C PRO B 80 50.80 31.02 -31.58
N GLU B 81 49.95 31.68 -32.37
CA GLU B 81 49.00 32.64 -31.84
C GLU B 81 47.84 31.98 -31.10
N GLU B 82 47.50 30.77 -31.53
CA GLU B 82 46.40 30.03 -30.96
C GLU B 82 46.80 29.29 -29.68
N LEU B 83 47.91 28.55 -29.75
CA LEU B 83 48.28 27.54 -28.75
C LEU B 83 49.48 27.82 -27.83
N HIS B 84 50.49 28.53 -28.33
CA HIS B 84 51.71 28.82 -27.55
C HIS B 84 51.38 29.49 -26.26
N ARG B 85 51.88 28.90 -25.17
CA ARG B 85 51.45 29.22 -23.82
C ARG B 85 52.54 29.83 -22.91
N ARG B 86 53.75 30.04 -23.43
CA ARG B 86 54.86 30.58 -22.62
C ARG B 86 54.56 31.98 -22.09
N ALA B 87 53.98 32.82 -22.94
CA ALA B 87 53.68 34.19 -22.59
C ALA B 87 52.64 34.26 -21.47
N ALA B 88 51.66 33.37 -21.53
CA ALA B 88 50.59 33.34 -20.55
C ALA B 88 51.16 33.01 -19.20
N LEU B 89 52.10 32.08 -19.19
CA LEU B 89 52.73 31.57 -17.97
C LEU B 89 53.63 32.62 -17.35
N GLU B 90 54.26 33.42 -18.19
CA GLU B 90 55.10 34.50 -17.72
C GLU B 90 54.28 35.57 -17.01
N GLN B 91 53.06 35.80 -17.48
CA GLN B 91 52.13 36.73 -16.83
C GLN B 91 51.62 36.15 -15.51
N ASP B 92 51.38 34.84 -15.50
CA ASP B 92 50.90 34.13 -14.32
C ASP B 92 51.95 34.07 -13.22
N MET B 93 53.21 33.84 -13.60
CA MET B 93 54.31 33.77 -12.66
C MET B 93 54.49 35.12 -11.97
N ALA B 94 54.20 36.19 -12.71
CA ALA B 94 54.24 37.55 -12.21
C ALA B 94 53.18 37.74 -11.12
N PHE B 95 52.04 37.09 -11.32
CA PHE B 95 50.90 37.17 -10.41
C PHE B 95 51.12 36.38 -9.13
N TRP B 96 51.55 35.12 -9.29
CA TRP B 96 51.68 34.19 -8.18
C TRP B 96 52.95 34.39 -7.39
N TYR B 97 54.07 34.59 -8.09
CA TYR B 97 55.39 34.65 -7.45
C TYR B 97 55.95 36.06 -7.26
N GLY B 98 55.38 37.04 -7.96
CA GLY B 98 55.77 38.43 -7.77
C GLY B 98 56.67 38.97 -8.87
N PRO B 99 57.37 40.10 -8.60
CA PRO B 99 58.19 40.71 -9.64
C PRO B 99 59.42 39.87 -9.98
N HIS B 100 60.07 39.34 -8.95
CA HIS B 100 61.27 38.51 -9.12
C HIS B 100 60.90 37.06 -9.10
N TRP B 101 59.97 36.70 -9.98
CA TRP B 101 59.51 35.32 -10.11
C TRP B 101 60.52 34.42 -10.76
N GLN B 102 61.41 35.02 -11.54
CA GLN B 102 62.49 34.33 -12.26
C GLN B 102 63.29 33.40 -11.36
N GLU B 103 63.74 33.95 -10.23
CA GLU B 103 64.58 33.21 -9.30
C GLU B 103 63.76 32.50 -8.23
N ALA B 104 62.58 33.02 -7.94
CA ALA B 104 61.71 32.49 -6.89
C ALA B 104 61.10 31.11 -7.22
N ILE B 105 60.71 30.92 -8.48
CA ILE B 105 59.99 29.71 -8.90
C ILE B 105 60.84 28.45 -8.77
N PRO B 106 60.22 27.32 -8.40
CA PRO B 106 60.93 26.06 -8.31
C PRO B 106 61.11 25.39 -9.67
N TYR B 107 62.24 24.72 -9.85
CA TYR B 107 62.53 23.92 -11.05
C TYR B 107 62.90 22.50 -10.63
N THR B 108 61.86 21.69 -10.37
CA THR B 108 62.02 20.37 -9.76
C THR B 108 62.69 19.34 -10.70
N PRO B 109 63.33 18.31 -10.10
CA PRO B 109 64.02 17.25 -10.86
C PRO B 109 63.16 16.61 -11.94
N ALA B 110 61.89 16.35 -11.63
CA ALA B 110 60.95 15.72 -12.56
C ALA B 110 60.65 16.63 -13.73
N THR B 111 60.57 17.93 -13.45
CA THR B 111 60.38 18.97 -14.48
C THR B 111 61.61 19.07 -15.35
N GLN B 112 62.78 19.00 -14.72
CA GLN B 112 64.07 19.05 -15.41
C GLN B 112 64.19 17.85 -16.34
N HIS B 113 63.73 16.70 -15.86
CA HIS B 113 63.74 15.47 -16.66
C HIS B 113 62.83 15.56 -17.83
N TYR B 114 61.70 16.23 -17.65
CA TYR B 114 60.71 16.46 -18.68
C TYR B 114 61.29 17.41 -19.74
N VAL B 115 61.82 18.54 -19.28
CA VAL B 115 62.41 19.57 -20.14
C VAL B 115 63.58 19.01 -20.94
N LYS B 116 64.37 18.15 -20.30
CA LYS B 116 65.48 17.45 -20.94
C LYS B 116 65.02 16.65 -22.15
N ARG B 117 63.87 15.98 -22.01
CA ARG B 117 63.28 15.16 -23.07
C ARG B 117 62.76 15.96 -24.25
N LEU B 118 62.18 17.13 -23.95
CA LEU B 118 61.65 18.05 -24.98
C LEU B 118 62.73 18.57 -25.90
N HIS B 119 63.86 18.96 -25.32
CA HIS B 119 64.98 19.49 -26.09
C HIS B 119 65.67 18.38 -26.82
N GLU B 120 65.65 17.18 -26.23
CA GLU B 120 66.25 15.99 -26.82
C GLU B 120 65.46 15.58 -28.07
N VAL B 121 64.14 15.60 -27.95
CA VAL B 121 63.24 15.33 -29.07
C VAL B 121 63.38 16.44 -30.12
N GLY B 122 63.14 17.68 -29.72
CA GLY B 122 63.19 18.80 -30.65
C GLY B 122 64.52 19.00 -31.36
N GLY B 123 65.61 18.60 -30.71
CA GLY B 123 66.95 18.81 -31.26
C GLY B 123 67.32 17.80 -32.32
N THR B 124 67.25 16.53 -31.97
CA THR B 124 67.71 15.42 -32.83
C THR B 124 66.60 14.53 -33.40
N HIS B 125 65.41 14.57 -32.79
CA HIS B 125 64.28 13.75 -33.21
C HIS B 125 63.02 14.57 -33.37
N PRO B 126 63.03 15.56 -34.29
CA PRO B 126 61.90 16.49 -34.42
C PRO B 126 60.62 15.83 -34.96
N GLU B 127 60.79 14.68 -35.63
CA GLU B 127 59.64 13.94 -36.13
C GLU B 127 58.81 13.30 -35.01
N LEU B 128 59.31 13.33 -33.78
CA LEU B 128 58.56 12.86 -32.60
C LEU B 128 57.95 14.00 -31.76
N LEU B 129 58.12 15.23 -32.22
CA LEU B 129 57.68 16.40 -31.47
C LEU B 129 56.16 16.49 -31.39
N VAL B 130 55.48 15.95 -32.40
CA VAL B 130 54.02 15.86 -32.43
C VAL B 130 53.46 15.13 -31.21
N ALA B 131 54.23 14.15 -30.72
CA ALA B 131 53.82 13.34 -29.59
C ALA B 131 53.75 14.15 -28.29
N HIS B 132 54.53 15.24 -28.24
CA HIS B 132 54.55 16.15 -27.09
C HIS B 132 53.57 17.29 -27.17
N ALA B 133 53.41 17.85 -28.36
CA ALA B 133 52.42 18.90 -28.61
C ALA B 133 51.00 18.37 -28.38
N TYR B 134 50.73 17.18 -28.91
CA TYR B 134 49.47 16.46 -28.71
C TYR B 134 49.12 16.27 -27.24
N THR B 135 50.08 15.78 -26.46
CA THR B 135 49.85 15.46 -25.04
C THR B 135 49.53 16.71 -24.23
N ARG B 136 50.27 17.79 -24.51
CA ARG B 136 50.15 19.01 -23.75
C ARG B 136 49.00 19.93 -24.20
N TYR B 137 48.86 20.16 -25.50
CA TYR B 137 47.85 21.10 -26.00
C TYR B 137 46.43 20.54 -26.00
N LEU B 138 46.26 19.33 -26.53
CA LEU B 138 44.96 18.68 -26.61
C LEU B 138 44.36 18.37 -25.24
N GLY B 139 45.23 18.19 -24.26
CA GLY B 139 44.82 17.99 -22.87
C GLY B 139 44.35 19.24 -22.17
N ASP B 140 44.94 20.37 -22.55
CA ASP B 140 44.56 21.67 -21.97
C ASP B 140 43.22 22.16 -22.51
N LEU B 141 42.90 21.80 -23.75
CA LEU B 141 41.61 22.13 -24.35
C LEU B 141 40.54 21.09 -24.02
N SER B 142 40.81 20.28 -22.99
CA SER B 142 39.89 19.23 -22.53
C SER B 142 39.86 19.15 -21.00
N GLY B 143 40.95 18.66 -20.42
CA GLY B 143 41.05 18.49 -18.97
C GLY B 143 41.31 19.79 -18.24
N GLY B 144 42.10 20.67 -18.86
CA GLY B 144 42.44 21.97 -18.30
C GLY B 144 41.29 22.95 -18.29
N GLN B 145 40.45 22.89 -19.33
CA GLN B 145 39.29 23.78 -19.45
C GLN B 145 38.26 23.52 -18.36
N VAL B 146 38.13 22.25 -17.98
CA VAL B 146 37.26 21.81 -16.90
C VAL B 146 37.84 22.23 -15.56
N LEU B 147 39.15 22.10 -15.41
CA LEU B 147 39.85 22.45 -14.18
C LEU B 147 39.93 23.96 -13.96
N LYS B 148 39.79 24.72 -15.04
CA LYS B 148 39.80 26.19 -14.95
C LYS B 148 38.54 26.71 -14.29
N LYS B 149 37.42 26.03 -14.54
CA LYS B 149 36.13 26.38 -13.92
C LYS B 149 36.14 26.01 -12.43
N ILE B 150 36.83 24.92 -12.10
CA ILE B 150 36.98 24.45 -10.73
C ILE B 150 37.89 25.39 -9.93
N ALA B 151 38.97 25.83 -10.56
CA ALA B 151 39.99 26.68 -9.92
C ALA B 151 39.55 28.14 -9.71
N GLN B 152 38.56 28.59 -10.48
CA GLN B 152 38.09 29.98 -10.42
C GLN B 152 37.55 30.37 -9.04
N LYS B 153 36.54 29.64 -8.59
CA LYS B 153 35.83 29.97 -7.36
C LYS B 153 36.32 29.20 -6.13
N ALA B 154 36.93 28.04 -6.35
CA ALA B 154 37.48 27.22 -5.26
C ALA B 154 38.71 27.88 -4.63
N MET B 155 39.44 28.63 -5.45
CA MET B 155 40.65 29.31 -4.98
C MET B 155 40.45 30.83 -4.89
N ALA B 156 39.27 31.30 -5.31
CA ALA B 156 38.86 32.70 -5.14
C ALA B 156 39.79 33.69 -5.84
N LEU B 157 39.72 33.71 -7.17
CA LEU B 157 40.56 34.56 -8.00
C LEU B 157 39.78 35.70 -8.66
N PRO B 158 40.50 36.73 -9.16
CA PRO B 158 39.89 37.85 -9.88
C PRO B 158 39.05 37.43 -11.10
N SER B 159 38.01 38.21 -11.39
CA SER B 159 37.19 38.03 -12.57
C SER B 159 37.90 38.48 -13.84
N SER B 160 38.92 39.31 -13.68
CA SER B 160 39.74 39.81 -14.78
C SER B 160 40.47 38.67 -15.50
N GLY B 161 40.77 37.60 -14.78
CA GLY B 161 41.40 36.42 -15.34
C GLY B 161 42.89 36.33 -15.03
N GLU B 162 43.34 37.12 -14.06
CA GLU B 162 44.73 37.12 -13.63
C GLU B 162 45.02 35.88 -12.81
N GLY B 163 46.13 35.22 -13.12
CA GLY B 163 46.53 33.98 -12.44
C GLY B 163 46.13 32.75 -13.23
N LEU B 164 45.07 32.89 -14.02
CA LEU B 164 44.58 31.82 -14.87
C LEU B 164 44.70 32.17 -16.34
N ALA B 165 45.78 32.90 -16.69
CA ALA B 165 46.07 33.28 -18.07
C ALA B 165 46.48 32.08 -18.91
N PHE B 166 47.06 31.08 -18.25
CA PHE B 166 47.48 29.83 -18.88
C PHE B 166 46.31 29.10 -19.56
N PHE B 167 45.13 29.17 -18.93
CA PHE B 167 43.95 28.49 -19.44
C PHE B 167 43.15 29.36 -20.39
N THR B 168 43.44 30.67 -20.41
CA THR B 168 42.76 31.62 -21.30
C THR B 168 43.40 31.58 -22.68
N PHE B 169 42.57 31.34 -23.69
CA PHE B 169 43.01 31.30 -25.08
C PHE B 169 42.27 32.40 -25.84
N PRO B 170 42.91 33.58 -25.98
CA PRO B 170 42.24 34.72 -26.61
C PRO B 170 41.95 34.52 -28.11
N SER B 171 42.85 33.83 -28.80
CA SER B 171 42.70 33.59 -30.23
C SER B 171 41.74 32.44 -30.54
N ILE B 172 41.85 31.35 -29.78
CA ILE B 172 40.98 30.19 -29.97
C ILE B 172 39.55 30.52 -29.53
N ASP B 173 38.71 30.87 -30.50
CA ASP B 173 37.34 31.29 -30.23
C ASP B 173 36.49 30.12 -29.75
N ASN B 174 36.73 28.94 -30.33
CA ASN B 174 36.00 27.73 -29.98
C ASN B 174 36.96 26.59 -29.63
N PRO B 175 37.36 26.48 -28.36
CA PRO B 175 38.33 25.45 -27.93
C PRO B 175 37.79 24.03 -28.08
N THR B 176 36.48 23.90 -27.99
CA THR B 176 35.81 22.61 -28.14
C THR B 176 35.76 22.16 -29.62
N LYS B 177 36.04 23.10 -30.53
CA LYS B 177 36.08 22.87 -31.98
C LYS B 177 37.52 22.75 -32.52
N PHE B 178 38.40 23.60 -32.00
CA PHE B 178 39.82 23.61 -32.39
C PHE B 178 40.53 22.32 -32.01
N LYS B 179 40.06 21.68 -30.93
CA LYS B 179 40.57 20.40 -30.43
C LYS B 179 40.46 19.29 -31.48
N GLN B 180 39.30 19.21 -32.12
CA GLN B 180 39.07 18.19 -33.14
C GLN B 180 39.70 18.57 -34.47
N LEU B 181 39.79 19.89 -34.73
CA LEU B 181 40.43 20.39 -35.95
C LEU B 181 41.92 20.13 -35.97
N TYR B 182 42.56 20.27 -34.80
CA TYR B 182 43.98 19.96 -34.62
C TYR B 182 44.29 18.50 -34.92
N ARG B 183 43.40 17.60 -34.49
CA ARG B 183 43.53 16.17 -34.80
C ARG B 183 43.44 15.92 -36.29
N ALA B 184 42.53 16.65 -36.95
CA ALA B 184 42.35 16.59 -38.39
C ALA B 184 43.59 17.10 -39.13
N ARG B 185 44.20 18.15 -38.59
CA ARG B 185 45.46 18.69 -39.11
C ARG B 185 46.59 17.71 -38.89
N MET B 186 46.51 16.98 -37.78
CA MET B 186 47.52 16.02 -37.34
C MET B 186 47.53 14.79 -38.24
N ASN B 187 46.35 14.38 -38.68
CA ASN B 187 46.20 13.21 -39.51
C ASN B 187 46.72 13.41 -40.94
N THR B 188 47.01 14.66 -41.28
CA THR B 188 47.57 15.01 -42.60
C THR B 188 49.11 15.02 -42.61
N LEU B 189 49.72 14.71 -41.47
CA LEU B 189 51.17 14.61 -41.37
C LEU B 189 51.65 13.39 -42.15
N GLU B 190 52.29 13.63 -43.29
CA GLU B 190 52.81 12.55 -44.13
C GLU B 190 54.00 11.90 -43.42
N MET B 191 53.82 10.63 -43.06
CA MET B 191 54.84 9.84 -42.36
C MET B 191 54.65 8.34 -42.56
N THR B 192 55.74 7.60 -42.45
CA THR B 192 55.74 6.16 -42.62
C THR B 192 55.16 5.47 -41.38
N PRO B 193 54.57 4.26 -41.56
CA PRO B 193 54.06 3.46 -40.43
C PRO B 193 55.12 3.18 -39.35
N GLU B 194 56.40 3.21 -39.75
CA GLU B 194 57.53 3.14 -38.82
C GLU B 194 57.53 4.35 -37.87
N VAL B 195 57.38 5.54 -38.47
CA VAL B 195 57.39 6.81 -37.75
C VAL B 195 56.14 6.97 -36.88
N LYS B 196 55.00 6.51 -37.40
CA LYS B 196 53.72 6.56 -36.69
C LYS B 196 53.80 5.78 -35.38
N HIS B 197 54.46 4.62 -35.43
CA HIS B 197 54.67 3.78 -34.25
C HIS B 197 55.58 4.45 -33.25
N ARG B 198 56.62 5.11 -33.75
CA ARG B 198 57.59 5.82 -32.90
C ARG B 198 56.95 7.02 -32.21
N VAL B 199 55.97 7.64 -32.88
CA VAL B 199 55.21 8.76 -32.33
C VAL B 199 54.31 8.30 -31.19
N THR B 200 53.59 7.19 -31.41
CA THR B 200 52.68 6.62 -30.41
C THR B 200 53.43 6.09 -29.18
N GLU B 201 54.66 5.63 -29.39
CA GLU B 201 55.56 5.25 -28.29
C GLU B 201 56.02 6.48 -27.50
N GLU B 202 56.31 7.56 -28.22
CA GLU B 202 56.76 8.81 -27.61
C GLU B 202 55.60 9.51 -26.90
N ALA B 203 54.39 9.33 -27.42
CA ALA B 203 53.17 9.83 -26.81
C ALA B 203 52.99 9.27 -25.39
N LYS B 204 53.31 7.99 -25.24
CA LYS B 204 53.26 7.34 -23.93
C LYS B 204 54.33 7.87 -23.00
N THR B 205 55.51 8.15 -23.55
CA THR B 205 56.62 8.73 -22.79
C THR B 205 56.25 10.11 -22.27
N ALA B 206 55.55 10.88 -23.10
CA ALA B 206 55.09 12.22 -22.74
C ALA B 206 54.13 12.17 -21.56
N PHE B 207 53.20 11.20 -21.59
CA PHE B 207 52.28 10.99 -20.48
C PHE B 207 53.04 10.54 -19.22
N LEU B 208 54.01 9.64 -19.40
CA LEU B 208 54.87 9.18 -18.32
C LEU B 208 55.56 10.32 -17.60
N LEU B 209 56.10 11.26 -18.39
CA LEU B 209 56.76 12.46 -17.88
C LEU B 209 55.82 13.32 -17.05
N ASN B 210 54.55 13.36 -17.48
CA ASN B 210 53.48 14.06 -16.78
C ASN B 210 53.07 13.33 -15.51
N ILE B 211 52.97 12.00 -15.60
CA ILE B 211 52.54 11.16 -14.47
C ILE B 211 53.51 11.23 -13.32
N GLU B 212 54.80 11.09 -13.64
CA GLU B 212 55.85 11.11 -12.63
C GLU B 212 56.03 12.50 -12.04
N LEU B 213 55.62 13.51 -12.80
CA LEU B 213 55.64 14.88 -12.32
C LEU B 213 54.56 15.09 -11.28
N PHE B 214 53.36 14.59 -11.59
CA PHE B 214 52.24 14.71 -10.67
C PHE B 214 52.46 13.90 -9.41
N GLU B 215 53.14 12.76 -9.52
CA GLU B 215 53.58 11.97 -8.37
C GLU B 215 54.58 12.73 -7.51
N GLU B 216 55.46 13.48 -8.17
CA GLU B 216 56.49 14.26 -7.49
C GLU B 216 55.89 15.49 -6.82
N LEU B 217 55.03 16.18 -7.56
CA LEU B 217 54.34 17.38 -7.07
C LEU B 217 53.49 17.08 -5.84
N GLN B 218 52.90 15.89 -5.80
CA GLN B 218 52.08 15.49 -4.67
C GLN B 218 52.94 15.20 -3.45
N ALA B 219 54.08 14.56 -3.67
CA ALA B 219 55.00 14.19 -2.60
C ALA B 219 55.52 15.41 -1.85
N LEU B 220 55.73 16.50 -2.58
CA LEU B 220 56.22 17.76 -2.02
C LEU B 220 55.14 18.45 -1.18
N LEU B 221 53.90 18.27 -1.61
CA LEU B 221 52.78 18.92 -0.97
C LEU B 221 52.40 18.33 0.37
N THR B 222 52.99 17.17 0.71
CA THR B 222 52.67 16.47 1.96
C THR B 222 52.90 17.30 3.24
N GLU B 223 52.08 17.01 4.25
CA GLU B 223 51.97 17.81 5.47
C GLU B 223 51.55 19.27 5.17
N GLU B 224 50.37 19.42 4.58
CA GLU B 224 49.72 20.71 4.40
C GLU B 224 48.72 20.88 5.56
N HIS B 225 49.24 21.26 6.72
CA HIS B 225 48.46 21.32 7.96
C HIS B 225 47.61 22.59 8.08
N GLN C 11 18.89 -1.79 -35.60
CA GLN C 11 19.09 -0.33 -35.90
C GLN C 11 18.06 0.57 -35.20
N ASP C 12 18.43 1.85 -35.04
CA ASP C 12 17.67 2.82 -34.25
C ASP C 12 17.66 2.39 -32.79
N LEU C 13 18.77 2.67 -32.11
CA LEU C 13 19.05 2.16 -30.77
C LEU C 13 18.05 2.66 -29.72
N SER C 14 17.63 3.92 -29.85
CA SER C 14 16.65 4.51 -28.94
C SER C 14 15.32 3.76 -29.01
N GLU C 15 14.90 3.45 -30.24
CA GLU C 15 13.68 2.68 -30.49
C GLU C 15 13.86 1.21 -30.11
N ALA C 16 15.07 0.70 -30.31
CA ALA C 16 15.41 -0.69 -30.02
C ALA C 16 15.42 -1.00 -28.53
N LEU C 17 15.83 -0.02 -27.73
CA LEU C 17 15.81 -0.16 -26.27
C LEU C 17 14.41 0.02 -25.70
N LYS C 18 13.59 0.80 -26.41
CA LYS C 18 12.21 1.09 -26.04
C LYS C 18 11.30 -0.14 -26.22
N GLU C 19 11.29 -0.68 -27.44
CA GLU C 19 10.50 -1.86 -27.78
C GLU C 19 11.23 -3.13 -27.34
N ALA C 20 11.64 -3.15 -26.08
CA ALA C 20 12.48 -4.19 -25.51
C ALA C 20 12.29 -4.27 -24.00
N THR C 21 12.32 -3.10 -23.34
CA THR C 21 12.09 -3.03 -21.90
C THR C 21 10.65 -2.65 -21.56
N LYS C 22 9.75 -2.82 -22.52
CA LYS C 22 8.33 -2.49 -22.33
C LYS C 22 7.70 -3.36 -21.25
N GLU C 23 8.08 -4.63 -21.22
CA GLU C 23 7.51 -5.59 -20.27
C GLU C 23 8.02 -5.33 -18.86
N VAL C 24 9.34 -5.12 -18.75
CA VAL C 24 10.02 -4.96 -17.47
C VAL C 24 9.69 -3.63 -16.79
N HIS C 25 9.34 -2.65 -17.62
CA HIS C 25 8.94 -1.32 -17.17
C HIS C 25 7.61 -1.35 -16.45
N ILE C 26 6.69 -2.16 -16.95
CA ILE C 26 5.36 -2.33 -16.34
C ILE C 26 5.48 -2.97 -14.95
N ARG C 27 6.37 -3.95 -14.84
CA ARG C 27 6.67 -4.61 -13.57
C ARG C 27 7.36 -3.65 -12.61
N ALA C 28 8.18 -2.77 -13.17
CA ALA C 28 8.93 -1.76 -12.42
C ALA C 28 8.02 -0.76 -11.73
N GLU C 29 7.03 -0.27 -12.46
CA GLU C 29 6.07 0.69 -11.90
C GLU C 29 5.07 0.01 -10.97
N ASN C 30 4.79 -1.27 -11.24
CA ASN C 30 3.91 -2.09 -10.40
C ASN C 30 4.67 -2.78 -9.26
N SER C 31 5.89 -2.32 -8.98
CA SER C 31 6.68 -2.88 -7.88
C SER C 31 6.10 -2.42 -6.54
N GLU C 32 6.32 -3.23 -5.51
CA GLU C 32 5.76 -2.99 -4.19
C GLU C 32 6.13 -1.62 -3.62
N PHE C 33 7.44 -1.34 -3.58
CA PHE C 33 7.94 -0.08 -3.04
C PHE C 33 7.64 1.10 -3.95
N MET C 34 7.79 0.89 -5.26
CA MET C 34 7.57 1.92 -6.27
C MET C 34 6.12 2.36 -6.36
N ARG C 35 5.20 1.45 -6.04
CA ARG C 35 3.76 1.74 -6.02
C ARG C 35 3.43 2.79 -4.96
N ASN C 36 4.08 2.66 -3.81
CA ASN C 36 3.92 3.60 -2.71
C ASN C 36 4.70 4.88 -2.98
N PHE C 37 5.79 4.76 -3.74
CA PHE C 37 6.66 5.88 -4.07
C PHE C 37 6.07 6.79 -5.13
N GLN C 38 5.42 6.19 -6.12
CA GLN C 38 4.77 6.92 -7.21
C GLN C 38 3.46 7.56 -6.78
N LYS C 39 2.75 6.90 -5.86
CA LYS C 39 1.44 7.32 -5.34
C LYS C 39 1.52 8.49 -4.35
N GLY C 40 2.45 8.38 -3.39
CA GLY C 40 2.67 9.42 -2.38
C GLY C 40 2.54 8.98 -0.93
N GLN C 41 3.17 7.86 -0.59
CA GLN C 41 3.09 7.28 0.76
C GLN C 41 4.46 6.86 1.31
N VAL C 42 5.53 7.39 0.72
CA VAL C 42 6.89 7.04 1.14
C VAL C 42 7.29 7.75 2.44
N SER C 43 7.89 6.99 3.35
CA SER C 43 8.32 7.52 4.64
C SER C 43 9.64 8.30 4.55
N ARG C 44 9.96 9.01 5.64
CA ARG C 44 11.23 9.72 5.74
C ARG C 44 12.37 8.72 5.84
N GLU C 45 12.14 7.64 6.59
CA GLU C 45 13.13 6.58 6.79
C GLU C 45 13.41 5.82 5.49
N GLY C 46 12.35 5.57 4.72
CA GLY C 46 12.44 4.88 3.44
C GLY C 46 13.13 5.68 2.37
N PHE C 47 12.94 6.99 2.41
CA PHE C 47 13.54 7.90 1.44
C PHE C 47 15.05 8.04 1.64
N LYS C 48 15.47 8.09 2.90
CA LYS C 48 16.89 8.17 3.25
C LYS C 48 17.64 6.92 2.79
N LEU C 49 16.98 5.76 2.88
CA LEU C 49 17.57 4.48 2.50
C LEU C 49 17.76 4.36 0.99
N VAL C 50 16.77 4.82 0.24
CA VAL C 50 16.79 4.76 -1.21
C VAL C 50 17.87 5.65 -1.81
N MET C 51 17.94 6.88 -1.30
CA MET C 51 18.91 7.86 -1.77
C MET C 51 20.34 7.43 -1.44
N ALA C 52 20.49 6.77 -0.29
CA ALA C 52 21.77 6.18 0.11
C ALA C 52 22.20 5.10 -0.86
N SER C 53 21.23 4.28 -1.28
CA SER C 53 21.47 3.22 -2.25
C SER C 53 21.78 3.80 -3.62
N LEU C 54 21.09 4.89 -3.96
CA LEU C 54 21.30 5.60 -5.23
C LEU C 54 22.67 6.26 -5.31
N TYR C 55 23.19 6.67 -4.16
CA TYR C 55 24.53 7.25 -4.06
C TYR C 55 25.59 6.29 -4.58
N HIS C 56 25.58 5.06 -4.07
CA HIS C 56 26.56 4.02 -4.40
C HIS C 56 26.49 3.62 -5.84
N ILE C 57 25.27 3.60 -6.39
CA ILE C 57 25.06 3.20 -7.77
C ILE C 57 25.58 4.26 -8.74
N TYR C 58 25.22 5.52 -8.51
CA TYR C 58 25.66 6.61 -9.38
C TYR C 58 27.14 6.90 -9.24
N THR C 59 27.69 6.71 -8.03
CA THR C 59 29.12 6.88 -7.81
C THR C 59 29.88 5.90 -8.70
N ALA C 60 29.44 4.65 -8.69
CA ALA C 60 30.01 3.59 -9.49
C ALA C 60 29.81 3.84 -10.98
N LEU C 61 28.59 4.20 -11.35
CA LEU C 61 28.22 4.40 -12.75
C LEU C 61 29.09 5.47 -13.39
N GLU C 62 29.16 6.62 -12.74
CA GLU C 62 29.91 7.76 -13.24
C GLU C 62 31.41 7.56 -13.15
N GLU C 63 31.85 6.71 -12.23
CA GLU C 63 33.24 6.31 -12.12
C GLU C 63 33.66 5.53 -13.38
N GLU C 64 32.74 4.74 -13.90
CA GLU C 64 32.96 3.94 -15.10
C GLU C 64 32.74 4.75 -16.37
N ILE C 65 31.92 5.80 -16.28
CA ILE C 65 31.72 6.76 -17.37
C ILE C 65 33.01 7.55 -17.63
N GLU C 66 33.64 8.03 -16.57
CA GLU C 66 34.89 8.79 -16.64
C GLU C 66 36.04 7.92 -17.12
N ARG C 67 35.97 6.64 -16.79
CA ARG C 67 36.97 5.67 -17.19
C ARG C 67 36.92 5.46 -18.70
N ASN C 68 35.69 5.43 -19.22
CA ASN C 68 35.45 5.21 -20.65
C ASN C 68 34.83 6.41 -21.34
N LYS C 69 35.22 7.61 -20.93
CA LYS C 69 34.69 8.82 -21.55
C LYS C 69 35.29 9.06 -22.93
N GLN C 70 36.53 8.61 -23.13
CA GLN C 70 37.26 8.82 -24.38
C GLN C 70 36.93 7.75 -25.42
N ASN C 71 36.31 6.66 -24.96
CA ASN C 71 35.98 5.50 -25.80
C ASN C 71 34.78 5.75 -26.71
N PRO C 72 34.94 5.59 -28.04
CA PRO C 72 33.85 5.84 -29.01
C PRO C 72 32.56 5.05 -28.76
N VAL C 73 32.66 3.95 -28.00
CA VAL C 73 31.49 3.15 -27.65
C VAL C 73 30.58 3.79 -26.60
N TYR C 74 31.09 4.86 -25.96
CA TYR C 74 30.30 5.65 -24.99
C TYR C 74 30.42 7.18 -25.20
N ALA C 75 31.53 7.62 -25.78
CA ALA C 75 31.88 9.05 -25.96
C ALA C 75 30.74 10.00 -26.40
N PRO C 76 29.90 9.57 -27.37
CA PRO C 76 28.78 10.42 -27.80
C PRO C 76 27.79 10.77 -26.69
N LEU C 77 27.77 9.99 -25.62
CA LEU C 77 26.82 10.19 -24.51
C LEU C 77 27.45 10.86 -23.28
N TYR C 78 28.65 11.40 -23.46
CA TYR C 78 29.39 11.99 -22.35
C TYR C 78 28.89 13.39 -22.02
N PHE C 79 28.19 13.51 -20.90
CA PHE C 79 27.64 14.79 -20.43
C PHE C 79 27.86 14.91 -18.93
N PRO C 80 29.10 15.22 -18.52
CA PRO C 80 29.41 15.25 -17.09
C PRO C 80 28.71 16.38 -16.34
N GLU C 81 28.83 17.61 -16.84
CA GLU C 81 28.28 18.77 -16.15
C GLU C 81 26.76 18.79 -16.24
N GLU C 82 26.23 18.16 -17.28
CA GLU C 82 24.80 18.17 -17.55
C GLU C 82 24.05 17.12 -16.73
N LEU C 83 24.55 15.89 -16.74
CA LEU C 83 23.82 14.74 -16.19
C LEU C 83 24.32 14.14 -14.88
N HIS C 84 25.64 14.18 -14.65
CA HIS C 84 26.26 13.44 -13.55
C HIS C 84 25.73 13.83 -12.20
N ARG C 85 25.30 12.81 -11.48
CA ARG C 85 24.50 12.96 -10.26
C ARG C 85 25.26 12.67 -8.96
N ARG C 86 26.51 12.22 -9.07
CA ARG C 86 27.33 11.89 -7.89
C ARG C 86 27.56 13.12 -7.02
N ALA C 87 27.82 14.26 -7.66
CA ALA C 87 28.00 15.53 -6.95
C ALA C 87 26.73 15.92 -6.19
N ALA C 88 25.58 15.66 -6.82
CA ALA C 88 24.28 15.96 -6.22
C ALA C 88 24.00 15.10 -4.99
N LEU C 89 24.24 13.80 -5.14
CA LEU C 89 24.01 12.82 -4.09
C LEU C 89 24.97 13.02 -2.92
N GLU C 90 26.17 13.51 -3.21
CA GLU C 90 27.20 13.84 -2.21
C GLU C 90 26.68 14.88 -1.23
N GLN C 91 25.97 15.86 -1.77
CA GLN C 91 25.40 16.94 -0.98
C GLN C 91 24.20 16.47 -0.18
N ASP C 92 23.42 15.56 -0.77
CA ASP C 92 22.20 15.04 -0.16
C ASP C 92 22.51 14.14 1.03
N MET C 93 23.55 13.32 0.90
CA MET C 93 23.97 12.43 1.98
C MET C 93 24.46 13.23 3.18
N ALA C 94 25.05 14.39 2.92
CA ALA C 94 25.44 15.30 3.98
C ALA C 94 24.21 15.87 4.70
N PHE C 95 23.13 16.04 3.96
CA PHE C 95 21.89 16.56 4.53
C PHE C 95 21.13 15.52 5.35
N TRP C 96 21.01 14.32 4.80
CA TRP C 96 20.20 13.25 5.40
C TRP C 96 20.90 12.51 6.50
N TYR C 97 22.17 12.18 6.29
CA TYR C 97 22.92 11.34 7.22
C TYR C 97 23.87 12.12 8.14
N GLY C 98 24.12 13.38 7.78
CA GLY C 98 24.94 14.28 8.62
C GLY C 98 26.36 14.47 8.14
N PRO C 99 27.24 15.00 9.02
CA PRO C 99 28.63 15.28 8.65
C PRO C 99 29.42 14.00 8.39
N HIS C 100 29.26 13.01 9.26
CA HIS C 100 29.92 11.71 9.13
C HIS C 100 29.05 10.73 8.39
N TRP C 101 28.59 11.14 7.21
CA TRP C 101 27.69 10.33 6.39
C TRP C 101 28.40 9.19 5.70
N GLN C 102 29.71 9.34 5.54
CA GLN C 102 30.54 8.31 4.90
C GLN C 102 30.41 6.94 5.57
N GLU C 103 30.49 6.91 6.90
CA GLU C 103 30.34 5.69 7.69
C GLU C 103 28.88 5.33 7.96
N ALA C 104 28.04 6.34 8.03
CA ALA C 104 26.64 6.17 8.46
C ALA C 104 25.77 5.49 7.42
N ILE C 105 25.98 5.83 6.15
CA ILE C 105 25.14 5.34 5.05
C ILE C 105 25.23 3.81 4.91
N PRO C 106 24.10 3.16 4.63
CA PRO C 106 24.11 1.72 4.45
C PRO C 106 24.51 1.32 3.03
N TYR C 107 25.17 0.17 2.92
CA TYR C 107 25.59 -0.40 1.64
C TYR C 107 24.98 -1.80 1.50
N THR C 108 23.68 -1.81 1.25
CA THR C 108 22.87 -3.02 1.16
C THR C 108 23.30 -3.97 0.02
N PRO C 109 23.11 -5.30 0.22
CA PRO C 109 23.50 -6.34 -0.75
C PRO C 109 23.07 -6.08 -2.21
N ALA C 110 21.82 -5.65 -2.41
CA ALA C 110 21.29 -5.38 -3.75
C ALA C 110 21.98 -4.20 -4.41
N THR C 111 22.37 -3.21 -3.60
CA THR C 111 23.16 -2.06 -4.07
C THR C 111 24.57 -2.50 -4.45
N GLN C 112 25.16 -3.36 -3.61
CA GLN C 112 26.48 -3.93 -3.88
C GLN C 112 26.47 -4.72 -5.17
N HIS C 113 25.38 -5.43 -5.40
CA HIS C 113 25.22 -6.26 -6.59
C HIS C 113 25.11 -5.40 -7.81
N TYR C 114 24.43 -4.27 -7.67
CA TYR C 114 24.25 -3.30 -8.74
C TYR C 114 25.59 -2.68 -9.09
N VAL C 115 26.30 -2.23 -8.05
CA VAL C 115 27.63 -1.63 -8.19
C VAL C 115 28.62 -2.62 -8.81
N LYS C 116 28.51 -3.88 -8.35
CA LYS C 116 29.34 -4.98 -8.85
C LYS C 116 29.23 -5.16 -10.37
N ARG C 117 27.99 -5.09 -10.86
CA ARG C 117 27.71 -5.21 -12.29
C ARG C 117 28.17 -4.01 -13.10
N LEU C 118 28.06 -2.82 -12.51
CA LEU C 118 28.48 -1.58 -13.15
C LEU C 118 29.98 -1.53 -13.38
N HIS C 119 30.75 -2.00 -12.39
CA HIS C 119 32.20 -2.05 -12.49
C HIS C 119 32.64 -3.15 -13.41
N GLU C 120 31.87 -4.22 -13.42
CA GLU C 120 32.11 -5.37 -14.29
C GLU C 120 31.90 -4.96 -15.75
N VAL C 121 30.83 -4.21 -16.01
CA VAL C 121 30.51 -3.72 -17.34
C VAL C 121 31.55 -2.72 -17.83
N GLY C 122 31.72 -1.63 -17.08
CA GLY C 122 32.62 -0.56 -17.48
C GLY C 122 34.07 -1.02 -17.59
N GLY C 123 34.42 -2.04 -16.81
CA GLY C 123 35.79 -2.53 -16.76
C GLY C 123 36.13 -3.43 -17.92
N THR C 124 35.39 -4.53 -18.05
CA THR C 124 35.74 -5.59 -19.00
C THR C 124 35.15 -5.32 -20.38
N HIS C 125 33.82 -5.17 -20.46
CA HIS C 125 33.14 -4.88 -21.73
C HIS C 125 32.24 -3.67 -21.65
N PRO C 126 32.82 -2.48 -21.92
CA PRO C 126 32.16 -1.19 -21.66
C PRO C 126 31.27 -0.72 -22.79
N GLU C 127 31.17 -1.49 -23.87
CA GLU C 127 30.26 -1.16 -24.96
C GLU C 127 28.79 -1.37 -24.54
N LEU C 128 28.58 -2.06 -23.41
CA LEU C 128 27.26 -2.24 -22.83
C LEU C 128 26.91 -1.14 -21.82
N LEU C 129 27.82 -0.19 -21.63
CA LEU C 129 27.66 0.87 -20.63
C LEU C 129 26.52 1.81 -20.98
N VAL C 130 26.30 1.99 -22.29
CA VAL C 130 25.21 2.81 -22.82
C VAL C 130 23.83 2.38 -22.29
N ALA C 131 23.68 1.07 -22.07
CA ALA C 131 22.43 0.50 -21.55
C ALA C 131 22.13 1.00 -20.15
N HIS C 132 23.16 1.11 -19.31
CA HIS C 132 23.00 1.55 -17.93
C HIS C 132 22.80 3.02 -17.79
N ALA C 133 23.47 3.79 -18.66
CA ALA C 133 23.28 5.23 -18.73
C ALA C 133 21.85 5.56 -19.15
N TYR C 134 21.39 4.85 -20.18
CA TYR C 134 20.01 4.97 -20.68
C TYR C 134 18.99 4.71 -19.58
N THR C 135 19.21 3.63 -18.81
CA THR C 135 18.27 3.19 -17.79
C THR C 135 18.14 4.17 -16.63
N ARG C 136 19.25 4.80 -16.24
CA ARG C 136 19.26 5.69 -15.08
C ARG C 136 18.89 7.14 -15.42
N TYR C 137 19.59 7.73 -16.38
CA TYR C 137 19.45 9.16 -16.70
C TYR C 137 18.13 9.53 -17.38
N LEU C 138 17.76 8.77 -18.42
CA LEU C 138 16.50 9.01 -19.13
C LEU C 138 15.31 8.70 -18.23
N GLY C 139 15.54 7.82 -17.24
CA GLY C 139 14.54 7.46 -16.26
C GLY C 139 14.26 8.55 -15.26
N ASP C 140 15.21 9.46 -15.08
CA ASP C 140 15.14 10.55 -14.09
C ASP C 140 14.77 11.93 -14.65
N LEU C 141 14.84 12.07 -15.97
CA LEU C 141 14.42 13.29 -16.64
C LEU C 141 12.88 13.40 -16.74
N SER C 142 12.22 12.24 -16.78
CA SER C 142 10.76 12.15 -16.87
C SER C 142 10.17 11.48 -15.64
N GLY C 143 10.71 10.32 -15.29
CA GLY C 143 10.27 9.56 -14.12
C GLY C 143 10.93 10.02 -12.84
N GLY C 144 11.35 11.29 -12.82
CA GLY C 144 11.93 11.93 -11.64
C GLY C 144 11.13 13.13 -11.19
N GLN C 145 10.51 13.84 -12.13
CA GLN C 145 9.70 15.01 -11.79
C GLN C 145 8.43 14.70 -11.01
N VAL C 146 7.86 13.52 -11.29
CA VAL C 146 6.67 13.02 -10.58
C VAL C 146 7.04 12.60 -9.15
N LEU C 147 8.22 12.02 -9.02
CA LEU C 147 8.70 11.57 -7.71
C LEU C 147 9.20 12.73 -6.83
N LYS C 148 9.53 13.86 -7.46
CA LYS C 148 10.00 15.06 -6.77
C LYS C 148 8.89 15.73 -5.95
N LYS C 149 7.68 15.76 -6.51
CA LYS C 149 6.52 16.35 -5.84
C LYS C 149 6.10 15.55 -4.60
N ILE C 150 6.35 14.24 -4.64
CA ILE C 150 6.09 13.34 -3.52
C ILE C 150 7.01 13.68 -2.34
N ALA C 151 8.24 14.07 -2.65
CA ALA C 151 9.25 14.48 -1.66
C ALA C 151 9.21 15.99 -1.35
N GLN C 152 7.99 16.50 -1.18
CA GLN C 152 7.74 17.92 -0.87
C GLN C 152 6.60 18.06 0.12
N LYS C 153 5.51 17.34 -0.13
CA LYS C 153 4.31 17.39 0.70
C LYS C 153 4.29 16.29 1.76
N ALA C 154 4.54 15.06 1.32
CA ALA C 154 4.40 13.87 2.16
C ALA C 154 5.40 13.81 3.34
N MET C 155 6.57 14.40 3.15
CA MET C 155 7.62 14.41 4.18
C MET C 155 8.07 15.82 4.61
N ALA C 156 7.64 16.83 3.86
CA ALA C 156 7.77 18.23 4.24
C ALA C 156 9.22 18.69 4.44
N LEU C 157 9.94 18.82 3.32
CA LEU C 157 11.31 19.34 3.35
C LEU C 157 11.34 20.84 3.09
N PRO C 158 12.47 21.52 3.36
CA PRO C 158 12.51 22.95 3.09
C PRO C 158 12.42 23.28 1.60
N SER C 159 11.96 24.48 1.29
CA SER C 159 11.82 24.93 -0.09
C SER C 159 13.18 25.20 -0.76
N SER C 160 14.24 25.22 0.04
CA SER C 160 15.58 25.56 -0.44
C SER C 160 16.12 24.63 -1.53
N GLY C 161 15.67 23.38 -1.52
CA GLY C 161 16.12 22.39 -2.47
C GLY C 161 17.22 21.52 -1.90
N GLU C 162 17.24 21.43 -0.57
CA GLU C 162 18.15 20.54 0.14
C GLU C 162 17.50 19.19 0.38
N GLY C 163 18.27 18.13 0.11
CA GLY C 163 17.77 16.76 0.18
C GLY C 163 17.33 16.24 -1.17
N LEU C 164 16.90 17.15 -2.03
CA LEU C 164 16.42 16.81 -3.37
C LEU C 164 17.34 17.40 -4.45
N ALA C 165 18.65 17.38 -4.17
CA ALA C 165 19.68 17.85 -5.10
C ALA C 165 19.83 16.89 -6.26
N PHE C 166 19.57 15.61 -5.97
CA PHE C 166 19.61 14.52 -6.94
C PHE C 166 18.66 14.76 -8.09
N PHE C 167 17.49 15.32 -7.79
CA PHE C 167 16.44 15.53 -8.77
C PHE C 167 16.62 16.83 -9.56
N THR C 168 17.48 17.72 -9.07
CA THR C 168 17.73 19.00 -9.73
C THR C 168 18.89 18.91 -10.71
N PHE C 169 18.64 19.39 -11.95
CA PHE C 169 19.65 19.51 -13.00
C PHE C 169 19.90 20.99 -13.32
N PRO C 170 20.90 21.61 -12.66
CA PRO C 170 21.16 23.03 -12.86
C PRO C 170 21.67 23.36 -14.26
N SER C 171 22.46 22.46 -14.84
CA SER C 171 23.05 22.66 -16.16
C SER C 171 22.14 22.22 -17.31
N ILE C 172 20.84 22.11 -17.00
CA ILE C 172 19.82 21.84 -18.01
C ILE C 172 18.70 22.86 -17.89
N ASP C 173 18.66 23.81 -18.84
CA ASP C 173 17.60 24.82 -18.90
C ASP C 173 16.31 24.19 -19.42
N ASN C 174 16.43 23.38 -20.48
CA ASN C 174 15.30 22.70 -21.09
C ASN C 174 15.46 21.18 -21.06
N PRO C 175 14.77 20.50 -20.10
CA PRO C 175 14.84 19.04 -19.98
C PRO C 175 14.31 18.32 -21.21
N THR C 176 13.40 18.98 -21.93
CA THR C 176 12.79 18.42 -23.13
C THR C 176 13.79 18.28 -24.28
N LYS C 177 14.52 19.36 -24.53
CA LYS C 177 15.47 19.44 -25.66
C LYS C 177 16.69 18.56 -25.45
N PHE C 178 17.16 18.49 -24.20
CA PHE C 178 18.32 17.68 -23.87
C PHE C 178 18.01 16.18 -23.96
N LYS C 179 16.77 15.83 -23.67
CA LYS C 179 16.34 14.44 -23.79
C LYS C 179 16.34 14.01 -25.26
N GLN C 180 16.02 14.95 -26.16
CA GLN C 180 16.04 14.73 -27.60
C GLN C 180 17.46 14.61 -28.15
N LEU C 181 18.38 15.38 -27.58
CA LEU C 181 19.81 15.31 -27.90
C LEU C 181 20.40 13.96 -27.50
N TYR C 182 20.02 13.49 -26.32
CA TYR C 182 20.53 12.23 -25.77
C TYR C 182 20.23 11.08 -26.71
N ARG C 183 18.97 10.98 -27.09
CA ARG C 183 18.49 9.90 -27.96
C ARG C 183 19.11 10.02 -29.34
N ALA C 184 19.28 11.25 -29.81
CA ALA C 184 19.90 11.55 -31.10
C ALA C 184 21.36 11.09 -31.16
N ARG C 185 22.07 11.28 -30.04
CA ARG C 185 23.45 10.85 -29.91
C ARG C 185 23.50 9.34 -29.78
N MET C 186 22.49 8.79 -29.12
CA MET C 186 22.39 7.36 -28.84
C MET C 186 22.16 6.57 -30.13
N ASN C 187 21.50 7.22 -31.08
CA ASN C 187 21.22 6.62 -32.38
C ASN C 187 22.38 6.66 -33.37
N THR C 188 23.27 7.64 -33.18
CA THR C 188 24.48 7.78 -33.99
C THR C 188 25.61 6.88 -33.49
N LEU C 189 25.42 6.32 -32.30
CA LEU C 189 26.39 5.43 -31.68
C LEU C 189 26.54 4.09 -32.41
N GLU C 190 27.68 3.91 -33.06
CA GLU C 190 27.92 2.81 -34.00
C GLU C 190 28.28 1.50 -33.32
N MET C 191 27.66 0.42 -33.80
CA MET C 191 27.84 -0.92 -33.23
C MET C 191 27.39 -2.02 -34.19
N THR C 192 27.90 -3.24 -33.97
CA THR C 192 27.50 -4.41 -34.75
C THR C 192 26.14 -4.90 -34.25
N PRO C 193 25.36 -5.60 -35.11
CA PRO C 193 24.05 -6.14 -34.75
C PRO C 193 24.09 -7.05 -33.53
N GLU C 194 25.24 -7.69 -33.32
CA GLU C 194 25.46 -8.55 -32.17
C GLU C 194 25.52 -7.73 -30.91
N VAL C 195 26.32 -6.67 -30.94
CA VAL C 195 26.50 -5.78 -29.81
C VAL C 195 25.23 -5.00 -29.51
N LYS C 196 24.48 -4.64 -30.58
CA LYS C 196 23.21 -3.94 -30.45
C LYS C 196 22.22 -4.78 -29.65
N HIS C 197 22.20 -6.08 -29.91
CA HIS C 197 21.36 -7.02 -29.19
C HIS C 197 21.84 -7.17 -27.79
N ARG C 198 23.16 -7.18 -27.63
CA ARG C 198 23.82 -7.33 -26.33
C ARG C 198 23.54 -6.11 -25.44
N VAL C 199 23.38 -4.95 -26.08
CA VAL C 199 23.10 -3.69 -25.39
C VAL C 199 21.68 -3.68 -24.85
N THR C 200 20.73 -4.04 -25.71
CA THR C 200 19.32 -4.09 -25.33
C THR C 200 19.06 -5.18 -24.32
N GLU C 201 19.91 -6.21 -24.35
CA GLU C 201 19.87 -7.29 -23.39
C GLU C 201 20.36 -6.82 -22.03
N GLU C 202 21.39 -5.98 -22.03
CA GLU C 202 21.96 -5.43 -20.80
C GLU C 202 21.04 -4.37 -20.20
N ALA C 203 20.34 -3.65 -21.07
CA ALA C 203 19.33 -2.67 -20.67
C ALA C 203 18.24 -3.33 -19.84
N LYS C 204 17.87 -4.55 -20.26
CA LYS C 204 16.89 -5.37 -19.56
C LYS C 204 17.42 -5.82 -18.20
N THR C 205 18.70 -6.18 -18.15
CA THR C 205 19.38 -6.57 -16.90
C THR C 205 19.41 -5.40 -15.93
N ALA C 206 19.65 -4.20 -16.47
CA ALA C 206 19.75 -2.98 -15.70
C ALA C 206 18.47 -2.68 -14.94
N PHE C 207 17.34 -2.87 -15.63
CA PHE C 207 16.01 -2.69 -15.04
C PHE C 207 15.79 -3.68 -13.92
N LEU C 208 16.19 -4.94 -14.17
CA LEU C 208 16.03 -6.02 -13.21
C LEU C 208 16.78 -5.73 -11.91
N LEU C 209 18.00 -5.22 -12.05
CA LEU C 209 18.85 -4.82 -10.92
C LEU C 209 18.18 -3.73 -10.09
N ASN C 210 17.47 -2.83 -10.78
CA ASN C 210 16.73 -1.73 -10.15
C ASN C 210 15.48 -2.23 -9.44
N ILE C 211 14.79 -3.20 -10.06
CA ILE C 211 13.55 -3.76 -9.52
C ILE C 211 13.82 -4.51 -8.22
N GLU C 212 14.82 -5.39 -8.27
CA GLU C 212 15.14 -6.22 -7.12
C GLU C 212 15.77 -5.40 -5.99
N LEU C 213 16.28 -4.23 -6.33
CA LEU C 213 16.77 -3.27 -5.33
C LEU C 213 15.60 -2.69 -4.55
N PHE C 214 14.56 -2.25 -5.27
CA PHE C 214 13.38 -1.67 -4.63
C PHE C 214 12.60 -2.73 -3.86
N GLU C 215 12.58 -3.95 -4.40
CA GLU C 215 11.96 -5.11 -3.76
C GLU C 215 12.66 -5.47 -2.45
N GLU C 216 13.97 -5.25 -2.40
CA GLU C 216 14.76 -5.53 -1.19
C GLU C 216 14.56 -4.48 -0.11
N LEU C 217 14.69 -3.21 -0.50
CA LEU C 217 14.58 -2.11 0.44
C LEU C 217 13.22 -2.05 1.14
N GLN C 218 12.18 -2.51 0.45
CA GLN C 218 10.84 -2.65 1.02
C GLN C 218 10.84 -3.65 2.17
N ALA C 219 11.59 -4.74 1.98
CA ALA C 219 11.70 -5.80 3.00
C ALA C 219 12.33 -5.30 4.29
N LEU C 220 13.32 -4.42 4.16
CA LEU C 220 14.08 -3.90 5.30
C LEU C 220 13.31 -2.89 6.13
N LEU C 221 12.46 -2.11 5.48
CA LEU C 221 11.72 -1.02 6.15
C LEU C 221 10.75 -1.52 7.20
N THR C 222 9.88 -2.46 6.81
CA THR C 222 8.94 -3.08 7.75
C THR C 222 9.63 -4.19 8.55
N GLU C 223 10.24 -3.81 9.67
CA GLU C 223 10.97 -4.74 10.53
C GLU C 223 10.32 -4.89 11.91
N MET D 9 -1.08 -20.33 -36.72
CA MET D 9 0.22 -20.11 -37.40
C MET D 9 1.14 -19.23 -36.55
N SER D 10 1.63 -19.80 -35.46
CA SER D 10 2.58 -19.16 -34.55
C SER D 10 2.08 -17.84 -33.95
N GLN D 11 0.77 -17.76 -33.73
CA GLN D 11 0.13 -16.59 -33.13
C GLN D 11 0.36 -16.54 -31.62
N ASP D 12 0.47 -15.32 -31.09
CA ASP D 12 0.60 -15.10 -29.65
C ASP D 12 -0.58 -15.70 -28.89
N LEU D 13 -0.31 -16.32 -27.73
CA LEU D 13 -1.32 -17.00 -26.94
C LEU D 13 -2.40 -16.05 -26.40
N SER D 14 -1.98 -14.86 -26.00
CA SER D 14 -2.88 -13.84 -25.47
C SER D 14 -3.90 -13.42 -26.51
N GLU D 15 -3.44 -13.18 -27.73
CA GLU D 15 -4.31 -12.81 -28.85
C GLU D 15 -5.16 -14.00 -29.31
N ALA D 16 -4.59 -15.20 -29.18
CA ALA D 16 -5.24 -16.45 -29.62
C ALA D 16 -6.40 -16.82 -28.73
N LEU D 17 -6.25 -16.58 -27.43
CA LEU D 17 -7.30 -16.87 -26.45
C LEU D 17 -8.47 -15.92 -26.60
N LYS D 18 -8.16 -14.69 -27.02
CA LYS D 18 -9.16 -13.66 -27.24
C LYS D 18 -10.13 -14.03 -28.36
N GLU D 19 -9.60 -14.57 -29.46
CA GLU D 19 -10.42 -14.96 -30.61
C GLU D 19 -11.32 -16.17 -30.33
N ALA D 20 -10.77 -17.14 -29.60
CA ALA D 20 -11.46 -18.39 -29.31
C ALA D 20 -12.58 -18.20 -28.29
N THR D 21 -12.32 -17.37 -27.28
CA THR D 21 -13.29 -17.10 -26.23
C THR D 21 -14.32 -16.05 -26.67
N LYS D 22 -14.07 -15.41 -27.80
CA LYS D 22 -14.98 -14.42 -28.38
C LYS D 22 -16.35 -15.01 -28.66
N GLU D 23 -16.36 -16.26 -29.10
CA GLU D 23 -17.59 -16.97 -29.41
C GLU D 23 -18.44 -17.18 -28.16
N VAL D 24 -17.77 -17.48 -27.05
CA VAL D 24 -18.43 -17.82 -25.77
C VAL D 24 -18.54 -16.67 -24.75
N HIS D 25 -17.75 -15.62 -24.93
CA HIS D 25 -17.83 -14.48 -24.02
C HIS D 25 -19.03 -13.60 -24.26
N ILE D 26 -19.36 -13.40 -25.53
CA ILE D 26 -20.53 -12.61 -25.91
C ILE D 26 -21.83 -13.25 -25.41
N ARG D 27 -21.88 -14.58 -25.43
CA ARG D 27 -23.00 -15.32 -24.85
C ARG D 27 -22.97 -15.25 -23.33
N ALA D 28 -21.77 -15.30 -22.76
CA ALA D 28 -21.58 -15.16 -21.33
C ALA D 28 -22.03 -13.77 -20.85
N GLU D 29 -21.71 -12.75 -21.66
CA GLU D 29 -22.08 -11.35 -21.41
C GLU D 29 -23.59 -11.13 -21.52
N ASN D 30 -24.22 -11.85 -22.46
CA ASN D 30 -25.66 -11.78 -22.68
C ASN D 30 -26.43 -12.90 -21.99
N SER D 31 -25.92 -13.36 -20.85
CA SER D 31 -26.59 -14.37 -20.03
C SER D 31 -27.80 -13.79 -19.29
N GLU D 32 -28.67 -14.68 -18.84
CA GLU D 32 -29.87 -14.27 -18.13
C GLU D 32 -29.51 -13.58 -16.82
N PHE D 33 -28.67 -14.24 -16.03
CA PHE D 33 -28.28 -13.70 -14.73
C PHE D 33 -27.37 -12.49 -14.84
N MET D 34 -26.49 -12.51 -15.83
CA MET D 34 -25.54 -11.41 -16.06
C MET D 34 -26.21 -10.13 -16.56
N ARG D 35 -27.27 -10.28 -17.33
CA ARG D 35 -28.03 -9.12 -17.79
C ARG D 35 -28.75 -8.44 -16.62
N ASN D 36 -29.18 -9.25 -15.64
CA ASN D 36 -29.76 -8.74 -14.39
C ASN D 36 -28.69 -8.06 -13.53
N PHE D 37 -27.50 -8.64 -13.54
CA PHE D 37 -26.37 -8.17 -12.74
C PHE D 37 -25.74 -6.89 -13.31
N GLN D 38 -25.65 -6.82 -14.63
CA GLN D 38 -25.07 -5.68 -15.32
C GLN D 38 -25.94 -4.42 -15.19
N LYS D 39 -27.25 -4.58 -15.38
CA LYS D 39 -28.21 -3.48 -15.25
C LYS D 39 -28.37 -3.00 -13.81
N GLY D 40 -28.25 -3.93 -12.87
CA GLY D 40 -28.34 -3.63 -11.44
C GLY D 40 -29.48 -4.32 -10.72
N GLN D 41 -30.33 -5.02 -11.47
CA GLN D 41 -31.48 -5.71 -10.90
C GLN D 41 -31.08 -7.10 -10.42
N VAL D 42 -30.07 -7.15 -9.56
CA VAL D 42 -29.60 -8.41 -8.97
C VAL D 42 -30.14 -8.62 -7.56
N SER D 43 -30.63 -9.82 -7.29
CA SER D 43 -31.20 -10.16 -6.00
C SER D 43 -30.15 -10.22 -4.91
N ARG D 44 -30.53 -9.83 -3.69
CA ARG D 44 -29.62 -9.82 -2.54
C ARG D 44 -29.22 -11.23 -2.11
N GLU D 45 -30.19 -12.13 -2.11
CA GLU D 45 -29.98 -13.54 -1.74
C GLU D 45 -29.11 -14.25 -2.79
N GLY D 46 -29.35 -13.91 -4.04
CA GLY D 46 -28.62 -14.52 -5.16
C GLY D 46 -27.15 -14.12 -5.22
N PHE D 47 -26.86 -12.90 -4.76
CA PHE D 47 -25.49 -12.40 -4.67
C PHE D 47 -24.70 -13.19 -3.63
N LYS D 48 -25.38 -13.58 -2.56
CA LYS D 48 -24.80 -14.42 -1.52
C LYS D 48 -24.43 -15.80 -2.07
N LEU D 49 -25.29 -16.32 -2.94
CA LEU D 49 -25.11 -17.65 -3.53
C LEU D 49 -23.95 -17.70 -4.52
N VAL D 50 -23.85 -16.67 -5.36
CA VAL D 50 -22.79 -16.60 -6.37
C VAL D 50 -21.41 -16.44 -5.73
N MET D 51 -21.32 -15.57 -4.72
CA MET D 51 -20.08 -15.33 -4.01
C MET D 51 -19.64 -16.55 -3.20
N ALA D 52 -20.62 -17.29 -2.67
CA ALA D 52 -20.40 -18.56 -1.97
C ALA D 52 -19.76 -19.59 -2.87
N SER D 53 -20.27 -19.67 -4.11
CA SER D 53 -19.74 -20.58 -5.13
C SER D 53 -18.30 -20.22 -5.51
N LEU D 54 -18.04 -18.92 -5.55
CA LEU D 54 -16.71 -18.41 -5.90
C LEU D 54 -15.64 -18.77 -4.88
N TYR D 55 -16.03 -19.06 -3.64
CA TYR D 55 -15.06 -19.48 -2.63
C TYR D 55 -14.38 -20.80 -2.98
N HIS D 56 -15.19 -21.81 -3.26
CA HIS D 56 -14.69 -23.15 -3.53
C HIS D 56 -13.91 -23.22 -4.81
N ILE D 57 -14.29 -22.41 -5.79
CA ILE D 57 -13.64 -22.39 -7.10
C ILE D 57 -12.23 -21.81 -6.98
N TYR D 58 -12.11 -20.67 -6.31
CA TYR D 58 -10.81 -20.03 -6.09
C TYR D 58 -9.94 -20.80 -5.09
N THR D 59 -10.57 -21.43 -4.09
CA THR D 59 -9.86 -22.31 -3.15
C THR D 59 -9.16 -23.44 -3.89
N ALA D 60 -9.90 -24.11 -4.77
CA ALA D 60 -9.39 -25.19 -5.60
C ALA D 60 -8.32 -24.69 -6.57
N LEU D 61 -8.61 -23.57 -7.23
CA LEU D 61 -7.71 -22.98 -8.21
C LEU D 61 -6.38 -22.59 -7.59
N GLU D 62 -6.43 -21.77 -6.53
CA GLU D 62 -5.23 -21.27 -5.82
C GLU D 62 -4.34 -22.40 -5.29
N GLU D 63 -4.96 -23.46 -4.77
CA GLU D 63 -4.20 -24.59 -4.24
C GLU D 63 -3.49 -25.37 -5.34
N GLU D 64 -4.14 -25.48 -6.50
CA GLU D 64 -3.57 -26.12 -7.69
C GLU D 64 -2.57 -25.19 -8.39
N ILE D 65 -2.73 -23.89 -8.17
CA ILE D 65 -1.75 -22.92 -8.60
C ILE D 65 -0.51 -23.06 -7.74
N GLU D 66 -0.71 -23.24 -6.43
CA GLU D 66 0.39 -23.43 -5.47
C GLU D 66 1.12 -24.74 -5.71
N ARG D 67 0.39 -25.74 -6.23
CA ARG D 67 0.97 -27.02 -6.60
C ARG D 67 1.90 -26.88 -7.80
N ASN D 68 1.42 -26.14 -8.81
CA ASN D 68 2.14 -25.91 -10.05
C ASN D 68 2.76 -24.50 -10.13
N LYS D 69 3.21 -24.00 -8.99
CA LYS D 69 3.84 -22.68 -8.94
C LYS D 69 5.23 -22.68 -9.57
N GLN D 70 5.92 -23.81 -9.52
CA GLN D 70 7.29 -23.94 -10.05
C GLN D 70 7.35 -24.61 -11.43
N ASN D 71 6.22 -25.17 -11.87
CA ASN D 71 6.08 -25.77 -13.18
C ASN D 71 6.17 -24.72 -14.28
N PRO D 72 7.13 -24.85 -15.21
CA PRO D 72 7.32 -23.87 -16.30
C PRO D 72 6.08 -23.64 -17.17
N VAL D 73 5.13 -24.57 -17.14
CA VAL D 73 3.88 -24.43 -17.90
C VAL D 73 2.92 -23.41 -17.29
N TYR D 74 3.19 -23.02 -16.04
CA TYR D 74 2.37 -22.02 -15.32
C TYR D 74 3.18 -20.94 -14.59
N ALA D 75 4.44 -21.25 -14.27
CA ALA D 75 5.35 -20.41 -13.48
C ALA D 75 5.29 -18.89 -13.74
N PRO D 76 5.29 -18.47 -15.02
CA PRO D 76 5.24 -17.04 -15.33
C PRO D 76 3.96 -16.34 -14.85
N LEU D 77 2.91 -17.11 -14.62
CA LEU D 77 1.60 -16.55 -14.24
C LEU D 77 1.34 -16.61 -12.73
N TYR D 78 2.39 -16.90 -11.97
CA TYR D 78 2.27 -17.02 -10.52
C TYR D 78 2.30 -15.64 -9.87
N PHE D 79 1.17 -15.26 -9.27
CA PHE D 79 1.01 -13.94 -8.62
C PHE D 79 0.25 -14.03 -7.29
N PRO D 80 0.98 -14.18 -6.16
CA PRO D 80 0.31 -14.45 -4.88
C PRO D 80 -0.44 -13.25 -4.31
N GLU D 81 0.26 -12.14 -4.11
CA GLU D 81 -0.31 -10.95 -3.49
C GLU D 81 -1.29 -10.25 -4.43
N GLU D 82 -1.03 -10.38 -5.73
CA GLU D 82 -1.72 -9.60 -6.75
C GLU D 82 -3.12 -10.11 -7.07
N LEU D 83 -3.23 -11.42 -7.29
CA LEU D 83 -4.43 -12.02 -7.88
C LEU D 83 -5.21 -12.98 -6.98
N HIS D 84 -4.53 -13.68 -6.08
CA HIS D 84 -5.19 -14.69 -5.26
C HIS D 84 -6.36 -14.16 -4.48
N ARG D 85 -7.54 -14.67 -4.79
CA ARG D 85 -8.78 -14.25 -4.14
C ARG D 85 -9.24 -15.18 -3.00
N ARG D 86 -8.30 -15.92 -2.39
CA ARG D 86 -8.65 -16.84 -1.30
C ARG D 86 -8.86 -16.10 0.02
N ALA D 87 -7.84 -15.36 0.46
CA ALA D 87 -7.93 -14.51 1.64
C ALA D 87 -9.02 -13.44 1.47
N ALA D 88 -9.12 -12.90 0.25
CA ALA D 88 -10.14 -11.89 -0.07
C ALA D 88 -11.57 -12.42 -0.07
N LEU D 89 -11.70 -13.75 0.02
CA LEU D 89 -12.98 -14.44 0.14
C LEU D 89 -13.23 -15.03 1.52
N GLU D 90 -12.17 -15.49 2.19
CA GLU D 90 -12.24 -15.97 3.57
C GLU D 90 -12.63 -14.85 4.53
N GLN D 91 -12.02 -13.69 4.33
CA GLN D 91 -12.34 -12.50 5.12
C GLN D 91 -13.74 -11.99 4.76
N ASP D 92 -14.13 -12.21 3.50
CA ASP D 92 -15.39 -11.77 2.91
C ASP D 92 -16.61 -12.47 3.47
N MET D 93 -16.53 -13.81 3.53
CA MET D 93 -17.64 -14.66 3.94
C MET D 93 -17.85 -14.73 5.46
N ALA D 94 -16.85 -14.25 6.21
CA ALA D 94 -17.00 -14.05 7.65
C ALA D 94 -18.05 -12.97 7.90
N PHE D 95 -18.14 -12.01 6.97
CA PHE D 95 -19.07 -10.89 7.05
C PHE D 95 -20.45 -11.18 6.49
N TRP D 96 -20.57 -12.25 5.70
CA TRP D 96 -21.83 -12.59 5.01
C TRP D 96 -22.51 -13.84 5.50
N TYR D 97 -21.83 -14.61 6.34
CA TYR D 97 -22.41 -15.82 6.93
C TYR D 97 -22.15 -15.98 8.43
N GLY D 98 -21.15 -15.26 8.93
CA GLY D 98 -20.79 -15.32 10.34
C GLY D 98 -19.46 -16.01 10.59
N PRO D 99 -19.17 -16.33 11.87
CA PRO D 99 -17.93 -17.01 12.25
C PRO D 99 -17.86 -18.41 11.68
N HIS D 100 -18.98 -19.15 11.75
CA HIS D 100 -19.07 -20.51 11.24
C HIS D 100 -19.51 -20.55 9.80
N TRP D 101 -18.78 -19.84 8.95
CA TRP D 101 -19.10 -19.74 7.54
C TRP D 101 -18.76 -20.97 6.74
N GLN D 102 -17.82 -21.77 7.24
CA GLN D 102 -17.40 -23.02 6.57
C GLN D 102 -18.55 -23.98 6.28
N GLU D 103 -19.38 -24.24 7.30
CA GLU D 103 -20.49 -25.18 7.18
C GLU D 103 -21.77 -24.53 6.63
N ALA D 104 -21.92 -23.23 6.85
CA ALA D 104 -23.10 -22.49 6.45
C ALA D 104 -23.22 -22.32 4.93
N ILE D 105 -22.09 -22.07 4.26
CA ILE D 105 -22.08 -21.80 2.82
C ILE D 105 -22.61 -22.98 2.00
N PRO D 106 -23.39 -22.71 0.96
CA PRO D 106 -23.88 -23.78 0.10
C PRO D 106 -22.85 -24.18 -0.96
N TYR D 107 -22.83 -25.47 -1.32
CA TYR D 107 -22.00 -25.97 -2.41
C TYR D 107 -22.90 -26.49 -3.53
N THR D 108 -23.24 -25.60 -4.47
CA THR D 108 -24.14 -25.91 -5.58
C THR D 108 -23.51 -26.93 -6.54
N PRO D 109 -24.35 -27.75 -7.22
CA PRO D 109 -23.86 -28.76 -8.17
C PRO D 109 -22.88 -28.22 -9.20
N ALA D 110 -23.15 -27.02 -9.70
CA ALA D 110 -22.30 -26.37 -10.71
C ALA D 110 -20.90 -26.08 -10.17
N THR D 111 -20.80 -25.82 -8.87
CA THR D 111 -19.53 -25.51 -8.21
C THR D 111 -18.63 -26.74 -8.08
N GLN D 112 -19.22 -27.87 -7.68
CA GLN D 112 -18.47 -29.11 -7.57
C GLN D 112 -17.97 -29.53 -8.94
N HIS D 113 -18.80 -29.29 -9.97
CA HIS D 113 -18.50 -29.56 -11.38
C HIS D 113 -17.32 -28.76 -11.83
N TYR D 114 -17.30 -27.49 -11.39
CA TYR D 114 -16.21 -26.57 -11.69
C TYR D 114 -14.94 -27.00 -10.96
N VAL D 115 -15.07 -27.27 -9.66
CA VAL D 115 -13.96 -27.67 -8.80
C VAL D 115 -13.33 -28.99 -9.25
N LYS D 116 -14.16 -29.94 -9.66
CA LYS D 116 -13.70 -31.25 -10.12
C LYS D 116 -12.77 -31.14 -11.33
N ARG D 117 -13.13 -30.25 -12.25
CA ARG D 117 -12.34 -30.00 -13.46
C ARG D 117 -11.04 -29.26 -13.14
N LEU D 118 -11.07 -28.38 -12.15
CA LEU D 118 -9.90 -27.61 -11.73
C LEU D 118 -8.82 -28.47 -11.12
N HIS D 119 -9.23 -29.44 -10.29
CA HIS D 119 -8.33 -30.41 -9.68
C HIS D 119 -7.84 -31.40 -10.71
N GLU D 120 -8.71 -31.71 -11.66
CA GLU D 120 -8.39 -32.61 -12.77
C GLU D 120 -7.35 -31.96 -13.68
N VAL D 121 -7.55 -30.69 -13.99
CA VAL D 121 -6.60 -29.95 -14.82
C VAL D 121 -5.31 -29.75 -14.05
N GLY D 122 -5.39 -29.20 -12.84
CA GLY D 122 -4.21 -28.96 -11.99
C GLY D 122 -3.38 -30.20 -11.70
N GLY D 123 -4.05 -31.36 -11.61
CA GLY D 123 -3.42 -32.62 -11.23
C GLY D 123 -2.82 -33.45 -12.35
N THR D 124 -3.48 -33.46 -13.51
CA THR D 124 -3.07 -34.30 -14.66
C THR D 124 -2.81 -33.52 -15.98
N HIS D 125 -3.36 -32.32 -16.10
CA HIS D 125 -3.18 -31.48 -17.29
C HIS D 125 -2.77 -30.07 -16.92
N PRO D 126 -1.57 -29.89 -16.34
CA PRO D 126 -1.18 -28.60 -15.77
C PRO D 126 -0.96 -27.49 -16.80
N GLU D 127 -0.69 -27.90 -18.03
CA GLU D 127 -0.47 -26.96 -19.13
C GLU D 127 -1.76 -26.23 -19.54
N LEU D 128 -2.89 -26.79 -19.13
CA LEU D 128 -4.21 -26.21 -19.43
C LEU D 128 -4.73 -25.32 -18.31
N LEU D 129 -3.95 -25.21 -17.22
CA LEU D 129 -4.33 -24.41 -16.05
C LEU D 129 -4.40 -22.93 -16.39
N VAL D 130 -3.55 -22.52 -17.33
CA VAL D 130 -3.50 -21.15 -17.85
C VAL D 130 -4.87 -20.71 -18.38
N ALA D 131 -5.63 -21.67 -18.91
CA ALA D 131 -6.95 -21.42 -19.50
C ALA D 131 -7.95 -20.89 -18.47
N HIS D 132 -7.90 -21.48 -17.28
CA HIS D 132 -8.83 -21.13 -16.23
C HIS D 132 -8.41 -19.90 -15.48
N ALA D 133 -7.11 -19.72 -15.34
CA ALA D 133 -6.55 -18.50 -14.78
C ALA D 133 -6.89 -17.30 -15.66
N TYR D 134 -6.72 -17.49 -16.98
CA TYR D 134 -7.06 -16.48 -17.98
C TYR D 134 -8.50 -16.02 -17.89
N THR D 135 -9.41 -16.98 -17.82
CA THR D 135 -10.84 -16.72 -17.83
C THR D 135 -11.30 -15.93 -16.60
N ARG D 136 -10.78 -16.32 -15.45
CA ARG D 136 -11.25 -15.78 -14.17
C ARG D 136 -10.59 -14.49 -13.76
N TYR D 137 -9.25 -14.47 -13.77
CA TYR D 137 -8.51 -13.31 -13.28
C TYR D 137 -8.61 -12.12 -14.21
N LEU D 138 -8.46 -12.38 -15.51
CA LEU D 138 -8.72 -11.38 -16.53
C LEU D 138 -10.20 -11.39 -16.85
N GLY D 139 -10.91 -10.39 -16.34
CA GLY D 139 -12.36 -10.36 -16.38
C GLY D 139 -12.86 -9.78 -15.07
N ASP D 140 -12.20 -10.18 -13.98
CA ASP D 140 -12.39 -9.53 -12.68
C ASP D 140 -11.75 -8.15 -12.71
N LEU D 141 -10.70 -8.01 -13.52
CA LEU D 141 -10.08 -6.72 -13.76
C LEU D 141 -10.87 -5.91 -14.78
N SER D 142 -11.51 -6.61 -15.71
CA SER D 142 -12.25 -5.96 -16.79
C SER D 142 -13.65 -5.57 -16.33
N GLY D 143 -14.47 -6.59 -16.08
CA GLY D 143 -15.89 -6.38 -15.73
C GLY D 143 -16.20 -6.57 -14.26
N GLY D 144 -15.25 -6.17 -13.41
CA GLY D 144 -15.40 -6.24 -11.96
C GLY D 144 -15.24 -4.89 -11.28
N GLN D 145 -14.81 -3.90 -12.05
CA GLN D 145 -14.64 -2.55 -11.52
C GLN D 145 -15.97 -1.82 -11.52
N VAL D 146 -16.71 -1.98 -12.62
CA VAL D 146 -18.06 -1.42 -12.77
C VAL D 146 -19.06 -2.19 -11.90
N LEU D 147 -18.85 -3.49 -11.80
CA LEU D 147 -19.72 -4.38 -11.01
C LEU D 147 -19.61 -4.14 -9.50
N LYS D 148 -18.49 -3.58 -9.06
CA LYS D 148 -18.28 -3.24 -7.66
C LYS D 148 -19.14 -2.04 -7.27
N LYS D 149 -19.27 -1.08 -8.18
CA LYS D 149 -20.08 0.11 -7.97
C LYS D 149 -21.56 -0.23 -7.94
N ILE D 150 -21.93 -1.29 -8.67
CA ILE D 150 -23.30 -1.80 -8.74
C ILE D 150 -23.68 -2.64 -7.50
N ALA D 151 -22.67 -3.10 -6.78
CA ALA D 151 -22.85 -3.90 -5.57
C ALA D 151 -23.08 -3.03 -4.33
N GLN D 152 -22.51 -1.83 -4.33
CA GLN D 152 -22.55 -0.93 -3.18
C GLN D 152 -23.83 -0.12 -3.07
N LYS D 153 -24.26 0.47 -4.19
CA LYS D 153 -25.39 1.39 -4.21
C LYS D 153 -26.73 0.67 -4.21
N ALA D 154 -26.79 -0.46 -4.90
CA ALA D 154 -28.03 -1.24 -5.02
C ALA D 154 -28.28 -2.13 -3.80
N MET D 155 -27.23 -2.80 -3.34
CA MET D 155 -27.35 -3.73 -2.21
C MET D 155 -27.16 -3.03 -0.86
N ALA D 156 -26.77 -1.75 -0.93
CA ALA D 156 -26.49 -0.95 0.28
C ALA D 156 -25.42 -1.61 1.15
N LEU D 157 -24.20 -1.66 0.63
CA LEU D 157 -23.06 -2.25 1.33
C LEU D 157 -22.35 -1.21 2.19
N PRO D 158 -21.63 -1.65 3.24
CA PRO D 158 -20.94 -0.66 4.09
C PRO D 158 -19.76 -0.02 3.37
N SER D 159 -19.35 1.14 3.88
CA SER D 159 -18.20 1.86 3.32
C SER D 159 -16.87 1.19 3.65
N SER D 160 -16.89 0.31 4.65
CA SER D 160 -15.70 -0.41 5.08
C SER D 160 -15.08 -1.18 3.92
N GLY D 161 -15.94 -1.70 3.04
CA GLY D 161 -15.50 -2.53 1.92
C GLY D 161 -15.58 -4.00 2.27
N GLU D 162 -16.15 -4.29 3.44
CA GLU D 162 -16.32 -5.65 3.90
C GLU D 162 -17.50 -6.27 3.17
N GLY D 163 -17.30 -7.51 2.70
CA GLY D 163 -18.30 -8.22 1.91
C GLY D 163 -18.06 -8.08 0.42
N LEU D 164 -17.19 -7.14 0.05
CA LEU D 164 -16.80 -6.93 -1.34
C LEU D 164 -15.27 -6.94 -1.45
N ALA D 165 -14.62 -7.75 -0.63
CA ALA D 165 -13.15 -7.86 -0.62
C ALA D 165 -12.67 -8.60 -1.86
N PHE D 166 -13.54 -9.42 -2.43
CA PHE D 166 -13.29 -10.17 -3.66
C PHE D 166 -12.95 -9.25 -4.84
N PHE D 167 -13.64 -8.12 -4.92
CA PHE D 167 -13.45 -7.17 -6.01
C PHE D 167 -12.30 -6.20 -5.75
N THR D 168 -11.86 -6.12 -4.50
CA THR D 168 -10.79 -5.21 -4.12
C THR D 168 -9.42 -5.87 -4.36
N PHE D 169 -8.58 -5.16 -5.12
CA PHE D 169 -7.23 -5.60 -5.45
C PHE D 169 -6.22 -4.60 -4.85
N PRO D 170 -5.76 -4.84 -3.61
CA PRO D 170 -4.85 -3.88 -2.98
C PRO D 170 -3.47 -3.84 -3.62
N SER D 171 -3.00 -4.98 -4.10
CA SER D 171 -1.66 -5.10 -4.67
C SER D 171 -1.58 -4.74 -6.15
N ILE D 172 -2.73 -4.35 -6.72
CA ILE D 172 -2.81 -3.89 -8.11
C ILE D 172 -3.11 -2.39 -8.17
N ASP D 173 -2.12 -1.62 -8.60
CA ASP D 173 -2.26 -0.16 -8.67
C ASP D 173 -3.01 0.29 -9.92
N ASN D 174 -2.57 -0.21 -11.07
CA ASN D 174 -3.24 0.02 -12.35
C ASN D 174 -3.71 -1.29 -12.97
N PRO D 175 -5.03 -1.54 -13.00
CA PRO D 175 -5.57 -2.85 -13.40
C PRO D 175 -5.35 -3.18 -14.88
N THR D 176 -5.29 -2.15 -15.71
CA THR D 176 -5.11 -2.30 -17.15
C THR D 176 -3.66 -2.61 -17.51
N LYS D 177 -2.73 -2.03 -16.75
CA LYS D 177 -1.29 -2.22 -16.96
C LYS D 177 -0.86 -3.62 -16.54
N PHE D 178 -1.41 -4.08 -15.41
CA PHE D 178 -1.18 -5.43 -14.91
C PHE D 178 -1.78 -6.47 -15.86
N LYS D 179 -2.89 -6.11 -16.50
CA LYS D 179 -3.56 -7.00 -17.44
C LYS D 179 -2.67 -7.27 -18.66
N GLN D 180 -1.93 -6.26 -19.09
CA GLN D 180 -1.03 -6.39 -20.23
C GLN D 180 0.23 -7.16 -19.88
N LEU D 181 0.68 -7.02 -18.63
CA LEU D 181 1.80 -7.79 -18.11
C LEU D 181 1.45 -9.28 -18.04
N TYR D 182 0.22 -9.57 -17.65
CA TYR D 182 -0.29 -10.94 -17.57
C TYR D 182 -0.38 -11.56 -18.97
N ARG D 183 -0.79 -10.75 -19.94
CA ARG D 183 -0.83 -11.16 -21.34
C ARG D 183 0.57 -11.44 -21.86
N ALA D 184 1.52 -10.60 -21.45
CA ALA D 184 2.92 -10.72 -21.85
C ALA D 184 3.58 -11.98 -21.26
N ARG D 185 3.24 -12.28 -20.01
CA ARG D 185 3.72 -13.47 -19.32
C ARG D 185 3.12 -14.73 -19.92
N MET D 186 1.88 -14.64 -20.42
CA MET D 186 1.22 -15.78 -21.05
C MET D 186 1.89 -16.18 -22.36
N ASN D 187 2.47 -15.21 -23.04
CA ASN D 187 3.16 -15.43 -24.31
C ASN D 187 4.50 -16.12 -24.13
N THR D 188 5.03 -16.06 -22.91
CA THR D 188 6.32 -16.66 -22.54
C THR D 188 6.24 -18.17 -22.48
N LEU D 189 5.03 -18.68 -22.31
CA LEU D 189 4.80 -20.11 -22.16
C LEU D 189 5.20 -20.85 -23.42
N GLU D 190 6.29 -21.60 -23.31
CA GLU D 190 6.77 -22.46 -24.39
C GLU D 190 5.78 -23.61 -24.57
N MET D 191 5.15 -23.65 -25.74
CA MET D 191 4.19 -24.69 -26.10
C MET D 191 4.07 -24.88 -27.60
N THR D 192 3.76 -26.11 -28.02
CA THR D 192 3.53 -26.42 -29.42
C THR D 192 2.16 -25.89 -29.83
N PRO D 193 1.96 -25.57 -31.13
CA PRO D 193 0.66 -25.11 -31.62
C PRO D 193 -0.47 -26.10 -31.34
N GLU D 194 -0.11 -27.37 -31.16
CA GLU D 194 -1.06 -28.41 -30.78
C GLU D 194 -1.58 -28.18 -29.37
N VAL D 195 -0.66 -27.90 -28.45
CA VAL D 195 -0.99 -27.59 -27.06
C VAL D 195 -1.68 -26.22 -26.97
N LYS D 196 -1.24 -25.29 -27.82
CA LYS D 196 -1.79 -23.93 -27.87
C LYS D 196 -3.27 -23.93 -28.19
N HIS D 197 -3.65 -24.78 -29.15
CA HIS D 197 -5.06 -24.96 -29.51
C HIS D 197 -5.83 -25.59 -28.38
N ARG D 198 -5.19 -26.54 -27.70
CA ARG D 198 -5.81 -27.25 -26.59
C ARG D 198 -6.09 -26.33 -25.40
N VAL D 199 -5.24 -25.31 -25.25
CA VAL D 199 -5.41 -24.29 -24.20
C VAL D 199 -6.61 -23.39 -24.50
N THR D 200 -6.69 -22.92 -25.75
CA THR D 200 -7.78 -22.06 -26.19
C THR D 200 -9.09 -22.83 -26.22
N GLU D 201 -9.00 -24.14 -26.42
CA GLU D 201 -10.14 -25.03 -26.37
C GLU D 201 -10.64 -25.20 -24.94
N GLU D 202 -9.70 -25.28 -24.00
CA GLU D 202 -10.02 -25.40 -22.57
C GLU D 202 -10.56 -24.09 -22.03
N ALA D 203 -10.09 -22.99 -22.60
CA ALA D 203 -10.58 -21.66 -22.26
C ALA D 203 -12.07 -21.54 -22.55
N LYS D 204 -12.50 -22.12 -23.66
CA LYS D 204 -13.90 -22.15 -24.05
C LYS D 204 -14.72 -23.01 -23.08
N THR D 205 -14.13 -24.12 -22.63
CA THR D 205 -14.76 -24.99 -21.63
C THR D 205 -14.91 -24.24 -20.30
N ALA D 206 -13.90 -23.44 -19.96
CA ALA D 206 -13.90 -22.63 -18.76
C ALA D 206 -15.05 -21.62 -18.76
N PHE D 207 -15.30 -21.00 -19.91
CA PHE D 207 -16.42 -20.07 -20.06
C PHE D 207 -17.75 -20.80 -19.92
N LEU D 208 -17.86 -21.97 -20.53
CA LEU D 208 -19.05 -22.81 -20.45
C LEU D 208 -19.41 -23.14 -19.01
N LEU D 209 -18.38 -23.46 -18.21
CA LEU D 209 -18.54 -23.72 -16.78
C LEU D 209 -19.14 -22.53 -16.03
N ASN D 210 -18.80 -21.32 -16.47
CA ASN D 210 -19.35 -20.10 -15.90
C ASN D 210 -20.78 -19.84 -16.36
N ILE D 211 -21.05 -20.12 -17.63
CA ILE D 211 -22.39 -19.96 -18.20
C ILE D 211 -23.38 -20.92 -17.53
N GLU D 212 -22.94 -22.17 -17.37
CA GLU D 212 -23.68 -23.24 -16.70
C GLU D 212 -23.91 -22.93 -15.22
N LEU D 213 -22.99 -22.15 -14.65
CA LEU D 213 -23.10 -21.72 -13.27
C LEU D 213 -24.20 -20.67 -13.10
N PHE D 214 -24.21 -19.67 -13.98
CA PHE D 214 -25.16 -18.56 -13.93
C PHE D 214 -26.60 -19.05 -14.13
N GLU D 215 -26.77 -19.99 -15.06
CA GLU D 215 -28.08 -20.53 -15.38
C GLU D 215 -28.60 -21.42 -14.26
N GLU D 216 -27.69 -22.11 -13.56
CA GLU D 216 -28.07 -22.97 -12.45
C GLU D 216 -28.48 -22.16 -11.23
N LEU D 217 -27.74 -21.09 -10.95
CA LEU D 217 -27.99 -20.22 -9.79
C LEU D 217 -29.19 -19.27 -9.95
N GLN D 218 -29.71 -19.17 -11.18
CA GLN D 218 -30.92 -18.38 -11.48
C GLN D 218 -32.22 -19.15 -11.19
N ALA D 219 -32.20 -20.46 -11.43
CA ALA D 219 -33.35 -21.32 -11.16
C ALA D 219 -33.82 -21.26 -9.70
N LEU D 220 -32.88 -21.01 -8.79
CA LEU D 220 -33.18 -20.96 -7.35
C LEU D 220 -33.84 -19.65 -6.92
N LEU D 221 -33.40 -18.54 -7.52
CA LEU D 221 -33.87 -17.20 -7.18
C LEU D 221 -35.31 -16.90 -7.60
N THR D 222 -35.78 -17.62 -8.61
CA THR D 222 -37.11 -17.39 -9.19
C THR D 222 -38.23 -17.59 -8.15
N GLU D 223 -38.02 -18.53 -7.24
CA GLU D 223 -39.01 -18.87 -6.22
C GLU D 223 -38.91 -17.96 -5.00
N SER E 10 -18.63 -2.40 20.42
CA SER E 10 -18.85 -3.87 20.44
C SER E 10 -19.44 -4.36 19.12
N GLN E 11 -19.04 -5.55 18.70
CA GLN E 11 -19.57 -6.15 17.47
C GLN E 11 -21.03 -6.56 17.65
N ASP E 12 -21.40 -6.93 18.87
CA ASP E 12 -22.76 -7.36 19.20
C ASP E 12 -23.79 -6.23 19.09
N LEU E 13 -25.05 -6.60 18.91
CA LEU E 13 -26.11 -5.68 18.53
C LEU E 13 -26.34 -4.52 19.50
N SER E 14 -26.17 -4.77 20.79
CA SER E 14 -26.47 -3.80 21.85
C SER E 14 -25.71 -2.47 21.72
N GLU E 15 -24.39 -2.58 21.57
CA GLU E 15 -23.54 -1.39 21.46
C GLU E 15 -23.45 -0.91 20.02
N ALA E 16 -23.74 -1.80 19.07
CA ALA E 16 -23.63 -1.47 17.65
C ALA E 16 -24.69 -0.48 17.20
N LEU E 17 -25.78 -0.35 17.96
CA LEU E 17 -26.89 0.56 17.61
C LEU E 17 -26.79 1.95 18.23
N LYS E 18 -26.41 2.02 19.50
CA LYS E 18 -26.30 3.28 20.23
C LYS E 18 -25.20 4.16 19.63
N GLU E 19 -24.07 3.54 19.30
CA GLU E 19 -22.93 4.22 18.70
C GLU E 19 -23.21 4.64 17.26
N ALA E 20 -23.95 3.80 16.54
CA ALA E 20 -24.23 4.01 15.12
C ALA E 20 -25.25 5.12 14.90
N THR E 21 -26.26 5.17 15.79
CA THR E 21 -27.36 6.12 15.68
C THR E 21 -27.11 7.42 16.46
N LYS E 22 -25.87 7.62 16.90
CA LYS E 22 -25.53 8.79 17.71
C LYS E 22 -25.65 10.09 16.90
N GLU E 23 -25.29 10.03 15.62
CA GLU E 23 -25.40 11.15 14.71
C GLU E 23 -26.84 11.57 14.48
N VAL E 24 -27.71 10.57 14.27
CA VAL E 24 -29.10 10.80 13.88
C VAL E 24 -30.00 11.10 15.08
N HIS E 25 -29.58 10.67 16.27
CA HIS E 25 -30.32 10.96 17.49
C HIS E 25 -30.30 12.42 17.86
N ILE E 26 -29.17 13.06 17.58
CA ILE E 26 -29.01 14.52 17.73
C ILE E 26 -29.92 15.24 16.74
N ARG E 27 -29.95 14.75 15.51
CA ARG E 27 -30.82 15.29 14.44
C ARG E 27 -32.29 15.19 14.82
N ALA E 28 -32.61 14.17 15.61
CA ALA E 28 -33.96 13.90 16.06
C ALA E 28 -34.44 14.89 17.13
N GLU E 29 -33.68 14.97 18.22
CA GLU E 29 -34.09 15.81 19.34
C GLU E 29 -33.80 17.28 19.13
N ASN E 30 -32.74 17.57 18.36
CA ASN E 30 -32.35 18.95 18.05
C ASN E 30 -33.09 19.51 16.84
N SER E 31 -34.16 18.82 16.44
CA SER E 31 -35.05 19.32 15.39
C SER E 31 -35.92 20.45 15.92
N GLU E 32 -36.50 21.22 15.00
CA GLU E 32 -37.28 22.40 15.37
C GLU E 32 -38.48 22.06 16.26
N PHE E 33 -39.21 21.01 15.90
CA PHE E 33 -40.43 20.60 16.61
C PHE E 33 -40.19 20.07 18.01
N MET E 34 -39.18 19.22 18.16
CA MET E 34 -38.84 18.63 19.45
C MET E 34 -38.25 19.64 20.43
N ARG E 35 -37.58 20.67 19.89
CA ARG E 35 -37.03 21.74 20.72
C ARG E 35 -38.16 22.51 21.41
N ASN E 36 -39.28 22.67 20.70
CA ASN E 36 -40.47 23.30 21.27
C ASN E 36 -41.09 22.46 22.38
N PHE E 37 -41.02 21.15 22.21
CA PHE E 37 -41.57 20.19 23.16
C PHE E 37 -40.69 20.13 24.40
N GLN E 38 -39.38 20.25 24.19
CA GLN E 38 -38.40 20.23 25.28
C GLN E 38 -38.65 21.35 26.29
N LYS E 39 -38.65 22.59 25.80
CA LYS E 39 -38.79 23.78 26.65
C LYS E 39 -40.17 23.85 27.29
N GLY E 40 -41.16 23.22 26.66
CA GLY E 40 -42.54 23.24 27.13
C GLY E 40 -43.41 24.21 26.35
N GLN E 41 -42.97 24.55 25.15
CA GLN E 41 -43.71 25.43 24.25
C GLN E 41 -44.46 24.62 23.20
N VAL E 42 -45.21 23.62 23.67
CA VAL E 42 -46.10 22.82 22.82
C VAL E 42 -47.53 23.34 22.91
N SER E 43 -48.11 23.65 21.76
CA SER E 43 -49.51 24.09 21.71
C SER E 43 -50.45 22.90 21.92
N ARG E 44 -51.68 23.19 22.31
CA ARG E 44 -52.72 22.16 22.53
C ARG E 44 -53.08 21.49 21.21
N GLU E 45 -53.16 22.29 20.15
CA GLU E 45 -53.43 21.78 18.82
C GLU E 45 -52.25 20.94 18.31
N GLY E 46 -51.04 21.37 18.64
CA GLY E 46 -49.82 20.69 18.22
C GLY E 46 -49.59 19.34 18.86
N PHE E 47 -49.98 19.23 20.13
CA PHE E 47 -49.86 17.97 20.87
C PHE E 47 -50.84 16.92 20.35
N LYS E 48 -52.04 17.39 19.98
CA LYS E 48 -53.09 16.54 19.40
C LYS E 48 -52.63 15.88 18.12
N LEU E 49 -51.87 16.63 17.31
CA LEU E 49 -51.38 16.13 16.03
C LEU E 49 -50.35 15.04 16.20
N VAL E 50 -49.50 15.17 17.21
CA VAL E 50 -48.40 14.24 17.52
C VAL E 50 -48.94 12.88 17.88
N MET E 51 -49.87 12.87 18.84
CA MET E 51 -50.41 11.63 19.38
C MET E 51 -51.27 10.91 18.36
N ALA E 52 -51.98 11.70 17.56
CA ALA E 52 -52.81 11.19 16.47
C ALA E 52 -51.98 10.47 15.42
N SER E 53 -50.85 11.08 15.06
CA SER E 53 -49.92 10.50 14.11
C SER E 53 -49.23 9.29 14.71
N LEU E 54 -48.93 9.36 16.01
CA LEU E 54 -48.28 8.25 16.72
C LEU E 54 -49.21 7.04 16.87
N TYR E 55 -50.51 7.29 16.88
CA TYR E 55 -51.51 6.21 16.92
C TYR E 55 -51.36 5.28 15.71
N HIS E 56 -51.37 5.86 14.52
CA HIS E 56 -51.28 5.12 13.26
C HIS E 56 -49.99 4.36 13.14
N ILE E 57 -48.91 4.94 13.66
CA ILE E 57 -47.59 4.32 13.63
C ILE E 57 -47.51 3.10 14.52
N TYR E 58 -47.94 3.25 15.77
CA TYR E 58 -47.90 2.16 16.75
C TYR E 58 -48.92 1.08 16.43
N THR E 59 -50.05 1.48 15.83
CA THR E 59 -51.06 0.54 15.35
C THR E 59 -50.47 -0.41 14.31
N ALA E 60 -49.80 0.18 13.32
CA ALA E 60 -49.16 -0.57 12.24
C ALA E 60 -47.99 -1.38 12.77
N LEU E 61 -47.15 -0.75 13.60
CA LEU E 61 -45.95 -1.37 14.15
C LEU E 61 -46.29 -2.66 14.91
N GLU E 62 -47.22 -2.53 15.85
CA GLU E 62 -47.61 -3.63 16.70
C GLU E 62 -48.45 -4.68 15.97
N GLU E 63 -49.10 -4.27 14.88
CA GLU E 63 -49.83 -5.18 13.99
C GLU E 63 -48.86 -6.16 13.34
N GLU E 64 -47.67 -5.65 13.00
CA GLU E 64 -46.64 -6.47 12.40
C GLU E 64 -45.80 -7.22 13.43
N ILE E 65 -45.76 -6.73 14.67
CA ILE E 65 -45.08 -7.41 15.77
C ILE E 65 -45.76 -8.74 16.12
N GLU E 66 -47.09 -8.71 16.19
CA GLU E 66 -47.90 -9.90 16.44
C GLU E 66 -47.82 -10.89 15.28
N ARG E 67 -47.65 -10.36 14.07
CA ARG E 67 -47.49 -11.16 12.86
C ARG E 67 -46.16 -11.90 12.88
N ASN E 68 -45.09 -11.17 13.24
CA ASN E 68 -43.76 -11.74 13.38
C ASN E 68 -43.31 -11.85 14.85
N LYS E 69 -43.76 -12.91 15.51
CA LYS E 69 -43.39 -13.19 16.91
C LYS E 69 -42.96 -14.66 17.09
N ASN E 71 -40.05 -16.00 16.01
CA ASN E 71 -38.84 -15.79 15.23
C ASN E 71 -37.73 -15.25 16.13
N PRO E 72 -36.62 -16.00 16.26
CA PRO E 72 -35.49 -15.64 17.11
C PRO E 72 -34.89 -14.26 16.84
N VAL E 73 -35.13 -13.72 15.65
CA VAL E 73 -34.62 -12.40 15.27
C VAL E 73 -35.38 -11.25 15.96
N TYR E 74 -36.53 -11.57 16.56
CA TYR E 74 -37.32 -10.59 17.33
C TYR E 74 -37.98 -11.16 18.59
N ALA E 75 -38.29 -12.46 18.58
CA ALA E 75 -38.95 -13.14 19.70
C ALA E 75 -38.32 -12.90 21.08
N PRO E 76 -36.97 -12.86 21.16
CA PRO E 76 -36.30 -12.51 22.43
C PRO E 76 -36.64 -11.12 22.94
N LEU E 77 -37.07 -10.23 22.04
CA LEU E 77 -37.48 -8.87 22.38
C LEU E 77 -38.99 -8.66 22.32
N TYR E 78 -39.73 -9.76 22.16
CA TYR E 78 -41.19 -9.70 22.11
C TYR E 78 -41.79 -9.53 23.50
N PHE E 79 -42.33 -8.34 23.74
CA PHE E 79 -43.00 -8.00 25.00
C PHE E 79 -44.31 -7.26 24.72
N PRO E 80 -45.43 -8.01 24.65
CA PRO E 80 -46.70 -7.42 24.20
C PRO E 80 -47.36 -6.47 25.21
N GLU E 81 -47.71 -7.00 26.38
CA GLU E 81 -48.45 -6.22 27.38
C GLU E 81 -47.55 -5.16 28.00
N GLU E 82 -46.25 -5.40 27.94
CA GLU E 82 -45.26 -4.54 28.59
C GLU E 82 -45.03 -3.24 27.80
N LEU E 83 -44.84 -3.40 26.49
CA LEU E 83 -44.44 -2.27 25.64
C LEU E 83 -45.54 -1.70 24.73
N HIS E 84 -46.53 -2.52 24.37
CA HIS E 84 -47.57 -2.07 23.45
C HIS E 84 -48.22 -0.78 23.86
N ARG E 85 -47.96 0.27 23.09
CA ARG E 85 -48.49 1.60 23.37
C ARG E 85 -49.80 1.90 22.65
N ARG E 86 -50.25 0.99 21.79
CA ARG E 86 -51.53 1.14 21.10
C ARG E 86 -52.67 1.13 22.12
N ALA E 87 -52.55 0.25 23.11
CA ALA E 87 -53.53 0.12 24.19
C ALA E 87 -53.77 1.45 24.92
N ALA E 88 -52.69 2.23 25.07
CA ALA E 88 -52.73 3.54 25.73
C ALA E 88 -53.18 4.66 24.79
N LEU E 89 -52.80 4.57 23.52
CA LEU E 89 -53.12 5.60 22.54
C LEU E 89 -54.61 5.64 22.22
N GLU E 90 -55.24 4.47 22.29
CA GLU E 90 -56.69 4.34 22.11
C GLU E 90 -57.44 5.16 23.16
N GLN E 91 -56.91 5.16 24.38
CA GLN E 91 -57.51 5.87 25.51
C GLN E 91 -57.33 7.37 25.36
N ASP E 92 -56.15 7.76 24.87
CA ASP E 92 -55.80 9.18 24.70
C ASP E 92 -56.59 9.82 23.58
N MET E 93 -56.77 9.08 22.49
CA MET E 93 -57.49 9.60 21.33
C MET E 93 -58.94 9.89 21.68
N ALA E 94 -59.49 9.10 22.59
CA ALA E 94 -60.83 9.32 23.12
C ALA E 94 -60.89 10.62 23.92
N PHE E 95 -59.80 10.92 24.62
CA PHE E 95 -59.70 12.11 25.49
C PHE E 95 -59.54 13.39 24.70
N TRP E 96 -58.62 13.37 23.72
CA TRP E 96 -58.26 14.55 22.94
C TRP E 96 -59.25 14.89 21.85
N TYR E 97 -59.68 13.88 21.10
CA TYR E 97 -60.52 14.09 19.93
C TYR E 97 -62.00 13.81 20.17
N GLY E 98 -62.31 13.09 21.25
CA GLY E 98 -63.70 12.81 21.61
C GLY E 98 -64.15 11.38 21.38
N PRO E 99 -65.45 11.10 21.61
CA PRO E 99 -65.98 9.74 21.47
C PRO E 99 -65.81 9.19 20.06
N HIS E 100 -65.99 10.06 19.07
CA HIS E 100 -65.81 9.70 17.66
C HIS E 100 -64.39 9.91 17.20
N TRP E 101 -63.48 9.14 17.79
CA TRP E 101 -62.05 9.16 17.41
C TRP E 101 -61.79 8.28 16.20
N GLN E 102 -62.64 8.41 15.19
CA GLN E 102 -62.52 7.60 13.97
C GLN E 102 -62.43 8.47 12.71
N GLU E 103 -63.36 9.40 12.58
CA GLU E 103 -63.41 10.33 11.44
C GLU E 103 -62.94 11.72 11.86
N ALA E 104 -61.96 11.76 12.76
CA ALA E 104 -61.45 12.99 13.38
C ALA E 104 -59.92 13.09 13.46
N ILE E 105 -59.24 11.96 13.25
CA ILE E 105 -57.77 11.88 13.38
C ILE E 105 -57.05 12.25 12.06
N PRO E 106 -56.15 13.25 12.11
CA PRO E 106 -55.41 13.58 10.91
C PRO E 106 -54.45 12.46 10.51
N TYR E 107 -54.75 11.83 9.38
CA TYR E 107 -53.89 10.79 8.82
C TYR E 107 -52.95 11.48 7.84
N THR E 108 -51.92 12.13 8.38
CA THR E 108 -51.00 12.95 7.58
C THR E 108 -50.13 12.11 6.62
N PRO E 109 -49.71 12.71 5.48
CA PRO E 109 -48.86 12.05 4.48
C PRO E 109 -47.63 11.36 5.06
N ALA E 110 -46.96 12.01 6.00
CA ALA E 110 -45.76 11.46 6.63
C ALA E 110 -46.07 10.24 7.48
N THR E 111 -47.25 10.24 8.09
CA THR E 111 -47.75 9.09 8.85
C THR E 111 -48.09 7.94 7.90
N GLN E 112 -48.69 8.27 6.77
CA GLN E 112 -49.06 7.30 5.74
C GLN E 112 -47.85 6.75 4.98
N HIS E 113 -46.68 7.33 5.28
CA HIS E 113 -45.38 6.91 4.73
C HIS E 113 -44.61 6.09 5.73
N TYR E 114 -44.76 6.45 7.01
CA TYR E 114 -44.17 5.72 8.13
C TYR E 114 -44.80 4.33 8.21
N VAL E 115 -46.12 4.29 8.17
CA VAL E 115 -46.90 3.05 8.26
C VAL E 115 -46.58 2.11 7.10
N LYS E 116 -46.43 2.68 5.91
CA LYS E 116 -46.12 1.94 4.68
C LYS E 116 -44.83 1.14 4.82
N ARG E 117 -43.81 1.78 5.40
CA ARG E 117 -42.49 1.18 5.60
C ARG E 117 -42.52 0.10 6.69
N LEU E 118 -43.35 0.33 7.70
CA LEU E 118 -43.46 -0.63 8.80
C LEU E 118 -44.01 -1.98 8.37
N HIS E 119 -44.89 -1.97 7.36
CA HIS E 119 -45.46 -3.20 6.80
C HIS E 119 -44.50 -3.95 5.91
N GLU E 120 -43.73 -3.19 5.13
CA GLU E 120 -42.70 -3.76 4.26
C GLU E 120 -41.60 -4.42 5.09
N VAL E 121 -41.24 -3.75 6.19
CA VAL E 121 -40.28 -4.28 7.16
C VAL E 121 -40.96 -5.29 8.08
N GLY E 122 -40.87 -6.56 7.69
CA GLY E 122 -41.54 -7.65 8.41
C GLY E 122 -42.21 -8.60 7.45
N GLY E 123 -42.87 -8.04 6.45
CA GLY E 123 -43.48 -8.82 5.37
C GLY E 123 -42.39 -9.50 4.57
N THR E 124 -41.35 -8.72 4.26
CA THR E 124 -40.19 -9.22 3.52
C THR E 124 -39.01 -9.47 4.45
N HIS E 125 -38.80 -8.55 5.40
CA HIS E 125 -37.68 -8.61 6.33
C HIS E 125 -38.08 -8.49 7.79
N PRO E 126 -38.38 -9.63 8.44
CA PRO E 126 -38.68 -9.60 9.88
C PRO E 126 -37.46 -9.28 10.75
N GLU E 127 -36.26 -9.53 10.21
CA GLU E 127 -35.00 -9.30 10.91
C GLU E 127 -34.72 -7.81 11.09
N LEU E 128 -35.38 -6.98 10.28
CA LEU E 128 -35.20 -5.54 10.33
C LEU E 128 -36.23 -4.87 11.25
N LEU E 129 -37.17 -5.66 11.75
CA LEU E 129 -38.23 -5.15 12.61
C LEU E 129 -37.67 -4.69 13.95
N VAL E 130 -36.58 -5.34 14.37
CA VAL E 130 -35.90 -5.02 15.62
C VAL E 130 -35.41 -3.57 15.65
N ALA E 131 -35.07 -3.05 14.47
CA ALA E 131 -34.59 -1.67 14.33
C ALA E 131 -35.65 -0.65 14.74
N HIS E 132 -36.90 -0.93 14.36
CA HIS E 132 -38.02 -0.01 14.62
C HIS E 132 -38.49 -0.08 16.03
N ALA E 133 -38.45 -1.27 16.61
CA ALA E 133 -38.78 -1.47 18.02
C ALA E 133 -37.75 -0.75 18.88
N TYR E 134 -36.47 -0.90 18.52
CA TYR E 134 -35.38 -0.24 19.22
C TYR E 134 -35.55 1.27 19.24
N THR E 135 -35.88 1.83 18.08
CA THR E 135 -35.98 3.27 17.89
C THR E 135 -37.07 3.91 18.74
N ARG E 136 -38.23 3.26 18.77
CA ARG E 136 -39.41 3.80 19.42
C ARG E 136 -39.50 3.50 20.91
N TYR E 137 -39.42 2.22 21.25
CA TYR E 137 -39.67 1.78 22.62
C TYR E 137 -38.60 2.23 23.60
N LEU E 138 -37.34 2.22 23.16
CA LEU E 138 -36.23 2.66 24.02
C LEU E 138 -36.26 4.15 24.29
N GLY E 139 -36.79 4.92 23.34
CA GLY E 139 -36.95 6.37 23.49
C GLY E 139 -38.10 6.72 24.43
N ASP E 140 -39.10 5.85 24.47
CA ASP E 140 -40.26 6.06 25.34
C ASP E 140 -39.93 5.75 26.79
N LEU E 141 -39.04 4.79 26.99
CA LEU E 141 -38.66 4.28 28.30
C LEU E 141 -37.41 4.98 28.86
N SER E 142 -37.12 6.18 28.36
CA SER E 142 -36.01 6.98 28.87
C SER E 142 -36.24 8.47 28.62
N GLY E 143 -36.35 8.85 27.35
CA GLY E 143 -36.56 10.24 26.95
C GLY E 143 -37.99 10.69 27.14
N GLY E 144 -38.93 9.80 26.87
CA GLY E 144 -40.36 10.09 26.96
C GLY E 144 -40.89 10.22 28.38
N GLN E 145 -40.22 9.59 29.34
CA GLN E 145 -40.63 9.59 30.75
C GLN E 145 -40.55 11.00 31.36
N VAL E 146 -39.53 11.74 30.94
CA VAL E 146 -39.34 13.13 31.36
C VAL E 146 -40.36 14.02 30.67
N LEU E 147 -40.67 13.69 29.42
CA LEU E 147 -41.61 14.45 28.59
C LEU E 147 -43.04 14.44 29.09
N LYS E 148 -43.38 13.43 29.89
CA LYS E 148 -44.69 13.33 30.52
C LYS E 148 -44.88 14.42 31.57
N LYS E 149 -43.81 14.70 32.31
CA LYS E 149 -43.80 15.75 33.33
C LYS E 149 -43.84 17.14 32.70
N ILE E 150 -43.18 17.27 31.55
CA ILE E 150 -43.15 18.53 30.80
C ILE E 150 -44.52 18.82 30.18
N ALA E 151 -45.17 17.76 29.69
CA ALA E 151 -46.48 17.88 29.05
C ALA E 151 -47.58 18.31 30.02
N GLN E 152 -47.66 17.64 31.17
CA GLN E 152 -48.73 17.86 32.13
C GLN E 152 -48.69 19.24 32.78
N LYS E 153 -47.49 19.80 32.90
CA LYS E 153 -47.30 21.11 33.50
C LYS E 153 -47.55 22.23 32.50
N ALA E 154 -47.05 22.03 31.28
CA ALA E 154 -47.11 23.04 30.22
C ALA E 154 -48.52 23.27 29.70
N MET E 155 -49.32 22.21 29.72
CA MET E 155 -50.67 22.23 29.15
C MET E 155 -51.77 22.08 30.22
N ALA E 156 -51.35 21.83 31.45
CA ALA E 156 -52.27 21.67 32.59
C ALA E 156 -53.27 20.54 32.35
N LEU E 157 -52.75 19.31 32.32
CA LEU E 157 -53.58 18.12 32.23
C LEU E 157 -53.98 17.65 33.63
N PRO E 158 -54.91 16.68 33.72
CA PRO E 158 -55.26 16.03 34.98
C PRO E 158 -54.06 15.47 35.75
N SER E 159 -54.14 15.54 37.08
CA SER E 159 -53.08 15.06 37.96
C SER E 159 -53.01 13.53 38.03
N SER E 160 -54.10 12.88 37.59
CA SER E 160 -54.18 11.43 37.51
C SER E 160 -53.34 10.87 36.37
N GLY E 161 -53.66 11.30 35.14
CA GLY E 161 -52.89 10.90 33.96
C GLY E 161 -53.68 10.62 32.69
N GLU E 162 -54.90 11.15 32.60
CA GLU E 162 -55.69 11.04 31.38
C GLU E 162 -55.14 11.98 30.32
N GLY E 163 -54.99 11.45 29.10
CA GLY E 163 -54.42 12.21 27.99
C GLY E 163 -52.96 11.90 27.79
N LEU E 164 -52.28 11.49 28.86
CA LEU E 164 -50.86 11.13 28.84
C LEU E 164 -50.65 9.65 29.20
N ALA E 165 -51.59 8.80 28.74
CA ALA E 165 -51.53 7.36 28.98
C ALA E 165 -50.41 6.70 28.17
N PHE E 166 -50.09 7.31 27.03
CA PHE E 166 -49.02 6.84 26.14
C PHE E 166 -47.66 6.81 26.84
N PHE E 167 -47.43 7.78 27.71
CA PHE E 167 -46.13 7.95 28.37
C PHE E 167 -45.97 7.10 29.64
N THR E 168 -47.03 6.41 30.04
CA THR E 168 -47.01 5.58 31.26
C THR E 168 -47.11 4.08 30.96
N PHE E 169 -46.24 3.29 31.58
CA PHE E 169 -46.20 1.82 31.41
C PHE E 169 -46.70 1.08 32.66
N PRO E 170 -47.95 0.57 32.62
CA PRO E 170 -48.55 -0.08 33.79
C PRO E 170 -48.10 -1.54 33.98
N SER E 171 -46.94 -1.88 33.42
CA SER E 171 -46.36 -3.22 33.51
C SER E 171 -44.87 -3.19 33.89
N ILE E 172 -44.12 -2.30 33.25
CA ILE E 172 -42.73 -2.04 33.62
C ILE E 172 -42.69 -1.26 34.92
N ASP E 173 -42.17 -1.91 35.97
CA ASP E 173 -42.04 -1.32 37.29
C ASP E 173 -40.87 -0.33 37.34
N ASN E 174 -39.73 -0.74 36.80
CA ASN E 174 -38.48 0.01 36.89
C ASN E 174 -37.84 0.29 35.53
N PRO E 175 -37.71 1.58 35.14
CA PRO E 175 -37.18 1.96 33.81
C PRO E 175 -35.70 1.61 33.62
N THR E 176 -34.92 1.68 34.70
CA THR E 176 -33.50 1.36 34.67
C THR E 176 -33.27 -0.11 34.37
N LYS E 177 -34.08 -0.95 35.01
CA LYS E 177 -33.93 -2.41 34.97
C LYS E 177 -34.38 -3.02 33.65
N PHE E 178 -35.53 -2.58 33.15
CA PHE E 178 -36.09 -3.11 31.91
C PHE E 178 -35.32 -2.67 30.68
N LYS E 179 -34.78 -1.45 30.74
CA LYS E 179 -33.94 -0.92 29.67
C LYS E 179 -32.66 -1.74 29.55
N GLN E 180 -32.14 -2.18 30.70
CA GLN E 180 -30.93 -3.00 30.79
C GLN E 180 -31.18 -4.45 30.34
N LEU E 181 -32.35 -4.96 30.70
CA LEU E 181 -32.76 -6.30 30.32
C LEU E 181 -33.01 -6.40 28.82
N TYR E 182 -33.58 -5.34 28.24
CA TYR E 182 -33.85 -5.25 26.80
C TYR E 182 -32.57 -5.23 25.99
N ARG E 183 -31.59 -4.47 26.48
CA ARG E 183 -30.28 -4.34 25.85
C ARG E 183 -29.53 -5.67 25.84
N ALA E 184 -29.63 -6.41 26.94
CA ALA E 184 -29.02 -7.73 27.07
C ALA E 184 -29.69 -8.73 26.13
N ARG E 185 -30.99 -8.57 25.95
CA ARG E 185 -31.79 -9.45 25.09
C ARG E 185 -31.42 -9.26 23.61
N MET E 186 -31.01 -8.05 23.24
CA MET E 186 -30.61 -7.76 21.87
C MET E 186 -29.39 -8.54 21.41
N ASN E 187 -28.53 -8.91 22.37
CA ASN E 187 -27.29 -9.65 22.09
C ASN E 187 -27.48 -11.11 21.66
N THR E 188 -28.64 -11.67 21.99
CA THR E 188 -28.93 -13.08 21.73
C THR E 188 -29.61 -13.31 20.36
N LEU E 189 -29.57 -12.29 19.51
CA LEU E 189 -30.17 -12.37 18.17
C LEU E 189 -29.22 -12.99 17.15
N GLU E 190 -29.51 -14.23 16.78
CA GLU E 190 -28.71 -14.95 15.79
C GLU E 190 -28.91 -14.34 14.41
N MET E 191 -27.83 -13.74 13.89
CA MET E 191 -27.84 -13.12 12.57
C MET E 191 -26.43 -13.01 11.98
N THR E 192 -26.35 -12.98 10.65
CA THR E 192 -25.08 -12.74 9.94
C THR E 192 -24.69 -11.28 10.09
N PRO E 193 -23.37 -10.98 10.06
CA PRO E 193 -22.90 -9.59 10.15
C PRO E 193 -23.43 -8.71 9.02
N GLU E 194 -23.83 -9.34 7.91
CA GLU E 194 -24.50 -8.62 6.82
C GLU E 194 -25.86 -8.10 7.26
N VAL E 195 -26.64 -8.97 7.89
CA VAL E 195 -27.97 -8.62 8.39
C VAL E 195 -27.87 -7.66 9.59
N LYS E 196 -26.83 -7.85 10.40
CA LYS E 196 -26.56 -7.00 11.55
C LYS E 196 -26.33 -5.55 11.12
N HIS E 197 -25.60 -5.37 10.03
CA HIS E 197 -25.39 -4.05 9.44
C HIS E 197 -26.66 -3.51 8.85
N ARG E 198 -27.43 -4.40 8.24
CA ARG E 198 -28.73 -4.05 7.64
C ARG E 198 -29.73 -3.58 8.70
N VAL E 199 -29.60 -4.10 9.92
CA VAL E 199 -30.45 -3.73 11.06
C VAL E 199 -30.18 -2.29 11.50
N THR E 200 -28.89 -1.98 11.70
CA THR E 200 -28.48 -0.62 12.06
C THR E 200 -28.75 0.37 10.95
N GLU E 201 -28.76 -0.14 9.71
CA GLU E 201 -29.09 0.64 8.52
C GLU E 201 -30.58 1.00 8.52
N GLU E 202 -31.42 0.03 8.90
CA GLU E 202 -32.86 0.25 8.99
C GLU E 202 -33.22 1.13 10.18
N ALA E 203 -32.41 1.05 11.24
CA ALA E 203 -32.56 1.91 12.41
C ALA E 203 -32.46 3.38 12.03
N LYS E 204 -31.54 3.68 11.12
CA LYS E 204 -31.36 5.03 10.58
C LYS E 204 -32.57 5.44 9.74
N THR E 205 -33.11 4.51 8.97
CA THR E 205 -34.31 4.74 8.16
C THR E 205 -35.52 5.04 9.05
N ALA E 206 -35.61 4.31 10.17
CA ALA E 206 -36.66 4.50 11.17
C ALA E 206 -36.67 5.91 11.74
N PHE E 207 -35.48 6.40 12.08
CA PHE E 207 -35.29 7.76 12.56
C PHE E 207 -35.71 8.79 11.51
N LEU E 208 -35.30 8.55 10.26
CA LEU E 208 -35.59 9.45 9.14
C LEU E 208 -37.10 9.66 8.96
N LEU E 209 -37.85 8.58 9.03
CA LEU E 209 -39.31 8.61 8.93
C LEU E 209 -39.91 9.40 10.07
N ASN E 210 -39.29 9.29 11.23
CA ASN E 210 -39.69 9.97 12.45
C ASN E 210 -39.32 11.45 12.40
N ILE E 211 -38.13 11.75 11.87
CA ILE E 211 -37.65 13.13 11.75
C ILE E 211 -38.50 13.93 10.77
N GLU E 212 -38.78 13.35 9.60
CA GLU E 212 -39.59 14.02 8.58
C GLU E 212 -41.06 14.18 9.01
N LEU E 213 -41.49 13.34 9.95
CA LEU E 213 -42.80 13.47 10.56
C LEU E 213 -42.90 14.77 11.39
N PHE E 214 -41.85 15.03 12.17
CA PHE E 214 -41.76 16.24 12.98
C PHE E 214 -41.71 17.49 12.10
N GLU E 215 -40.97 17.39 11.00
CA GLU E 215 -40.83 18.48 10.04
C GLU E 215 -42.15 18.79 9.35
N GLU E 216 -42.97 17.76 9.16
CA GLU E 216 -44.28 17.89 8.54
C GLU E 216 -45.29 18.55 9.46
N LEU E 217 -45.36 18.04 10.69
CA LEU E 217 -46.33 18.52 11.67
C LEU E 217 -46.09 19.98 12.04
N GLN E 218 -44.81 20.38 12.02
CA GLN E 218 -44.41 21.75 12.26
C GLN E 218 -44.94 22.67 11.16
N ALA E 219 -44.83 22.20 9.92
CA ALA E 219 -45.29 22.93 8.75
C ALA E 219 -46.80 23.09 8.76
N LEU E 220 -47.50 22.05 9.19
CA LEU E 220 -48.96 22.05 9.27
C LEU E 220 -49.45 22.94 10.41
N LEU E 221 -48.64 23.03 11.46
CA LEU E 221 -48.95 23.82 12.65
C LEU E 221 -48.95 25.33 12.41
N THR E 222 -48.23 25.76 11.37
CA THR E 222 -48.21 27.17 10.99
C THR E 222 -49.48 27.49 10.21
N GLU E 223 -50.60 27.49 10.92
CA GLU E 223 -51.93 27.69 10.37
C GLU E 223 -52.95 27.94 11.49
N ASP F 12 -21.78 -41.78 -8.34
CA ASP F 12 -22.35 -40.42 -8.52
C ASP F 12 -23.86 -40.46 -8.76
N LEU F 13 -24.54 -41.20 -7.89
CA LEU F 13 -26.00 -41.32 -7.86
C LEU F 13 -26.66 -40.17 -7.08
N SER F 14 -25.98 -39.71 -6.03
CA SER F 14 -26.43 -38.57 -5.24
C SER F 14 -26.51 -37.32 -6.12
N GLU F 15 -25.48 -37.12 -6.94
CA GLU F 15 -25.39 -35.99 -7.87
C GLU F 15 -26.44 -36.08 -8.98
N ALA F 16 -26.77 -37.30 -9.38
CA ALA F 16 -27.77 -37.55 -10.41
C ALA F 16 -29.20 -37.36 -9.88
N LEU F 17 -29.44 -37.87 -8.67
CA LEU F 17 -30.75 -37.79 -8.02
C LEU F 17 -31.07 -36.37 -7.58
N LYS F 18 -30.04 -35.64 -7.16
CA LYS F 18 -30.17 -34.25 -6.74
C LYS F 18 -30.57 -33.38 -7.92
N GLU F 19 -29.94 -33.63 -9.08
CA GLU F 19 -30.21 -32.89 -10.31
C GLU F 19 -31.59 -33.21 -10.87
N ALA F 20 -31.99 -34.47 -10.71
CA ALA F 20 -33.29 -34.95 -11.19
C ALA F 20 -34.47 -34.35 -10.42
N THR F 21 -34.30 -34.20 -9.11
CA THR F 21 -35.37 -33.68 -8.23
C THR F 21 -35.55 -32.15 -8.35
N LYS F 22 -36.12 -31.73 -9.49
CA LYS F 22 -36.29 -30.32 -9.82
C LYS F 22 -37.72 -29.95 -10.22
N GLU F 23 -38.43 -30.89 -10.84
CA GLU F 23 -39.79 -30.68 -11.34
C GLU F 23 -40.79 -30.40 -10.23
N HIS F 25 -38.05 -29.55 -6.10
CA HIS F 25 -38.09 -29.10 -4.71
C HIS F 25 -38.72 -27.74 -4.60
N ILE F 26 -38.88 -27.07 -5.74
CA ILE F 26 -39.57 -25.77 -5.82
C ILE F 26 -41.06 -25.94 -5.47
N ARG F 27 -41.65 -27.04 -5.93
CA ARG F 27 -43.07 -27.33 -5.72
C ARG F 27 -43.36 -27.98 -4.36
N ALA F 28 -42.32 -28.16 -3.55
CA ALA F 28 -42.41 -28.79 -2.22
C ALA F 28 -42.46 -27.75 -1.09
N GLU F 29 -41.39 -26.98 -0.95
CA GLU F 29 -41.25 -25.98 0.11
C GLU F 29 -41.89 -24.64 -0.25
N ASN F 30 -42.42 -24.55 -1.47
CA ASN F 30 -43.11 -23.33 -1.91
C ASN F 30 -44.27 -23.68 -2.86
N SER F 31 -45.38 -24.13 -2.28
CA SER F 31 -46.55 -24.51 -3.06
C SER F 31 -47.88 -24.32 -2.33
N GLU F 32 -48.10 -25.09 -1.26
CA GLU F 32 -49.41 -25.09 -0.56
C GLU F 32 -49.31 -25.25 0.95
N PHE F 33 -48.93 -26.45 1.40
CA PHE F 33 -48.85 -26.75 2.83
C PHE F 33 -47.68 -26.03 3.49
N MET F 34 -46.57 -25.95 2.75
CA MET F 34 -45.33 -25.34 3.25
C MET F 34 -45.31 -23.81 3.10
N ARG F 35 -46.33 -23.26 2.42
CA ARG F 35 -46.45 -21.82 2.20
C ARG F 35 -46.60 -21.04 3.52
N ASN F 36 -47.37 -21.60 4.45
CA ASN F 36 -47.61 -21.00 5.77
C ASN F 36 -46.68 -21.56 6.86
N PHE F 37 -46.04 -22.69 6.56
CA PHE F 37 -45.21 -23.41 7.54
C PHE F 37 -43.85 -22.74 7.74
N VAL F 42 -48.97 -22.26 10.33
CA VAL F 42 -49.21 -23.69 10.56
C VAL F 42 -50.41 -23.94 11.49
N SER F 43 -51.53 -24.32 10.91
CA SER F 43 -52.76 -24.58 11.66
C SER F 43 -52.61 -25.79 12.58
N ARG F 44 -53.19 -25.69 13.78
CA ARG F 44 -53.11 -26.76 14.76
C ARG F 44 -53.94 -27.98 14.34
N GLU F 45 -55.13 -27.72 13.81
CA GLU F 45 -56.04 -28.77 13.37
C GLU F 45 -55.49 -29.50 12.14
N GLY F 46 -54.86 -28.74 11.25
CA GLY F 46 -54.26 -29.27 10.03
C GLY F 46 -53.02 -30.12 10.29
N PHE F 47 -52.25 -29.74 11.31
CA PHE F 47 -51.04 -30.46 11.70
C PHE F 47 -51.38 -31.87 12.20
N LYS F 48 -52.54 -32.00 12.83
CA LYS F 48 -53.04 -33.28 13.36
C LYS F 48 -53.36 -34.29 12.25
N LEU F 49 -54.06 -33.81 11.21
CA LEU F 49 -54.43 -34.65 10.08
C LEU F 49 -53.20 -35.04 9.26
N VAL F 50 -52.25 -34.11 9.17
CA VAL F 50 -51.03 -34.27 8.38
C VAL F 50 -50.10 -35.34 8.95
N MET F 51 -49.86 -35.27 10.26
CA MET F 51 -49.02 -36.26 10.94
C MET F 51 -49.67 -37.63 10.96
N ALA F 52 -51.00 -37.64 11.03
CA ALA F 52 -51.78 -38.88 10.98
C ALA F 52 -51.63 -39.57 9.63
N SER F 53 -51.69 -38.78 8.56
CA SER F 53 -51.49 -39.29 7.21
C SER F 53 -50.03 -39.68 7.00
N LEU F 54 -49.13 -38.89 7.59
CA LEU F 54 -47.68 -39.14 7.53
C LEU F 54 -47.29 -40.40 8.29
N TYR F 55 -48.05 -40.73 9.32
CA TYR F 55 -47.83 -41.96 10.09
C TYR F 55 -47.94 -43.19 9.22
N HIS F 56 -49.04 -43.29 8.47
CA HIS F 56 -49.32 -44.43 7.61
C HIS F 56 -48.29 -44.59 6.52
N ILE F 57 -47.81 -43.47 6.01
CA ILE F 57 -46.79 -43.46 4.95
C ILE F 57 -45.44 -43.94 5.48
N TYR F 58 -45.00 -43.36 6.60
CA TYR F 58 -43.72 -43.71 7.22
C TYR F 58 -43.70 -45.12 7.79
N THR F 59 -44.86 -45.56 8.30
CA THR F 59 -45.05 -46.92 8.78
C THR F 59 -44.77 -47.92 7.68
N ALA F 60 -45.43 -47.70 6.54
CA ALA F 60 -45.28 -48.55 5.37
C ALA F 60 -43.88 -48.45 4.79
N LEU F 61 -43.36 -47.22 4.65
CA LEU F 61 -42.04 -46.98 4.07
C LEU F 61 -40.94 -47.72 4.82
N GLU F 62 -40.90 -47.53 6.14
CA GLU F 62 -39.89 -48.16 6.98
C GLU F 62 -40.11 -49.66 7.15
N GLU F 63 -41.35 -50.10 6.99
CA GLU F 63 -41.70 -51.52 7.01
C GLU F 63 -41.04 -52.24 5.84
N GLU F 64 -40.99 -51.56 4.70
CA GLU F 64 -40.36 -52.10 3.49
C GLU F 64 -38.85 -51.92 3.50
N ILE F 65 -38.37 -50.91 4.22
CA ILE F 65 -36.93 -50.61 4.33
C ILE F 65 -36.20 -51.70 5.13
N GLU F 66 -36.78 -52.09 6.26
CA GLU F 66 -36.21 -53.18 7.06
C GLU F 66 -36.38 -54.53 6.39
N ARG F 67 -37.39 -54.66 5.53
CA ARG F 67 -37.64 -55.87 4.74
C ARG F 67 -36.60 -56.08 3.65
N ASN F 68 -36.38 -55.03 2.84
CA ASN F 68 -35.48 -55.08 1.68
C ASN F 68 -34.07 -54.57 1.98
N LYS F 69 -33.66 -54.69 3.24
CA LYS F 69 -32.30 -54.38 3.68
C LYS F 69 -31.40 -55.61 3.54
N GLN F 70 -32.01 -56.77 3.30
CA GLN F 70 -31.27 -58.02 3.09
C GLN F 70 -30.52 -57.97 1.77
N ASN F 71 -31.18 -57.40 0.76
CA ASN F 71 -30.65 -57.30 -0.59
C ASN F 71 -29.61 -56.19 -0.74
N PRO F 72 -28.54 -56.44 -1.53
CA PRO F 72 -27.52 -55.43 -1.81
C PRO F 72 -28.05 -54.14 -2.44
N VAL F 73 -29.25 -54.20 -3.03
CA VAL F 73 -29.87 -53.06 -3.72
C VAL F 73 -30.27 -51.95 -2.75
N TYR F 74 -31.00 -52.31 -1.70
CA TYR F 74 -31.47 -51.34 -0.69
C TYR F 74 -30.74 -51.51 0.65
N ALA F 75 -29.50 -51.97 0.58
CA ALA F 75 -28.67 -52.19 1.78
C ALA F 75 -28.04 -50.93 2.38
N PRO F 76 -27.26 -50.14 1.58
CA PRO F 76 -26.49 -49.00 2.10
C PRO F 76 -27.29 -47.82 2.69
N LEU F 77 -28.40 -47.48 2.05
CA LEU F 77 -29.17 -46.30 2.47
C LEU F 77 -30.14 -46.60 3.62
N TYR F 78 -29.67 -47.39 4.58
CA TYR F 78 -30.51 -47.90 5.68
C TYR F 78 -29.93 -47.64 7.08
N PHE F 79 -30.37 -46.55 7.70
CA PHE F 79 -29.99 -46.21 9.06
C PHE F 79 -30.85 -46.97 10.07
N PRO F 80 -30.22 -47.71 11.00
CA PRO F 80 -30.96 -48.53 11.96
C PRO F 80 -31.74 -47.72 12.99
N GLU F 81 -31.27 -46.50 13.29
CA GLU F 81 -31.97 -45.61 14.24
C GLU F 81 -31.96 -44.11 13.90
N GLU F 82 -31.18 -43.70 12.89
CA GLU F 82 -31.13 -42.28 12.49
C GLU F 82 -32.33 -41.89 11.64
N LEU F 83 -32.60 -42.68 10.61
CA LEU F 83 -33.63 -42.33 9.62
C LEU F 83 -35.00 -42.91 9.94
N HIS F 84 -35.01 -44.01 10.69
CA HIS F 84 -36.26 -44.66 11.10
C HIS F 84 -37.07 -43.78 12.03
N ARG F 85 -38.03 -43.07 11.45
CA ARG F 85 -38.84 -42.09 12.17
C ARG F 85 -40.15 -42.65 12.72
N ARG F 86 -40.46 -43.89 12.39
CA ARG F 86 -41.67 -44.55 12.87
C ARG F 86 -41.62 -44.69 14.39
N ALA F 87 -40.44 -45.03 14.91
CA ALA F 87 -40.22 -45.17 16.35
C ALA F 87 -40.52 -43.88 17.10
N ALA F 88 -40.17 -42.74 16.49
CA ALA F 88 -40.42 -41.41 17.05
C ALA F 88 -41.84 -40.91 16.75
N LEU F 89 -42.38 -41.32 15.60
CA LEU F 89 -43.72 -40.91 15.18
C LEU F 89 -44.82 -41.52 16.06
N GLU F 90 -44.56 -42.73 16.57
CA GLU F 90 -45.48 -43.40 17.49
C GLU F 90 -45.66 -42.59 18.77
N GLN F 91 -44.56 -41.99 19.23
CA GLN F 91 -44.55 -41.16 20.43
C GLN F 91 -45.36 -39.87 20.25
N ASP F 92 -45.33 -39.32 19.04
CA ASP F 92 -46.14 -38.15 18.70
C ASP F 92 -47.63 -38.50 18.64
N MET F 93 -47.94 -39.67 18.10
CA MET F 93 -49.29 -40.19 18.06
C MET F 93 -49.86 -40.38 19.48
N ALA F 94 -48.98 -40.79 20.39
CA ALA F 94 -49.33 -40.92 21.80
C ALA F 94 -49.67 -39.57 22.42
N PHE F 95 -49.00 -38.52 21.95
CA PHE F 95 -49.20 -37.14 22.43
C PHE F 95 -50.51 -36.53 21.90
N TRP F 96 -50.73 -36.64 20.60
CA TRP F 96 -51.87 -35.98 19.96
C TRP F 96 -53.19 -36.63 20.19
N TYR F 97 -53.20 -37.95 20.30
CA TYR F 97 -54.44 -38.73 20.35
C TYR F 97 -54.66 -39.52 21.64
N GLY F 98 -53.61 -39.69 22.43
CA GLY F 98 -53.70 -40.41 23.70
C GLY F 98 -53.08 -41.80 23.68
N PRO F 99 -53.31 -42.57 24.76
CA PRO F 99 -52.77 -43.93 24.89
C PRO F 99 -53.31 -44.87 23.84
N HIS F 100 -54.63 -44.82 23.61
CA HIS F 100 -55.27 -45.65 22.59
C HIS F 100 -55.40 -44.90 21.29
N TRP F 101 -54.25 -44.49 20.75
CA TRP F 101 -54.20 -43.71 19.51
C TRP F 101 -54.55 -44.51 18.29
N GLN F 102 -54.40 -45.83 18.39
CA GLN F 102 -54.82 -46.73 17.33
C GLN F 102 -56.29 -47.08 17.54
N GLU F 103 -57.17 -46.17 17.12
CA GLU F 103 -58.62 -46.35 17.23
C GLU F 103 -59.39 -45.45 16.26
N ALA F 104 -59.16 -44.13 16.35
CA ALA F 104 -59.93 -43.14 15.60
C ALA F 104 -59.10 -42.25 14.66
N ILE F 105 -57.82 -42.60 14.45
CA ILE F 105 -56.96 -41.85 13.51
C ILE F 105 -57.33 -42.13 12.05
N PRO F 106 -57.76 -41.08 11.32
CA PRO F 106 -58.25 -41.31 9.97
C PRO F 106 -57.14 -41.35 8.92
N TYR F 107 -57.32 -42.21 7.92
CA TYR F 107 -56.43 -42.26 6.76
C TYR F 107 -57.25 -42.03 5.50
N THR F 108 -57.17 -40.81 4.97
CA THR F 108 -57.90 -40.41 3.78
C THR F 108 -57.60 -41.37 2.60
N PRO F 109 -58.56 -41.56 1.68
CA PRO F 109 -58.35 -42.38 0.48
C PRO F 109 -57.03 -42.05 -0.23
N ALA F 110 -56.65 -40.78 -0.23
CA ALA F 110 -55.40 -40.33 -0.83
C ALA F 110 -54.17 -40.89 -0.11
N THR F 111 -54.28 -41.01 1.21
CA THR F 111 -53.23 -41.64 2.04
C THR F 111 -53.20 -43.13 1.78
N GLN F 112 -54.38 -43.74 1.65
CA GLN F 112 -54.50 -45.16 1.32
C GLN F 112 -53.91 -45.43 -0.07
N HIS F 113 -54.15 -44.50 -0.99
CA HIS F 113 -53.59 -44.55 -2.35
C HIS F 113 -52.09 -44.47 -2.33
N TYR F 114 -51.56 -43.62 -1.44
CA TYR F 114 -50.12 -43.47 -1.25
C TYR F 114 -49.51 -44.74 -0.69
N VAL F 115 -50.11 -45.26 0.38
CA VAL F 115 -49.66 -46.48 1.06
C VAL F 115 -49.70 -47.69 0.12
N LYS F 116 -50.76 -47.78 -0.69
CA LYS F 116 -50.93 -48.86 -1.65
C LYS F 116 -49.77 -48.94 -2.65
N ARG F 117 -49.36 -47.79 -3.16
CA ARG F 117 -48.26 -47.69 -4.12
C ARG F 117 -46.93 -47.97 -3.44
N LEU F 118 -46.85 -47.59 -2.17
CA LEU F 118 -45.68 -47.83 -1.35
C LEU F 118 -45.44 -49.32 -1.11
N HIS F 119 -46.54 -50.05 -0.87
CA HIS F 119 -46.48 -51.51 -0.71
C HIS F 119 -46.21 -52.22 -2.00
N GLU F 120 -46.70 -51.65 -3.11
CA GLU F 120 -46.45 -52.17 -4.45
C GLU F 120 -44.97 -52.14 -4.79
N VAL F 121 -44.31 -51.03 -4.46
CA VAL F 121 -42.89 -50.88 -4.67
C VAL F 121 -42.15 -51.89 -3.80
N GLY F 122 -42.48 -51.90 -2.51
CA GLY F 122 -41.93 -52.87 -1.55
C GLY F 122 -42.52 -54.26 -1.71
N GLY F 123 -42.21 -54.90 -2.82
CA GLY F 123 -42.74 -56.23 -3.11
C GLY F 123 -42.54 -56.66 -4.55
N THR F 124 -43.00 -55.83 -5.49
CA THR F 124 -42.89 -56.13 -6.92
C THR F 124 -41.51 -55.72 -7.44
N HIS F 125 -41.20 -54.44 -7.28
CA HIS F 125 -39.88 -53.89 -7.62
C HIS F 125 -39.26 -53.11 -6.47
N PRO F 126 -38.51 -53.81 -5.59
CA PRO F 126 -37.94 -53.15 -4.42
C PRO F 126 -36.78 -52.21 -4.75
N GLU F 127 -36.25 -52.29 -5.97
CA GLU F 127 -35.15 -51.42 -6.42
C GLU F 127 -35.55 -49.94 -6.52
N LEU F 128 -36.86 -49.68 -6.55
CA LEU F 128 -37.40 -48.32 -6.60
C LEU F 128 -37.69 -47.73 -5.23
N LEU F 129 -37.42 -48.50 -4.18
CA LEU F 129 -37.63 -48.08 -2.80
C LEU F 129 -36.72 -46.93 -2.41
N VAL F 130 -35.52 -46.90 -3.01
CA VAL F 130 -34.56 -45.81 -2.79
C VAL F 130 -35.15 -44.45 -3.20
N ALA F 131 -36.03 -44.49 -4.19
CA ALA F 131 -36.68 -43.28 -4.69
C ALA F 131 -37.59 -42.63 -3.66
N HIS F 132 -38.13 -43.42 -2.74
CA HIS F 132 -38.98 -42.94 -1.65
C HIS F 132 -38.22 -42.57 -0.42
N ALA F 133 -37.14 -43.32 -0.14
CA ALA F 133 -36.26 -43.02 0.97
C ALA F 133 -35.58 -41.66 0.76
N TYR F 134 -35.13 -41.42 -0.46
CA TYR F 134 -34.48 -40.16 -0.82
C TYR F 134 -35.40 -38.94 -0.68
N THR F 135 -36.68 -39.12 -1.08
CA THR F 135 -37.68 -38.05 -1.13
C THR F 135 -38.16 -37.59 0.26
N ARG F 136 -38.67 -38.54 1.06
CA ARG F 136 -39.28 -38.21 2.34
C ARG F 136 -38.28 -38.05 3.49
N TYR F 137 -37.35 -39.00 3.60
CA TYR F 137 -36.34 -38.96 4.66
C TYR F 137 -35.48 -37.70 4.58
N LEU F 138 -35.22 -37.23 3.37
CA LEU F 138 -34.46 -36.00 3.12
C LEU F 138 -35.35 -34.75 3.12
N GLY F 139 -36.67 -34.96 3.03
CA GLY F 139 -37.63 -33.86 3.16
C GLY F 139 -37.88 -33.48 4.60
N ASP F 140 -37.77 -34.47 5.51
CA ASP F 140 -37.96 -34.27 6.94
C ASP F 140 -36.67 -33.82 7.63
N LEU F 141 -35.59 -34.54 7.37
CA LEU F 141 -34.29 -34.26 7.98
C LEU F 141 -33.62 -33.03 7.37
N SER F 142 -34.00 -32.70 6.14
CA SER F 142 -33.44 -31.55 5.42
C SER F 142 -34.53 -30.70 4.76
N GLY F 143 -34.28 -29.41 4.63
CA GLY F 143 -35.24 -28.47 4.07
C GLY F 143 -36.45 -28.26 4.96
N GLY F 144 -36.26 -28.45 6.26
CA GLY F 144 -37.32 -28.27 7.25
C GLY F 144 -37.04 -28.91 8.60
N GLN F 145 -36.02 -28.41 9.29
CA GLN F 145 -35.63 -28.87 10.63
C GLN F 145 -35.72 -27.78 11.71
N VAL F 146 -35.87 -26.53 11.27
CA VAL F 146 -36.14 -25.41 12.18
C VAL F 146 -37.61 -25.43 12.61
N LEU F 147 -38.38 -26.30 11.97
CA LEU F 147 -39.82 -26.45 12.25
C LEU F 147 -40.08 -27.09 13.61
N LYS F 148 -39.09 -27.85 14.11
CA LYS F 148 -39.17 -28.46 15.43
C LYS F 148 -39.37 -27.41 16.51
N LYS F 149 -38.89 -26.20 16.25
CA LYS F 149 -38.99 -25.05 17.15
C LYS F 149 -40.11 -24.07 16.76
N ILE F 150 -40.31 -23.89 15.45
CA ILE F 150 -41.30 -22.97 14.91
C ILE F 150 -42.73 -23.44 15.12
N ALA F 151 -42.96 -24.73 14.85
CA ALA F 151 -44.26 -25.36 15.02
C ALA F 151 -44.56 -25.61 16.50
N GLN F 152 -43.51 -25.68 17.30
CA GLN F 152 -43.62 -25.95 18.73
C GLN F 152 -44.11 -24.76 19.52
N LYS F 153 -43.59 -23.58 19.19
CA LYS F 153 -43.94 -22.35 19.89
C LYS F 153 -45.32 -21.86 19.47
N ALA F 154 -45.67 -22.13 18.23
CA ALA F 154 -46.94 -21.68 17.65
C ALA F 154 -48.14 -22.42 18.25
N MET F 155 -47.92 -23.65 18.68
CA MET F 155 -49.00 -24.54 19.11
C MET F 155 -49.04 -24.82 20.62
N ALA F 156 -48.05 -24.30 21.35
CA ALA F 156 -47.99 -24.42 22.82
C ALA F 156 -47.75 -25.85 23.31
N LEU F 157 -46.48 -26.26 23.28
CA LEU F 157 -46.05 -27.60 23.71
C LEU F 157 -44.90 -27.54 24.73
N PRO F 158 -44.81 -28.55 25.64
CA PRO F 158 -43.86 -28.51 26.75
C PRO F 158 -42.40 -28.60 26.30
N SER F 159 -41.50 -28.04 27.10
CA SER F 159 -40.07 -28.00 26.78
C SER F 159 -39.36 -29.32 27.10
N SER F 160 -39.70 -30.34 26.30
CA SER F 160 -39.17 -31.70 26.47
C SER F 160 -39.01 -32.43 25.14
N GLY F 161 -39.76 -32.00 24.13
CA GLY F 161 -39.71 -32.61 22.81
C GLY F 161 -40.94 -33.45 22.52
N GLU F 162 -41.88 -33.45 23.47
CA GLU F 162 -43.13 -34.19 23.32
C GLU F 162 -44.05 -33.50 22.32
N GLY F 163 -44.50 -34.27 21.32
CA GLY F 163 -45.32 -33.75 20.24
C GLY F 163 -44.54 -33.55 18.94
N LEU F 164 -43.29 -33.14 19.07
CA LEU F 164 -42.41 -32.86 17.94
C LEU F 164 -41.19 -33.79 17.97
N ALA F 165 -41.43 -35.01 18.42
CA ALA F 165 -40.38 -36.03 18.49
C ALA F 165 -39.98 -36.51 17.10
N PHE F 166 -40.87 -36.35 16.11
CA PHE F 166 -40.59 -36.70 14.71
C PHE F 166 -39.39 -35.94 14.14
N PHE F 167 -39.26 -34.67 14.50
CA PHE F 167 -38.19 -33.81 14.01
C PHE F 167 -36.90 -33.97 14.82
N THR F 168 -37.01 -34.57 15.99
CA THR F 168 -35.84 -34.81 16.84
C THR F 168 -35.13 -36.09 16.41
N PHE F 169 -33.85 -35.99 16.11
CA PHE F 169 -33.05 -37.15 15.71
C PHE F 169 -31.97 -37.48 16.75
N PRO F 170 -32.28 -38.40 17.68
CA PRO F 170 -31.43 -38.69 18.83
C PRO F 170 -30.33 -39.71 18.55
N SER F 171 -30.10 -39.99 17.26
CA SER F 171 -29.06 -40.92 16.82
C SER F 171 -28.07 -40.23 15.87
N ILE F 172 -28.62 -39.48 14.90
CA ILE F 172 -27.80 -38.63 14.04
C ILE F 172 -27.35 -37.42 14.87
N ASP F 173 -26.15 -37.54 15.42
CA ASP F 173 -25.60 -36.51 16.31
C ASP F 173 -25.27 -35.24 15.54
N ASN F 174 -24.79 -35.41 14.31
CA ASN F 174 -24.42 -34.30 13.44
C ASN F 174 -25.20 -34.37 12.13
N PRO F 175 -26.39 -33.73 12.08
CA PRO F 175 -27.24 -33.79 10.88
C PRO F 175 -26.61 -33.14 9.65
N THR F 176 -25.71 -32.19 9.86
CA THR F 176 -25.03 -31.48 8.76
C THR F 176 -24.09 -32.41 7.99
N LYS F 177 -23.27 -33.16 8.72
CA LYS F 177 -22.36 -34.12 8.12
C LYS F 177 -23.11 -35.32 7.58
N PHE F 178 -24.25 -35.64 8.21
CA PHE F 178 -25.06 -36.79 7.82
C PHE F 178 -25.70 -36.64 6.45
N LYS F 179 -25.97 -35.40 6.04
CA LYS F 179 -26.53 -35.10 4.71
C LYS F 179 -25.58 -35.55 3.59
N GLN F 180 -24.29 -35.34 3.81
CA GLN F 180 -23.26 -35.80 2.87
C GLN F 180 -23.00 -37.30 3.02
N LEU F 181 -23.04 -37.78 4.26
CA LEU F 181 -22.81 -39.18 4.60
C LEU F 181 -23.89 -40.10 4.05
N TYR F 182 -25.14 -39.68 4.19
CA TYR F 182 -26.28 -40.41 3.64
C TYR F 182 -26.24 -40.41 2.12
N ARG F 183 -25.83 -39.28 1.53
CA ARG F 183 -25.63 -39.17 0.09
C ARG F 183 -24.53 -40.12 -0.40
N ALA F 184 -23.51 -40.28 0.44
CA ALA F 184 -22.39 -41.20 0.20
C ALA F 184 -22.85 -42.66 0.14
N ARG F 185 -23.82 -43.01 0.99
CA ARG F 185 -24.47 -44.32 0.96
C ARG F 185 -25.24 -44.53 -0.34
N MET F 186 -25.80 -43.42 -0.85
CA MET F 186 -26.53 -43.39 -2.11
C MET F 186 -25.61 -43.03 -3.29
N ASN F 187 -24.48 -43.74 -3.37
CA ASN F 187 -23.48 -43.59 -4.43
C ASN F 187 -22.76 -44.90 -4.72
N THR F 188 -22.39 -45.61 -3.66
CA THR F 188 -21.76 -46.92 -3.75
C THR F 188 -22.78 -47.97 -4.16
N LEU F 189 -24.06 -47.67 -3.92
CA LEU F 189 -25.15 -48.55 -4.34
C LEU F 189 -25.17 -48.64 -5.86
N GLU F 190 -24.54 -49.69 -6.38
CA GLU F 190 -24.35 -49.86 -7.82
C GLU F 190 -25.61 -50.36 -8.52
N MET F 191 -25.95 -49.69 -9.62
CA MET F 191 -27.08 -50.09 -10.46
C MET F 191 -26.97 -49.57 -11.89
N THR F 192 -27.73 -50.19 -12.78
CA THR F 192 -27.66 -49.90 -14.22
C THR F 192 -28.38 -48.59 -14.56
N PRO F 193 -27.94 -47.90 -15.62
CA PRO F 193 -28.58 -46.66 -16.08
C PRO F 193 -30.07 -46.83 -16.39
N GLU F 194 -30.48 -48.06 -16.71
CA GLU F 194 -31.89 -48.38 -16.93
C GLU F 194 -32.68 -48.27 -15.64
N VAL F 195 -32.14 -48.85 -14.57
CA VAL F 195 -32.74 -48.80 -13.24
C VAL F 195 -32.66 -47.39 -12.67
N LYS F 196 -31.57 -46.70 -12.96
CA LYS F 196 -31.35 -45.31 -12.54
C LYS F 196 -32.46 -44.39 -13.05
N HIS F 197 -32.84 -44.60 -14.31
CA HIS F 197 -33.93 -43.85 -14.93
C HIS F 197 -35.25 -44.18 -14.30
N ARG F 198 -35.45 -45.45 -13.98
CA ARG F 198 -36.69 -45.90 -13.35
C ARG F 198 -36.83 -45.36 -11.93
N VAL F 199 -35.69 -45.12 -11.27
CA VAL F 199 -35.67 -44.53 -9.93
C VAL F 199 -36.10 -43.07 -9.96
N THR F 200 -35.51 -42.32 -10.90
CA THR F 200 -35.86 -40.91 -11.10
C THR F 200 -37.29 -40.74 -11.61
N GLU F 201 -37.79 -41.76 -12.31
CA GLU F 201 -39.18 -41.82 -12.75
C GLU F 201 -40.13 -42.04 -11.57
N GLU F 202 -39.71 -42.91 -10.65
CA GLU F 202 -40.49 -43.20 -9.44
C GLU F 202 -40.44 -42.03 -8.46
N ALA F 203 -39.34 -41.29 -8.47
CA ALA F 203 -39.19 -40.10 -7.64
C ALA F 203 -40.25 -39.07 -8.00
N LYS F 204 -40.56 -38.98 -9.29
CA LYS F 204 -41.61 -38.10 -9.81
C LYS F 204 -42.98 -38.57 -9.33
N THR F 205 -43.18 -39.89 -9.33
CA THR F 205 -44.42 -40.51 -8.86
C THR F 205 -44.61 -40.25 -7.37
N ALA F 206 -43.52 -40.31 -6.62
CA ALA F 206 -43.54 -40.04 -5.18
C ALA F 206 -43.92 -38.59 -4.90
N PHE F 207 -43.36 -37.67 -5.69
CA PHE F 207 -43.58 -36.23 -5.55
C PHE F 207 -44.93 -35.77 -6.11
N LEU F 208 -45.54 -36.59 -6.96
CA LEU F 208 -46.88 -36.32 -7.48
C LEU F 208 -47.92 -36.43 -6.37
N LEU F 209 -47.86 -37.52 -5.62
CA LEU F 209 -48.84 -37.79 -4.57
C LEU F 209 -48.57 -37.02 -3.27
N ASN F 210 -47.30 -36.90 -2.88
CA ASN F 210 -46.87 -36.20 -1.67
C ASN F 210 -47.10 -34.70 -1.75
N ILE F 211 -46.94 -34.14 -2.95
CA ILE F 211 -47.27 -32.74 -3.21
C ILE F 211 -48.77 -32.49 -2.98
N GLU F 212 -49.59 -33.43 -3.45
CA GLU F 212 -51.05 -33.38 -3.38
C GLU F 212 -51.61 -33.44 -1.96
N LEU F 213 -50.91 -34.17 -1.10
CA LEU F 213 -51.23 -34.23 0.32
C LEU F 213 -50.30 -33.32 1.12
N ASP G 12 -53.97 -38.27 35.97
CA ASP G 12 -55.24 -37.55 36.30
C ASP G 12 -55.11 -36.06 36.02
N LEU G 13 -56.19 -35.47 35.50
CA LEU G 13 -56.23 -34.04 35.14
C LEU G 13 -56.62 -33.13 36.30
N SER G 14 -56.93 -33.74 37.45
CA SER G 14 -57.33 -33.01 38.66
C SER G 14 -56.15 -32.82 39.63
N GLU G 15 -55.43 -33.91 39.89
CA GLU G 15 -54.28 -33.90 40.80
C GLU G 15 -53.09 -33.18 40.18
N ALA G 16 -52.97 -33.29 38.86
CA ALA G 16 -51.92 -32.61 38.11
C ALA G 16 -52.21 -31.11 38.01
N LEU G 17 -53.49 -30.78 37.84
CA LEU G 17 -53.96 -29.40 37.75
C LEU G 17 -53.83 -28.68 39.09
N LYS G 18 -54.07 -29.43 40.17
CA LYS G 18 -53.95 -28.90 41.52
C LYS G 18 -52.51 -28.52 41.83
N GLU G 19 -51.59 -29.39 41.42
CA GLU G 19 -50.16 -29.19 41.63
C GLU G 19 -49.62 -28.04 40.77
N ALA G 20 -50.17 -27.91 39.56
CA ALA G 20 -49.78 -26.87 38.61
C ALA G 20 -50.20 -25.48 39.06
N THR G 21 -51.41 -25.38 39.62
CA THR G 21 -51.94 -24.11 40.11
C THR G 21 -51.26 -23.67 41.41
N LYS G 22 -50.59 -24.61 42.06
CA LYS G 22 -49.85 -24.32 43.30
C LYS G 22 -48.81 -23.23 43.05
N GLU G 23 -48.29 -23.17 41.83
CA GLU G 23 -47.34 -22.16 41.40
C GLU G 23 -47.84 -20.74 41.60
N VAL G 24 -49.12 -20.53 41.27
CA VAL G 24 -49.76 -19.21 41.35
C VAL G 24 -50.65 -19.06 42.60
N HIS G 25 -51.19 -20.18 43.08
CA HIS G 25 -52.08 -20.20 44.24
C HIS G 25 -51.37 -19.89 45.52
N ILE G 26 -50.13 -20.38 45.65
CA ILE G 26 -49.29 -20.11 46.81
C ILE G 26 -48.96 -18.62 46.92
N ARG G 27 -48.74 -17.98 45.78
CA ARG G 27 -48.50 -16.56 45.73
C ARG G 27 -49.81 -15.77 45.94
N ALA G 28 -50.89 -16.29 45.36
CA ALA G 28 -52.21 -15.65 45.33
C ALA G 28 -52.86 -15.46 46.71
N GLU G 29 -52.96 -16.56 47.44
CA GLU G 29 -53.64 -16.61 48.73
C GLU G 29 -52.77 -16.08 49.85
N ASN G 30 -51.54 -15.70 49.49
CA ASN G 30 -50.55 -15.16 50.44
C ASN G 30 -50.02 -13.80 49.96
N SER G 31 -50.86 -13.07 49.23
CA SER G 31 -50.53 -11.75 48.66
C SER G 31 -51.02 -10.59 49.53
N GLU G 32 -51.68 -9.61 48.90
CA GLU G 32 -52.17 -8.43 49.61
C GLU G 32 -53.68 -8.27 49.47
N PHE G 33 -54.15 -8.04 48.25
CA PHE G 33 -55.57 -7.82 48.02
C PHE G 33 -56.41 -9.05 48.36
N MET G 34 -55.78 -10.23 48.27
CA MET G 34 -56.44 -11.52 48.51
C MET G 34 -56.57 -11.85 50.01
N ARG G 35 -55.48 -11.63 50.76
CA ARG G 35 -55.46 -11.91 52.21
C ARG G 35 -56.17 -10.84 53.06
N ASN G 36 -56.72 -9.80 52.41
CA ASN G 36 -57.52 -8.79 53.09
C ASN G 36 -58.83 -9.38 53.63
N PHE G 37 -59.39 -10.33 52.87
CA PHE G 37 -60.63 -10.98 53.28
C PHE G 37 -60.34 -12.07 54.32
N GLN G 38 -59.22 -12.77 54.12
CA GLN G 38 -58.82 -13.91 54.97
C GLN G 38 -58.44 -13.49 56.38
N LYS G 39 -57.63 -12.45 56.50
CA LYS G 39 -57.09 -11.98 57.77
C LYS G 39 -58.09 -11.16 58.59
N GLY G 40 -58.82 -10.27 57.91
CA GLY G 40 -59.85 -9.45 58.54
C GLY G 40 -59.66 -7.95 58.41
N GLN G 41 -59.40 -7.49 57.18
CA GLN G 41 -59.16 -6.07 56.92
C GLN G 41 -59.42 -5.65 55.47
N VAL G 42 -60.69 -5.42 55.15
CA VAL G 42 -61.10 -4.98 53.81
C VAL G 42 -62.16 -3.86 53.82
N SER G 43 -61.89 -2.80 53.04
CA SER G 43 -62.79 -1.63 53.01
C SER G 43 -64.07 -1.86 52.21
N ARG G 44 -65.07 -1.03 52.49
CA ARG G 44 -66.38 -1.13 51.85
C ARG G 44 -66.31 -0.75 50.38
N GLU G 45 -65.54 0.29 50.08
CA GLU G 45 -65.35 0.80 48.72
C GLU G 45 -64.63 -0.22 47.83
N GLY G 46 -63.63 -0.88 48.40
CA GLY G 46 -62.84 -1.87 47.68
C GLY G 46 -63.61 -3.15 47.42
N PHE G 47 -64.46 -3.52 48.37
CA PHE G 47 -65.27 -4.73 48.30
C PHE G 47 -66.35 -4.63 47.23
N LYS G 48 -66.94 -3.45 47.11
CA LYS G 48 -67.94 -3.16 46.08
C LYS G 48 -67.33 -3.24 44.68
N LEU G 49 -66.11 -2.74 44.55
CA LEU G 49 -65.42 -2.71 43.27
C LEU G 49 -65.01 -4.11 42.82
N VAL G 50 -64.60 -4.94 43.78
CA VAL G 50 -64.18 -6.31 43.53
C VAL G 50 -65.33 -7.17 43.04
N MET G 51 -66.48 -7.05 43.70
CA MET G 51 -67.67 -7.81 43.35
C MET G 51 -68.21 -7.42 41.98
N ALA G 52 -68.08 -6.14 41.64
CA ALA G 52 -68.47 -5.61 40.33
C ALA G 52 -67.62 -6.24 39.23
N SER G 53 -66.33 -6.37 39.50
CA SER G 53 -65.40 -7.00 38.57
C SER G 53 -65.69 -8.50 38.45
N LEU G 54 -66.04 -9.12 39.58
CA LEU G 54 -66.37 -10.55 39.64
C LEU G 54 -67.67 -10.87 38.90
N TYR G 55 -68.58 -9.88 38.85
CA TYR G 55 -69.83 -10.01 38.11
C TYR G 55 -69.58 -10.29 36.63
N HIS G 56 -68.76 -9.44 36.02
CA HIS G 56 -68.47 -9.54 34.58
C HIS G 56 -67.76 -10.80 34.21
N ILE G 57 -66.92 -11.29 35.13
CA ILE G 57 -66.20 -12.56 34.94
C ILE G 57 -67.14 -13.76 34.94
N TYR G 58 -67.99 -13.84 35.96
CA TYR G 58 -68.97 -14.93 36.07
C TYR G 58 -70.07 -14.87 35.02
N THR G 59 -70.45 -13.64 34.63
CA THR G 59 -71.40 -13.40 33.53
C THR G 59 -70.91 -14.06 32.24
N ALA G 60 -69.66 -13.76 31.88
CA ALA G 60 -69.03 -14.29 30.68
C ALA G 60 -68.81 -15.80 30.77
N LEU G 61 -68.29 -16.24 31.92
CA LEU G 61 -67.99 -17.67 32.14
C LEU G 61 -69.23 -18.54 31.95
N GLU G 62 -70.32 -18.19 32.63
CA GLU G 62 -71.59 -18.90 32.55
C GLU G 62 -72.27 -18.74 31.19
N GLU G 63 -71.99 -17.63 30.51
CA GLU G 63 -72.51 -17.35 29.18
C GLU G 63 -71.96 -18.32 28.15
N GLU G 64 -70.67 -18.66 28.30
CA GLU G 64 -69.96 -19.57 27.40
C GLU G 64 -70.30 -21.03 27.70
N ILE G 65 -70.70 -21.28 28.94
CA ILE G 65 -71.20 -22.59 29.34
C ILE G 65 -72.54 -22.85 28.65
N GLU G 66 -73.39 -21.81 28.61
CA GLU G 66 -74.66 -21.85 27.89
C GLU G 66 -74.48 -21.95 26.38
N ARG G 67 -73.41 -21.33 25.88
CA ARG G 67 -73.05 -21.37 24.47
C ARG G 67 -72.54 -22.75 24.08
N ASN G 68 -71.62 -23.27 24.89
CA ASN G 68 -71.03 -24.58 24.69
C ASN G 68 -71.56 -25.59 25.74
N LYS G 69 -72.86 -25.81 25.70
CA LYS G 69 -73.54 -26.71 26.64
C LYS G 69 -73.55 -28.15 26.17
N GLN G 70 -74.10 -28.38 24.97
CA GLN G 70 -74.21 -29.72 24.40
C GLN G 70 -72.98 -30.07 23.56
N ASN G 71 -71.83 -30.21 24.24
CA ASN G 71 -70.56 -30.61 23.61
C ASN G 71 -69.83 -31.68 24.44
N PRO G 72 -69.77 -32.93 23.91
CA PRO G 72 -69.16 -34.07 24.62
C PRO G 72 -67.70 -33.85 25.04
N VAL G 73 -67.02 -32.90 24.38
CA VAL G 73 -65.66 -32.53 24.73
C VAL G 73 -65.54 -32.07 26.19
N TYR G 74 -66.57 -31.35 26.65
CA TYR G 74 -66.59 -30.80 28.01
C TYR G 74 -67.98 -30.89 28.66
N ALA G 75 -68.85 -31.73 28.09
CA ALA G 75 -70.25 -31.89 28.53
C ALA G 75 -70.43 -32.37 29.97
N PRO G 76 -69.71 -33.44 30.38
CA PRO G 76 -69.80 -33.87 31.78
C PRO G 76 -69.16 -32.85 32.73
N LEU G 77 -69.84 -31.72 32.93
CA LEU G 77 -69.35 -30.64 33.79
C LEU G 77 -70.38 -29.51 33.94
N TYR G 78 -71.66 -29.85 33.74
CA TYR G 78 -72.77 -28.89 33.82
C TYR G 78 -73.47 -28.94 35.19
N PHE G 79 -73.29 -27.90 35.99
CA PHE G 79 -73.85 -27.82 37.34
C PHE G 79 -74.77 -26.60 37.52
N PRO G 80 -76.05 -26.73 37.15
CA PRO G 80 -77.01 -25.61 37.18
C PRO G 80 -77.47 -25.21 38.59
N GLU G 81 -77.59 -26.19 39.49
CA GLU G 81 -78.08 -25.97 40.85
C GLU G 81 -76.98 -25.75 41.91
N GLU G 82 -75.71 -25.96 41.52
CA GLU G 82 -74.56 -25.85 42.43
C GLU G 82 -73.70 -24.62 42.15
N LEU G 83 -73.29 -24.47 40.89
CA LEU G 83 -72.48 -23.35 40.45
C LEU G 83 -73.38 -22.23 39.92
N HIS G 84 -72.95 -21.58 38.84
CA HIS G 84 -73.69 -20.48 38.21
C HIS G 84 -74.00 -19.36 39.17
N ARG G 85 -73.02 -18.49 39.36
CA ARG G 85 -73.12 -17.44 40.35
C ARG G 85 -73.95 -16.25 39.92
N ARG G 86 -74.06 -16.06 38.60
CA ARG G 86 -74.76 -14.93 38.00
C ARG G 86 -76.16 -14.77 38.59
N ALA G 87 -76.79 -15.90 38.85
CA ALA G 87 -78.12 -15.95 39.46
C ALA G 87 -78.13 -15.34 40.86
N ALA G 88 -77.12 -15.67 41.65
CA ALA G 88 -77.00 -15.25 43.05
C ALA G 88 -76.11 -14.02 43.24
N LEU G 89 -75.53 -13.56 42.13
CA LEU G 89 -74.63 -12.40 42.08
C LEU G 89 -75.38 -11.16 41.63
N GLU G 90 -76.34 -11.34 40.73
CA GLU G 90 -77.20 -10.24 40.31
C GLU G 90 -77.92 -9.64 41.52
N GLN G 91 -78.15 -10.46 42.55
CA GLN G 91 -78.82 -10.05 43.79
C GLN G 91 -77.92 -9.12 44.61
N ASP G 92 -76.62 -9.41 44.61
CA ASP G 92 -75.64 -8.62 45.35
C ASP G 92 -75.40 -7.26 44.69
N MET G 93 -75.36 -7.23 43.36
CA MET G 93 -75.20 -5.99 42.61
C MET G 93 -76.35 -5.04 42.86
N ALA G 94 -77.55 -5.60 43.07
CA ALA G 94 -78.73 -4.82 43.42
C ALA G 94 -78.58 -4.19 44.81
N PHE G 95 -77.92 -4.92 45.70
CA PHE G 95 -77.69 -4.50 47.08
C PHE G 95 -76.65 -3.39 47.19
N TRP G 96 -75.52 -3.59 46.52
CA TRP G 96 -74.37 -2.69 46.61
C TRP G 96 -74.48 -1.47 45.74
N TYR G 97 -74.94 -1.67 44.50
CA TYR G 97 -74.98 -0.60 43.49
C TYR G 97 -76.39 -0.11 43.14
N GLY G 98 -77.38 -0.57 43.89
CA GLY G 98 -78.73 -0.03 43.80
C GLY G 98 -79.56 -0.61 42.66
N PRO G 99 -80.71 0.01 42.37
CA PRO G 99 -81.61 -0.49 41.33
C PRO G 99 -80.99 -0.38 39.94
N HIS G 100 -80.34 0.75 39.68
CA HIS G 100 -79.72 1.02 38.38
C HIS G 100 -78.26 0.64 38.40
N TRP G 101 -77.99 -0.59 38.82
CA TRP G 101 -76.62 -1.09 38.96
C TRP G 101 -75.96 -1.39 37.64
N GLN G 102 -76.77 -1.60 36.62
CA GLN G 102 -76.29 -1.86 35.25
C GLN G 102 -75.76 -0.59 34.57
N GLU G 103 -75.00 0.21 35.31
CA GLU G 103 -74.50 1.49 34.84
C GLU G 103 -73.36 2.03 35.71
N ALA G 104 -73.57 2.00 37.03
CA ALA G 104 -72.57 2.46 38.01
C ALA G 104 -71.42 1.46 38.14
N ILE G 105 -71.77 0.18 38.19
CA ILE G 105 -70.81 -0.91 38.33
C ILE G 105 -69.99 -1.05 37.05
N PRO G 106 -68.70 -0.68 37.11
CA PRO G 106 -67.89 -0.62 35.89
C PRO G 106 -67.06 -1.88 35.62
N TYR G 107 -66.50 -1.95 34.42
CA TYR G 107 -65.55 -2.99 34.04
C TYR G 107 -64.15 -2.40 33.92
N THR G 108 -63.29 -2.73 34.88
CA THR G 108 -61.89 -2.29 34.91
C THR G 108 -61.09 -2.91 33.76
N PRO G 109 -59.96 -2.28 33.36
CA PRO G 109 -59.09 -2.80 32.31
C PRO G 109 -58.71 -4.26 32.49
N ALA G 110 -58.44 -4.66 33.74
CA ALA G 110 -58.10 -6.04 34.06
C ALA G 110 -59.28 -6.98 33.83
N THR G 111 -60.49 -6.49 34.08
CA THR G 111 -61.73 -7.23 33.82
C THR G 111 -61.96 -7.40 32.32
N GLN G 112 -61.69 -6.33 31.57
CA GLN G 112 -61.78 -6.36 30.11
C GLN G 112 -60.78 -7.36 29.53
N HIS G 113 -59.60 -7.40 30.13
CA HIS G 113 -58.55 -8.32 29.73
C HIS G 113 -58.93 -9.74 30.02
N TYR G 114 -59.63 -9.94 31.14
CA TYR G 114 -60.15 -11.24 31.57
C TYR G 114 -61.22 -11.72 30.59
N VAL G 115 -62.18 -10.84 30.29
CA VAL G 115 -63.26 -11.15 29.35
C VAL G 115 -62.73 -11.41 27.96
N LYS G 116 -61.72 -10.64 27.55
CA LYS G 116 -61.09 -10.79 26.23
C LYS G 116 -60.54 -12.19 26.01
N ARG G 117 -59.90 -12.74 27.05
CA ARG G 117 -59.36 -14.10 27.00
C ARG G 117 -60.45 -15.16 27.09
N LEU G 118 -61.52 -14.85 27.83
CA LEU G 118 -62.63 -15.77 28.11
C LEU G 118 -63.76 -15.75 27.06
N HIS G 119 -63.99 -14.59 26.45
CA HIS G 119 -65.04 -14.47 25.44
C HIS G 119 -64.73 -15.27 24.20
N GLU G 120 -63.45 -15.65 24.04
CA GLU G 120 -62.95 -16.45 22.91
C GLU G 120 -63.20 -17.96 23.03
N VAL G 121 -63.31 -18.45 24.27
CA VAL G 121 -63.39 -19.89 24.56
C VAL G 121 -64.51 -20.61 23.81
N GLY G 122 -65.73 -20.10 23.92
CA GLY G 122 -66.90 -20.72 23.31
C GLY G 122 -66.83 -20.82 21.79
N GLY G 123 -66.18 -19.82 21.18
CA GLY G 123 -66.08 -19.76 19.73
C GLY G 123 -64.95 -20.57 19.12
N THR G 124 -63.88 -20.77 19.89
CA THR G 124 -62.66 -21.41 19.38
C THR G 124 -62.13 -22.60 20.21
N HIS G 125 -62.09 -22.46 21.53
CA HIS G 125 -61.49 -23.49 22.42
C HIS G 125 -62.35 -23.89 23.61
N PRO G 126 -63.50 -24.55 23.37
CA PRO G 126 -64.41 -24.91 24.46
C PRO G 126 -63.88 -25.97 25.42
N GLU G 127 -62.93 -26.79 24.95
CA GLU G 127 -62.34 -27.86 25.75
C GLU G 127 -61.46 -27.34 26.90
N LEU G 128 -61.05 -26.08 26.78
CA LEU G 128 -60.21 -25.43 27.79
C LEU G 128 -61.04 -24.63 28.81
N LEU G 129 -62.35 -24.64 28.63
CA LEU G 129 -63.27 -23.89 29.50
C LEU G 129 -63.29 -24.42 30.92
N VAL G 130 -63.11 -25.73 31.06
CA VAL G 130 -63.08 -26.40 32.36
C VAL G 130 -61.96 -25.85 33.25
N ALA G 131 -60.88 -25.39 32.63
CA ALA G 131 -59.75 -24.82 33.34
C ALA G 131 -60.12 -23.55 34.11
N HIS G 132 -60.97 -22.72 33.49
CA HIS G 132 -61.39 -21.44 34.08
C HIS G 132 -62.42 -21.63 35.15
N ALA G 133 -63.33 -22.58 34.91
CA ALA G 133 -64.36 -22.93 35.88
C ALA G 133 -63.72 -23.48 37.16
N TYR G 134 -62.71 -24.34 36.99
CA TYR G 134 -61.99 -24.99 38.10
C TYR G 134 -61.44 -24.00 39.12
N THR G 135 -60.72 -22.99 38.63
CA THR G 135 -60.06 -22.05 39.55
C THR G 135 -61.08 -21.16 40.23
N ARG G 136 -62.15 -20.82 39.52
CA ARG G 136 -63.16 -19.88 40.00
C ARG G 136 -64.01 -20.44 41.15
N TYR G 137 -64.30 -21.73 41.08
CA TYR G 137 -65.08 -22.42 42.11
C TYR G 137 -64.22 -23.09 43.18
N LEU G 138 -62.90 -23.01 43.05
CA LEU G 138 -61.95 -23.61 44.00
C LEU G 138 -61.84 -22.79 45.30
N GLY G 139 -61.53 -21.51 45.15
CA GLY G 139 -61.41 -20.62 46.29
C GLY G 139 -62.77 -20.23 46.85
N ASP G 140 -63.78 -20.34 46.01
CA ASP G 140 -65.16 -19.93 46.33
C ASP G 140 -65.83 -20.89 47.30
N LEU G 141 -65.46 -22.18 47.20
CA LEU G 141 -65.93 -23.20 48.12
C LEU G 141 -64.90 -23.45 49.23
N SER G 142 -63.67 -23.75 48.82
CA SER G 142 -62.57 -23.97 49.76
C SER G 142 -62.02 -22.63 50.24
N GLY G 143 -62.33 -22.29 51.49
CA GLY G 143 -61.90 -21.03 52.10
C GLY G 143 -62.89 -19.88 51.91
N GLY G 144 -63.93 -20.13 51.13
CA GLY G 144 -64.93 -19.12 50.80
C GLY G 144 -66.15 -19.14 51.70
N GLN G 145 -66.04 -19.86 52.83
CA GLN G 145 -67.10 -19.96 53.83
C GLN G 145 -66.69 -19.34 55.17
N VAL G 146 -65.39 -19.40 55.47
CA VAL G 146 -64.82 -18.76 56.67
C VAL G 146 -64.77 -17.25 56.45
N LEU G 147 -64.46 -16.85 55.22
CA LEU G 147 -64.37 -15.44 54.84
C LEU G 147 -65.73 -14.75 54.81
N LYS G 148 -66.79 -15.55 54.66
CA LYS G 148 -68.16 -15.06 54.67
C LYS G 148 -68.56 -14.57 56.07
N LYS G 149 -68.10 -15.28 57.09
CA LYS G 149 -68.34 -14.90 58.48
C LYS G 149 -67.50 -13.70 58.87
N ILE G 150 -66.27 -13.64 58.35
CA ILE G 150 -65.33 -12.55 58.62
C ILE G 150 -65.80 -11.25 57.98
N ALA G 151 -66.33 -11.34 56.76
CA ALA G 151 -66.87 -10.19 56.05
C ALA G 151 -68.13 -9.66 56.73
N GLN G 152 -69.04 -10.58 57.07
CA GLN G 152 -70.30 -10.25 57.74
C GLN G 152 -70.07 -9.96 59.24
N LYS G 153 -69.34 -8.87 59.50
CA LYS G 153 -68.94 -8.48 60.85
C LYS G 153 -68.22 -7.14 60.78
N ALA G 154 -67.16 -7.09 59.99
CA ALA G 154 -66.39 -5.87 59.76
C ALA G 154 -67.21 -4.87 58.92
N MET G 155 -68.05 -5.39 58.05
CA MET G 155 -68.80 -4.57 57.09
C MET G 155 -70.19 -4.17 57.58
N ALA G 156 -70.75 -4.96 58.48
CA ALA G 156 -72.06 -4.70 59.09
C ALA G 156 -73.22 -4.74 58.09
N LEU G 157 -73.63 -5.96 57.75
CA LEU G 157 -74.74 -6.21 56.82
C LEU G 157 -75.93 -6.84 57.57
N PRO G 158 -77.11 -6.92 56.91
CA PRO G 158 -78.27 -7.63 57.50
C PRO G 158 -77.95 -9.08 57.88
N SER G 159 -78.58 -9.54 58.96
CA SER G 159 -78.32 -10.85 59.56
C SER G 159 -78.83 -12.01 58.71
N SER G 160 -79.76 -11.70 57.79
CA SER G 160 -80.30 -12.69 56.88
C SER G 160 -79.24 -13.20 55.90
N GLY G 161 -78.27 -12.34 55.60
CA GLY G 161 -77.22 -12.64 54.64
C GLY G 161 -77.42 -11.89 53.33
N GLU G 162 -78.06 -10.72 53.41
CA GLU G 162 -78.35 -9.88 52.26
C GLU G 162 -77.08 -9.20 51.76
N GLY G 163 -76.82 -9.31 50.46
CA GLY G 163 -75.62 -8.73 49.87
C GLY G 163 -74.44 -9.70 49.79
N LEU G 164 -74.60 -10.87 50.40
CA LEU G 164 -73.61 -11.94 50.35
C LEU G 164 -74.24 -13.24 49.86
N ALA G 165 -75.07 -13.13 48.83
CA ALA G 165 -75.68 -14.27 48.15
C ALA G 165 -74.68 -14.95 47.21
N PHE G 166 -73.50 -14.36 47.09
CA PHE G 166 -72.39 -14.94 46.32
C PHE G 166 -72.01 -16.31 46.86
N PHE G 167 -72.16 -16.50 48.18
CA PHE G 167 -71.87 -17.77 48.86
C PHE G 167 -73.14 -18.54 49.24
N THR G 168 -73.33 -19.72 48.65
CA THR G 168 -74.59 -20.48 48.80
C THR G 168 -74.46 -22.01 48.81
N PHE G 169 -75.29 -22.65 49.64
CA PHE G 169 -75.40 -24.11 49.69
C PHE G 169 -76.80 -24.59 49.27
N PRO G 170 -76.89 -25.34 48.15
CA PRO G 170 -78.19 -25.73 47.60
C PRO G 170 -78.77 -26.96 48.32
N SER G 171 -78.94 -28.06 47.58
CA SER G 171 -79.36 -29.33 48.16
C SER G 171 -78.18 -29.99 48.87
N ILE G 172 -76.99 -29.86 48.27
CA ILE G 172 -75.76 -30.40 48.83
C ILE G 172 -75.12 -29.41 49.79
N ASP G 173 -75.30 -29.67 51.09
CA ASP G 173 -74.73 -28.84 52.15
C ASP G 173 -73.50 -29.51 52.76
N ASN G 174 -72.59 -29.97 51.89
CA ASN G 174 -71.40 -30.67 52.33
C ASN G 174 -70.19 -30.50 51.40
N PRO G 175 -69.28 -29.58 51.75
CA PRO G 175 -68.02 -29.48 51.03
C PRO G 175 -67.17 -30.74 51.24
N THR G 176 -67.42 -31.44 52.35
CA THR G 176 -66.77 -32.72 52.66
C THR G 176 -66.98 -33.76 51.55
N LYS G 177 -68.21 -33.82 51.04
CA LYS G 177 -68.56 -34.72 49.94
C LYS G 177 -68.35 -34.05 48.58
N PHE G 178 -69.01 -32.91 48.37
CA PHE G 178 -68.93 -32.18 47.10
C PHE G 178 -67.60 -31.43 46.95
N LYS G 179 -66.57 -32.18 46.53
CA LYS G 179 -65.23 -31.65 46.27
C LYS G 179 -64.46 -32.64 45.39
N GLN G 180 -64.31 -33.87 45.87
CA GLN G 180 -63.75 -34.95 45.04
C GLN G 180 -64.79 -35.41 44.02
N LEU G 181 -66.07 -35.26 44.35
CA LEU G 181 -67.19 -35.65 43.48
C LEU G 181 -67.26 -34.80 42.22
N TYR G 182 -67.04 -33.50 42.38
CA TYR G 182 -66.97 -32.57 41.24
C TYR G 182 -65.69 -32.77 40.43
N ARG G 183 -64.63 -33.19 41.10
CA ARG G 183 -63.32 -33.49 40.50
C ARG G 183 -63.34 -34.80 39.69
N ALA G 184 -64.31 -35.65 40.00
CA ALA G 184 -64.51 -36.90 39.27
C ALA G 184 -64.86 -36.63 37.80
N ARG G 185 -65.49 -35.49 37.54
CA ARG G 185 -65.82 -35.04 36.17
C ARG G 185 -64.56 -34.73 35.38
N MET G 186 -63.57 -34.18 36.08
CA MET G 186 -62.26 -33.88 35.51
C MET G 186 -61.49 -35.16 35.21
N ASN G 187 -61.67 -36.17 36.07
CA ASN G 187 -61.04 -37.49 35.92
C ASN G 187 -61.57 -38.28 34.73
N THR G 188 -62.75 -37.90 34.26
CA THR G 188 -63.35 -38.51 33.07
C THR G 188 -62.54 -38.07 31.85
N LEU G 189 -62.61 -36.77 31.55
CA LEU G 189 -61.80 -36.14 30.51
C LEU G 189 -61.91 -36.81 29.14
N GLU G 190 -62.94 -36.45 28.39
CA GLU G 190 -63.17 -36.98 27.05
C GLU G 190 -62.15 -36.46 26.03
N MET G 191 -61.59 -35.28 26.32
CA MET G 191 -60.60 -34.64 25.46
C MET G 191 -59.27 -35.40 25.41
N THR G 192 -58.53 -35.20 24.32
CA THR G 192 -57.25 -35.87 24.09
C THR G 192 -56.13 -35.30 24.99
N PRO G 193 -55.14 -36.13 25.35
CA PRO G 193 -54.01 -35.68 26.15
C PRO G 193 -53.26 -34.49 25.58
N GLU G 194 -53.40 -34.23 24.28
CA GLU G 194 -52.82 -33.03 23.66
C GLU G 194 -53.46 -31.75 24.23
N VAL G 195 -54.79 -31.76 24.34
CA VAL G 195 -55.54 -30.67 24.97
C VAL G 195 -55.29 -30.61 26.47
N LYS G 196 -55.22 -31.79 27.10
CA LYS G 196 -54.99 -31.90 28.53
C LYS G 196 -53.70 -31.19 28.94
N HIS G 197 -52.69 -31.26 28.07
CA HIS G 197 -51.41 -30.59 28.27
C HIS G 197 -51.57 -29.09 28.26
N ARG G 198 -52.45 -28.61 27.39
CA ARG G 198 -52.71 -27.17 27.22
C ARG G 198 -53.81 -26.64 28.16
N VAL G 199 -54.54 -27.57 28.80
CA VAL G 199 -55.55 -27.23 29.81
C VAL G 199 -54.87 -26.67 31.06
N THR G 200 -53.82 -27.36 31.51
CA THR G 200 -53.01 -26.94 32.67
C THR G 200 -52.30 -25.61 32.42
N GLU G 201 -51.97 -25.36 31.15
CA GLU G 201 -51.37 -24.09 30.75
C GLU G 201 -52.41 -22.97 30.77
N GLU G 202 -53.63 -23.29 30.34
CA GLU G 202 -54.75 -22.36 30.41
C GLU G 202 -55.23 -22.10 31.85
N ALA G 203 -55.11 -23.12 32.69
CA ALA G 203 -55.42 -23.00 34.12
C ALA G 203 -54.54 -21.95 34.78
N LYS G 204 -53.26 -21.92 34.38
CA LYS G 204 -52.30 -20.94 34.86
C LYS G 204 -52.66 -19.54 34.39
N THR G 205 -53.13 -19.43 33.14
CA THR G 205 -53.61 -18.18 32.56
C THR G 205 -54.83 -17.67 33.33
N ALA G 206 -55.72 -18.60 33.68
CA ALA G 206 -56.93 -18.32 34.44
C ALA G 206 -56.60 -17.75 35.82
N PHE G 207 -55.61 -18.37 36.47
CA PHE G 207 -55.12 -17.93 37.77
C PHE G 207 -54.41 -16.59 37.66
N LEU G 208 -53.51 -16.47 36.68
CA LEU G 208 -52.71 -15.27 36.46
C LEU G 208 -53.58 -14.05 36.20
N LEU G 209 -54.60 -14.21 35.35
CA LEU G 209 -55.56 -13.15 35.04
C LEU G 209 -56.31 -12.69 36.29
N ASN G 210 -56.58 -13.64 37.18
CA ASN G 210 -57.27 -13.37 38.44
C ASN G 210 -56.35 -12.69 39.44
N ILE G 211 -55.08 -13.13 39.50
CA ILE G 211 -54.12 -12.57 40.42
C ILE G 211 -53.77 -11.13 40.06
N GLU G 212 -53.53 -10.87 38.78
CA GLU G 212 -53.21 -9.53 38.30
C GLU G 212 -54.41 -8.58 38.42
N LEU G 213 -55.61 -9.15 38.47
CA LEU G 213 -56.83 -8.38 38.70
C LEU G 213 -56.85 -7.78 40.10
N PHE G 214 -56.47 -8.58 41.10
CA PHE G 214 -56.44 -8.17 42.51
C PHE G 214 -55.47 -7.01 42.74
N GLU G 215 -54.30 -7.10 42.12
CA GLU G 215 -53.28 -6.08 42.26
C GLU G 215 -53.64 -4.83 41.47
N GLU G 216 -54.34 -5.01 40.34
CA GLU G 216 -54.83 -3.90 39.51
C GLU G 216 -55.85 -3.06 40.29
N LEU G 217 -56.70 -3.77 41.03
CA LEU G 217 -57.64 -3.16 41.97
C LEU G 217 -56.90 -2.69 43.23
N GLN G 218 -56.15 -1.60 43.08
CA GLN G 218 -55.37 -1.00 44.16
C GLN G 218 -55.36 0.53 44.04
N ALA G 219 -55.36 1.03 42.80
CA ALA G 219 -55.25 2.46 42.52
C ALA G 219 -56.49 3.25 42.95
N LEU G 220 -57.66 2.68 42.68
CA LEU G 220 -58.93 3.34 42.99
C LEU G 220 -59.40 3.04 44.42
#